data_8BV7
# 
_entry.id   8BV7 
# 
_audit_conform.dict_name       mmcif_pdbx.dic 
_audit_conform.dict_version    5.397 
_audit_conform.dict_location   http://mmcif.pdb.org/dictionaries/ascii/mmcif_pdbx.dic 
# 
loop_
_database_2.database_id 
_database_2.database_code 
_database_2.pdbx_database_accession 
_database_2.pdbx_DOI 
PDB   8BV7         pdb_00008bv7 10.2210/pdb8bv7/pdb 
WWPDB D_1292127178 ?            ?                   
# 
loop_
_pdbx_audit_revision_history.ordinal 
_pdbx_audit_revision_history.data_content_type 
_pdbx_audit_revision_history.major_revision 
_pdbx_audit_revision_history.minor_revision 
_pdbx_audit_revision_history.revision_date 
1 'Structure model' 1 0 2023-12-13 
2 'Structure model' 1 1 2024-10-16 
# 
_pdbx_audit_revision_details.ordinal             1 
_pdbx_audit_revision_details.revision_ordinal    1 
_pdbx_audit_revision_details.data_content_type   'Structure model' 
_pdbx_audit_revision_details.provider            repository 
_pdbx_audit_revision_details.type                'Initial release' 
_pdbx_audit_revision_details.description         ? 
_pdbx_audit_revision_details.details             ? 
# 
_pdbx_audit_revision_group.ordinal             1 
_pdbx_audit_revision_group.revision_ordinal    2 
_pdbx_audit_revision_group.data_content_type   'Structure model' 
_pdbx_audit_revision_group.group               'Structure summary' 
# 
loop_
_pdbx_audit_revision_category.ordinal 
_pdbx_audit_revision_category.revision_ordinal 
_pdbx_audit_revision_category.data_content_type 
_pdbx_audit_revision_category.category 
1 2 'Structure model' pdbx_entry_details        
2 2 'Structure model' pdbx_modification_feature 
# 
_pdbx_audit_revision_item.ordinal             1 
_pdbx_audit_revision_item.revision_ordinal    2 
_pdbx_audit_revision_item.data_content_type   'Structure model' 
_pdbx_audit_revision_item.item                '_pdbx_entry_details.has_protein_modification' 
# 
_pdbx_database_status.status_code                     REL 
_pdbx_database_status.status_code_sf                  REL 
_pdbx_database_status.status_code_mr                  ? 
_pdbx_database_status.entry_id                        8BV7 
_pdbx_database_status.recvd_initial_deposition_date   2022-12-02 
_pdbx_database_status.SG_entry                        N 
_pdbx_database_status.deposit_site                    PDBE 
_pdbx_database_status.process_site                    PDBE 
_pdbx_database_status.status_code_cs                  ? 
_pdbx_database_status.status_code_nmr_data            ? 
_pdbx_database_status.methods_development_category    ? 
_pdbx_database_status.pdb_format_compatible           Y 
# 
_pdbx_contact_author.id                 2 
_pdbx_contact_author.email              m.kvansakul@latrobe.edu.au 
_pdbx_contact_author.name_first         Marc 
_pdbx_contact_author.name_last          Kvansakul 
_pdbx_contact_author.name_mi            ? 
_pdbx_contact_author.role               'principal investigator/group leader' 
_pdbx_contact_author.identifier_ORCID   0000-0003-2639-2498 
# 
loop_
_audit_author.name 
_audit_author.pdbx_ordinal 
_audit_author.identifier_ORCID 
'Maddumage, J.C.' 1 0000-0001-9802-5975 
'Kvansakul, M.'   2 0000-0003-2639-2498 
# 
_citation.abstract                  ? 
_citation.abstract_id_CAS           ? 
_citation.book_id_ISBN              ? 
_citation.book_publisher            ? 
_citation.book_publisher_city       ? 
_citation.book_title                ? 
_citation.coordinate_linkage        ? 
_citation.country                   ? 
_citation.database_id_Medline       ? 
_citation.details                   ? 
_citation.id                        primary 
_citation.journal_abbrev            'To Be Published' 
_citation.journal_id_ASTM           ? 
_citation.journal_id_CSD            0353 
_citation.journal_id_ISSN           ? 
_citation.journal_full              ? 
_citation.journal_issue             ? 
_citation.journal_volume            ? 
_citation.language                  ? 
_citation.page_first                ? 
_citation.page_last                 ? 
_citation.title                     
'Crystal structure of Trichoplax Scribble PDZ1 domain in complex with Trichoplax the phosphorylated Vangl peptide' 
_citation.year                      ? 
_citation.database_id_CSD           ? 
_citation.pdbx_database_id_DOI      ? 
_citation.pdbx_database_id_PubMed   ? 
_citation.pdbx_database_id_patent   ? 
_citation.unpublished_flag          ? 
# 
loop_
_citation_author.citation_id 
_citation_author.name 
_citation_author.ordinal 
_citation_author.identifier_ORCID 
primary 'Maddumage, J.C.' 1 0000-0001-9802-5975 
primary 'Kvansakul, M.'   2 0000-0003-2639-2498 
primary 'Humbert, P.O.'   3 0000-0002-1366-6691 
# 
loop_
_entity.id 
_entity.type 
_entity.src_method 
_entity.pdbx_description 
_entity.formula_weight 
_entity.pdbx_number_of_molecules 
_entity.pdbx_ec 
_entity.pdbx_mutation 
_entity.pdbx_fragment 
_entity.details 
1 polymer man 'Leucine-rich repeat-containing protein 1' 9999.283 1  ? ? ? ? 
2 polymer syn 'Vang-like protein 1'                      936.856  1  ? ? ? ? 
3 water   nat water                                      18.015   59 ? ? ? ? 
# 
loop_
_entity_poly.entity_id 
_entity_poly.type 
_entity_poly.nstd_linkage 
_entity_poly.nstd_monomer 
_entity_poly.pdbx_seq_one_letter_code 
_entity_poly.pdbx_seq_one_letter_code_can 
_entity_poly.pdbx_strand_id 
_entity_poly.pdbx_target_identifier 
1 'polypeptide(L)' no no  
;GPLGSEVIQALIFKDDGSLGLSISGGVGSSSFKSGDDGIFVSKIAKGGPCDNEGTLKIGDKILSVNEISFTGITHEKAVE
ILKNQDSKYMVVVERS
;
;GPLGSEVIQALIFKDDGSLGLSISGGVGSSSFKSGDDGIFVSKIAKGGPCDNEGTLKIGDKILSVNEISFTGITHEKAVE
ILKNQDSKYMVVVERS
;
A ? 
2 'polypeptide(L)' no yes 'NPNPET(SEP)V'                                                                                      
NPNPETSV                                                                                            B ? 
# 
_pdbx_entity_nonpoly.entity_id   3 
_pdbx_entity_nonpoly.name        water 
_pdbx_entity_nonpoly.comp_id     HOH 
# 
loop_
_entity_poly_seq.entity_id 
_entity_poly_seq.num 
_entity_poly_seq.mon_id 
_entity_poly_seq.hetero 
1 1  GLY n 
1 2  PRO n 
1 3  LEU n 
1 4  GLY n 
1 5  SER n 
1 6  GLU n 
1 7  VAL n 
1 8  ILE n 
1 9  GLN n 
1 10 ALA n 
1 11 LEU n 
1 12 ILE n 
1 13 PHE n 
1 14 LYS n 
1 15 ASP n 
1 16 ASP n 
1 17 GLY n 
1 18 SER n 
1 19 LEU n 
1 20 GLY n 
1 21 LEU n 
1 22 SER n 
1 23 ILE n 
1 24 SER n 
1 25 GLY n 
1 26 GLY n 
1 27 VAL n 
1 28 GLY n 
1 29 SER n 
1 30 SER n 
1 31 SER n 
1 32 PHE n 
1 33 LYS n 
1 34 SER n 
1 35 GLY n 
1 36 ASP n 
1 37 ASP n 
1 38 GLY n 
1 39 ILE n 
1 40 PHE n 
1 41 VAL n 
1 42 SER n 
1 43 LYS n 
1 44 ILE n 
1 45 ALA n 
1 46 LYS n 
1 47 GLY n 
1 48 GLY n 
1 49 PRO n 
1 50 CYS n 
1 51 ASP n 
1 52 ASN n 
1 53 GLU n 
1 54 GLY n 
1 55 THR n 
1 56 LEU n 
1 57 LYS n 
1 58 ILE n 
1 59 GLY n 
1 60 ASP n 
1 61 LYS n 
1 62 ILE n 
1 63 LEU n 
1 64 SER n 
1 65 VAL n 
1 66 ASN n 
1 67 GLU n 
1 68 ILE n 
1 69 SER n 
1 70 PHE n 
1 71 THR n 
1 72 GLY n 
1 73 ILE n 
1 74 THR n 
1 75 HIS n 
1 76 GLU n 
1 77 LYS n 
1 78 ALA n 
1 79 VAL n 
1 80 GLU n 
1 81 ILE n 
1 82 LEU n 
1 83 LYS n 
1 84 ASN n 
1 85 GLN n 
1 86 ASP n 
1 87 SER n 
1 88 LYS n 
1 89 TYR n 
1 90 MET n 
1 91 VAL n 
1 92 VAL n 
1 93 VAL n 
1 94 GLU n 
1 95 ARG n 
1 96 SER n 
2 1  ASN n 
2 2  PRO n 
2 3  ASN n 
2 4  PRO n 
2 5  GLU n 
2 6  THR n 
2 7  SEP n 
2 8  VAL n 
# 
_entity_src_gen.entity_id                          1 
_entity_src_gen.pdbx_src_id                        1 
_entity_src_gen.pdbx_alt_source_flag               sample 
_entity_src_gen.pdbx_seq_type                      'Biological sequence' 
_entity_src_gen.pdbx_beg_seq_num                   1 
_entity_src_gen.pdbx_end_seq_num                   96 
_entity_src_gen.gene_src_common_name               ? 
_entity_src_gen.gene_src_genus                     ? 
_entity_src_gen.pdbx_gene_src_gene                 ? 
_entity_src_gen.gene_src_species                   ? 
_entity_src_gen.gene_src_strain                    ? 
_entity_src_gen.gene_src_tissue                    ? 
_entity_src_gen.gene_src_tissue_fraction           ? 
_entity_src_gen.gene_src_details                   ? 
_entity_src_gen.pdbx_gene_src_fragment             ? 
_entity_src_gen.pdbx_gene_src_scientific_name      'Trichoplax sp. H2' 
_entity_src_gen.pdbx_gene_src_ncbi_taxonomy_id     287889 
_entity_src_gen.pdbx_gene_src_variant              ? 
_entity_src_gen.pdbx_gene_src_cell_line            ? 
_entity_src_gen.pdbx_gene_src_atcc                 ? 
_entity_src_gen.pdbx_gene_src_organ                ? 
_entity_src_gen.pdbx_gene_src_organelle            ? 
_entity_src_gen.pdbx_gene_src_cell                 ? 
_entity_src_gen.pdbx_gene_src_cellular_location    ? 
_entity_src_gen.host_org_common_name               ? 
_entity_src_gen.pdbx_host_org_scientific_name      'Escherichia coli BL21' 
_entity_src_gen.pdbx_host_org_ncbi_taxonomy_id     511693 
_entity_src_gen.host_org_genus                     ? 
_entity_src_gen.pdbx_host_org_gene                 ? 
_entity_src_gen.pdbx_host_org_organ                ? 
_entity_src_gen.host_org_species                   ? 
_entity_src_gen.pdbx_host_org_tissue               ? 
_entity_src_gen.pdbx_host_org_tissue_fraction      ? 
_entity_src_gen.pdbx_host_org_strain               'codon +' 
_entity_src_gen.pdbx_host_org_variant              ? 
_entity_src_gen.pdbx_host_org_cell_line            ? 
_entity_src_gen.pdbx_host_org_atcc                 ? 
_entity_src_gen.pdbx_host_org_culture_collection   ? 
_entity_src_gen.pdbx_host_org_cell                 ? 
_entity_src_gen.pdbx_host_org_organelle            ? 
_entity_src_gen.pdbx_host_org_cellular_location    ? 
_entity_src_gen.pdbx_host_org_vector_type          ? 
_entity_src_gen.pdbx_host_org_vector               ? 
_entity_src_gen.host_org_details                   ? 
_entity_src_gen.expression_system_id               ? 
_entity_src_gen.plasmid_name                       ? 
_entity_src_gen.plasmid_details                    ? 
_entity_src_gen.pdbx_description                   ? 
# 
_pdbx_entity_src_syn.entity_id              2 
_pdbx_entity_src_syn.pdbx_src_id            1 
_pdbx_entity_src_syn.pdbx_alt_source_flag   sample 
_pdbx_entity_src_syn.pdbx_beg_seq_num       1 
_pdbx_entity_src_syn.pdbx_end_seq_num       8 
_pdbx_entity_src_syn.organism_scientific    'Trichoplax sp. H2' 
_pdbx_entity_src_syn.organism_common_name   ? 
_pdbx_entity_src_syn.ncbi_taxonomy_id       287889 
_pdbx_entity_src_syn.details                ? 
# 
loop_
_chem_comp.id 
_chem_comp.type 
_chem_comp.mon_nstd_flag 
_chem_comp.name 
_chem_comp.pdbx_synonyms 
_chem_comp.formula 
_chem_comp.formula_weight 
ALA 'L-peptide linking' y ALANINE         ?               'C3 H7 N O2'     89.093  
ARG 'L-peptide linking' y ARGININE        ?               'C6 H15 N4 O2 1' 175.209 
ASN 'L-peptide linking' y ASPARAGINE      ?               'C4 H8 N2 O3'    132.118 
ASP 'L-peptide linking' y 'ASPARTIC ACID' ?               'C4 H7 N O4'     133.103 
CYS 'L-peptide linking' y CYSTEINE        ?               'C3 H7 N O2 S'   121.158 
GLN 'L-peptide linking' y GLUTAMINE       ?               'C5 H10 N2 O3'   146.144 
GLU 'L-peptide linking' y 'GLUTAMIC ACID' ?               'C5 H9 N O4'     147.129 
GLY 'peptide linking'   y GLYCINE         ?               'C2 H5 N O2'     75.067  
HIS 'L-peptide linking' y HISTIDINE       ?               'C6 H10 N3 O2 1' 156.162 
HOH non-polymer         . WATER           ?               'H2 O'           18.015  
ILE 'L-peptide linking' y ISOLEUCINE      ?               'C6 H13 N O2'    131.173 
LEU 'L-peptide linking' y LEUCINE         ?               'C6 H13 N O2'    131.173 
LYS 'L-peptide linking' y LYSINE          ?               'C6 H15 N2 O2 1' 147.195 
MET 'L-peptide linking' y METHIONINE      ?               'C5 H11 N O2 S'  149.211 
PHE 'L-peptide linking' y PHENYLALANINE   ?               'C9 H11 N O2'    165.189 
PRO 'L-peptide linking' y PROLINE         ?               'C5 H9 N O2'     115.130 
SEP 'L-peptide linking' n PHOSPHOSERINE   PHOSPHONOSERINE 'C3 H8 N O6 P'   185.072 
SER 'L-peptide linking' y SERINE          ?               'C3 H7 N O3'     105.093 
THR 'L-peptide linking' y THREONINE       ?               'C4 H9 N O3'     119.119 
TYR 'L-peptide linking' y TYROSINE        ?               'C9 H11 N O3'    181.189 
VAL 'L-peptide linking' y VALINE          ?               'C5 H11 N O2'    117.146 
# 
loop_
_pdbx_poly_seq_scheme.asym_id 
_pdbx_poly_seq_scheme.entity_id 
_pdbx_poly_seq_scheme.seq_id 
_pdbx_poly_seq_scheme.mon_id 
_pdbx_poly_seq_scheme.ndb_seq_num 
_pdbx_poly_seq_scheme.pdb_seq_num 
_pdbx_poly_seq_scheme.auth_seq_num 
_pdbx_poly_seq_scheme.pdb_mon_id 
_pdbx_poly_seq_scheme.auth_mon_id 
_pdbx_poly_seq_scheme.pdb_strand_id 
_pdbx_poly_seq_scheme.pdb_ins_code 
_pdbx_poly_seq_scheme.hetero 
A 1 1  GLY 1  -4 ?  ?   ?   A . n 
A 1 2  PRO 2  -3 -3 PRO PRO A . n 
A 1 3  LEU 3  -2 -2 LEU LEU A . n 
A 1 4  GLY 4  -1 -1 GLY GLY A . n 
A 1 5  SER 5  0  0  SER SER A . n 
A 1 6  GLU 6  1  1  GLU GLU A . n 
A 1 7  VAL 7  2  2  VAL VAL A . n 
A 1 8  ILE 8  3  3  ILE ILE A . n 
A 1 9  GLN 9  4  4  GLN GLN A . n 
A 1 10 ALA 10 5  5  ALA ALA A . n 
A 1 11 LEU 11 6  6  LEU LEU A . n 
A 1 12 ILE 12 7  7  ILE ILE A . n 
A 1 13 PHE 13 8  8  PHE PHE A . n 
A 1 14 LYS 14 9  9  LYS LYS A . n 
A 1 15 ASP 15 10 10 ASP ASP A . n 
A 1 16 ASP 16 11 11 ASP ASP A . n 
A 1 17 GLY 17 12 12 GLY GLY A . n 
A 1 18 SER 18 13 13 SER SER A . n 
A 1 19 LEU 19 14 14 LEU LEU A . n 
A 1 20 GLY 20 15 15 GLY GLY A . n 
A 1 21 LEU 21 16 16 LEU LEU A . n 
A 1 22 SER 22 17 17 SER SER A . n 
A 1 23 ILE 23 18 18 ILE ILE A . n 
A 1 24 SER 24 19 19 SER SER A . n 
A 1 25 GLY 25 20 20 GLY GLY A . n 
A 1 26 GLY 26 21 21 GLY GLY A . n 
A 1 27 VAL 27 22 22 VAL VAL A . n 
A 1 28 GLY 28 23 23 GLY GLY A . n 
A 1 29 SER 29 24 24 SER SER A . n 
A 1 30 SER 30 25 25 SER SER A . n 
A 1 31 SER 31 26 26 SER SER A . n 
A 1 32 PHE 32 27 27 PHE PHE A . n 
A 1 33 LYS 33 28 28 LYS LYS A . n 
A 1 34 SER 34 29 29 SER SER A . n 
A 1 35 GLY 35 30 30 GLY GLY A . n 
A 1 36 ASP 36 31 31 ASP ASP A . n 
A 1 37 ASP 37 32 32 ASP ASP A . n 
A 1 38 GLY 38 33 33 GLY GLY A . n 
A 1 39 ILE 39 34 34 ILE ILE A . n 
A 1 40 PHE 40 35 35 PHE PHE A . n 
A 1 41 VAL 41 36 36 VAL VAL A . n 
A 1 42 SER 42 37 37 SER SER A . n 
A 1 43 LYS 43 38 38 LYS LYS A . n 
A 1 44 ILE 44 39 39 ILE ILE A . n 
A 1 45 ALA 45 40 40 ALA ALA A . n 
A 1 46 LYS 46 41 41 LYS LYS A . n 
A 1 47 GLY 47 42 42 GLY GLY A . n 
A 1 48 GLY 48 43 43 GLY GLY A . n 
A 1 49 PRO 49 44 44 PRO PRO A . n 
A 1 50 CYS 50 45 45 CYS CYS A . n 
A 1 51 ASP 51 46 46 ASP ASP A . n 
A 1 52 ASN 52 47 47 ASN ASN A . n 
A 1 53 GLU 53 48 48 GLU GLU A . n 
A 1 54 GLY 54 49 49 GLY GLY A . n 
A 1 55 THR 55 50 50 THR THR A . n 
A 1 56 LEU 56 51 51 LEU LEU A . n 
A 1 57 LYS 57 52 52 LYS LYS A . n 
A 1 58 ILE 58 53 53 ILE ILE A . n 
A 1 59 GLY 59 54 54 GLY GLY A . n 
A 1 60 ASP 60 55 55 ASP ASP A . n 
A 1 61 LYS 61 56 56 LYS LYS A . n 
A 1 62 ILE 62 57 57 ILE ILE A . n 
A 1 63 LEU 63 58 58 LEU LEU A . n 
A 1 64 SER 64 59 59 SER SER A . n 
A 1 65 VAL 65 60 60 VAL VAL A . n 
A 1 66 ASN 66 61 61 ASN ASN A . n 
A 1 67 GLU 67 62 62 GLU GLU A . n 
A 1 68 ILE 68 63 63 ILE ILE A . n 
A 1 69 SER 69 64 64 SER SER A . n 
A 1 70 PHE 70 65 65 PHE PHE A . n 
A 1 71 THR 71 66 66 THR THR A . n 
A 1 72 GLY 72 67 67 GLY GLY A . n 
A 1 73 ILE 73 68 68 ILE ILE A . n 
A 1 74 THR 74 69 69 THR THR A . n 
A 1 75 HIS 75 70 70 HIS HIS A . n 
A 1 76 GLU 76 71 71 GLU GLU A . n 
A 1 77 LYS 77 72 72 LYS LYS A . n 
A 1 78 ALA 78 73 73 ALA ALA A . n 
A 1 79 VAL 79 74 74 VAL VAL A . n 
A 1 80 GLU 80 75 75 GLU GLU A . n 
A 1 81 ILE 81 76 76 ILE ILE A . n 
A 1 82 LEU 82 77 77 LEU LEU A . n 
A 1 83 LYS 83 78 78 LYS LYS A . n 
A 1 84 ASN 84 79 79 ASN ASN A . n 
A 1 85 GLN 85 80 80 GLN GLN A . n 
A 1 86 ASP 86 81 81 ASP ASP A . n 
A 1 87 SER 87 82 82 SER SER A . n 
A 1 88 LYS 88 83 83 LYS LYS A . n 
A 1 89 TYR 89 84 84 TYR TYR A . n 
A 1 90 MET 90 85 85 MET MET A . n 
A 1 91 VAL 91 86 86 VAL VAL A . n 
A 1 92 VAL 92 87 87 VAL VAL A . n 
A 1 93 VAL 93 88 88 VAL VAL A . n 
A 1 94 GLU 94 89 89 GLU GLU A . n 
A 1 95 ARG 95 90 90 ARG ARG A . n 
A 1 96 SER 96 91 91 SER SER A . n 
B 2 1  ASN 1  63 63 ASN ASN B . n 
B 2 2  PRO 2  64 64 PRO PRO B . n 
B 2 3  ASN 3  65 65 ASN ASN B . n 
B 2 4  PRO 4  66 66 PRO PRO B . n 
B 2 5  GLU 5  67 67 GLU GLU B . n 
B 2 6  THR 6  68 68 THR THR B . n 
B 2 7  SEP 7  69 69 SEP SEP B . n 
B 2 8  VAL 8  70 70 VAL VAL B . n 
# 
loop_
_pdbx_nonpoly_scheme.asym_id 
_pdbx_nonpoly_scheme.entity_id 
_pdbx_nonpoly_scheme.mon_id 
_pdbx_nonpoly_scheme.ndb_seq_num 
_pdbx_nonpoly_scheme.pdb_seq_num 
_pdbx_nonpoly_scheme.auth_seq_num 
_pdbx_nonpoly_scheme.pdb_mon_id 
_pdbx_nonpoly_scheme.auth_mon_id 
_pdbx_nonpoly_scheme.pdb_strand_id 
_pdbx_nonpoly_scheme.pdb_ins_code 
C 3 HOH 1  101 33 HOH HOH A . 
C 3 HOH 2  102 49 HOH HOH A . 
C 3 HOH 3  103 2  HOH HOH A . 
C 3 HOH 4  104 56 HOH HOH A . 
C 3 HOH 5  105 11 HOH HOH A . 
C 3 HOH 6  106 15 HOH HOH A . 
C 3 HOH 7  107 1  HOH HOH A . 
C 3 HOH 8  108 58 HOH HOH A . 
C 3 HOH 9  109 22 HOH HOH A . 
C 3 HOH 10 110 9  HOH HOH A . 
C 3 HOH 11 111 23 HOH HOH A . 
C 3 HOH 12 112 59 HOH HOH A . 
C 3 HOH 13 113 7  HOH HOH A . 
C 3 HOH 14 114 30 HOH HOH A . 
C 3 HOH 15 115 6  HOH HOH A . 
C 3 HOH 16 116 20 HOH HOH A . 
C 3 HOH 17 117 38 HOH HOH A . 
C 3 HOH 18 118 29 HOH HOH A . 
C 3 HOH 19 119 54 HOH HOH A . 
C 3 HOH 20 120 8  HOH HOH A . 
C 3 HOH 21 121 32 HOH HOH A . 
C 3 HOH 22 122 5  HOH HOH A . 
C 3 HOH 23 123 27 HOH HOH A . 
C 3 HOH 24 124 25 HOH HOH A . 
C 3 HOH 25 125 12 HOH HOH A . 
C 3 HOH 26 126 3  HOH HOH A . 
C 3 HOH 27 127 17 HOH HOH A . 
C 3 HOH 28 128 10 HOH HOH A . 
C 3 HOH 29 129 13 HOH HOH A . 
C 3 HOH 30 130 26 HOH HOH A . 
C 3 HOH 31 131 46 HOH HOH A . 
C 3 HOH 32 132 14 HOH HOH A . 
C 3 HOH 33 133 37 HOH HOH A . 
C 3 HOH 34 134 21 HOH HOH A . 
C 3 HOH 35 135 40 HOH HOH A . 
C 3 HOH 36 136 60 HOH HOH A . 
C 3 HOH 37 137 16 HOH HOH A . 
C 3 HOH 38 138 41 HOH HOH A . 
C 3 HOH 39 139 28 HOH HOH A . 
C 3 HOH 40 140 43 HOH HOH A . 
C 3 HOH 41 141 36 HOH HOH A . 
C 3 HOH 42 142 53 HOH HOH A . 
C 3 HOH 43 143 35 HOH HOH A . 
C 3 HOH 44 144 39 HOH HOH A . 
C 3 HOH 45 145 51 HOH HOH A . 
C 3 HOH 46 146 24 HOH HOH A . 
C 3 HOH 47 147 61 HOH HOH A . 
C 3 HOH 48 148 47 HOH HOH A . 
C 3 HOH 49 149 55 HOH HOH A . 
C 3 HOH 50 150 52 HOH HOH A . 
C 3 HOH 51 151 45 HOH HOH A . 
C 3 HOH 52 152 44 HOH HOH A . 
D 3 HOH 1  101 34 HOH HOH B . 
D 3 HOH 2  102 48 HOH HOH B . 
D 3 HOH 3  103 42 HOH HOH B . 
D 3 HOH 4  104 4  HOH HOH B . 
D 3 HOH 5  105 57 HOH HOH B . 
D 3 HOH 6  106 31 HOH HOH B . 
D 3 HOH 7  107 19 HOH HOH B . 
# 
loop_
_pdbx_unobs_or_zero_occ_atoms.id 
_pdbx_unobs_or_zero_occ_atoms.PDB_model_num 
_pdbx_unobs_or_zero_occ_atoms.polymer_flag 
_pdbx_unobs_or_zero_occ_atoms.occupancy_flag 
_pdbx_unobs_or_zero_occ_atoms.auth_asym_id 
_pdbx_unobs_or_zero_occ_atoms.auth_comp_id 
_pdbx_unobs_or_zero_occ_atoms.auth_seq_id 
_pdbx_unobs_or_zero_occ_atoms.PDB_ins_code 
_pdbx_unobs_or_zero_occ_atoms.auth_atom_id 
_pdbx_unobs_or_zero_occ_atoms.label_alt_id 
_pdbx_unobs_or_zero_occ_atoms.label_asym_id 
_pdbx_unobs_or_zero_occ_atoms.label_comp_id 
_pdbx_unobs_or_zero_occ_atoms.label_seq_id 
_pdbx_unobs_or_zero_occ_atoms.label_atom_id 
1 1 Y 1 A ASP 10 ? CG  ? A ASP 15 CG  
2 1 Y 1 A ASP 10 ? OD1 ? A ASP 15 OD1 
3 1 Y 1 A ASP 10 ? OD2 ? A ASP 15 OD2 
4 1 Y 1 A GLN 80 ? CG  ? A GLN 85 CG  
5 1 Y 1 A GLN 80 ? CD  ? A GLN 85 CD  
6 1 Y 1 A GLN 80 ? OE1 ? A GLN 85 OE1 
7 1 Y 1 A GLN 80 ? NE2 ? A GLN 85 NE2 
# 
loop_
_software.citation_id 
_software.classification 
_software.compiler_name 
_software.compiler_version 
_software.contact_author 
_software.contact_author_email 
_software.date 
_software.description 
_software.dependencies 
_software.hardware 
_software.language 
_software.location 
_software.mods 
_software.name 
_software.os 
_software.os_version 
_software.type 
_software.version 
_software.pdbx_ordinal 
? refinement       ? ? ? ? ? ? ? ? ? ? ? PHENIX  ? ? ? 1.20.1_4487 1 
? 'data reduction' ? ? ? ? ? ? ? ? ? ? ? DIALS   ? ? ? .           2 
? 'data scaling'   ? ? ? ? ? ? ? ? ? ? ? Aimless ? ? ? .           3 
? phasing          ? ? ? ? ? ? ? ? ? ? ? PHASER  ? ? ? .           4 
# 
_cell.angle_alpha                  90.000 
_cell.angle_alpha_esd              ? 
_cell.angle_beta                   90.000 
_cell.angle_beta_esd               ? 
_cell.angle_gamma                  90.000 
_cell.angle_gamma_esd              ? 
_cell.entry_id                     8BV7 
_cell.details                      ? 
_cell.formula_units_Z              ? 
_cell.length_a                     30.092 
_cell.length_a_esd                 ? 
_cell.length_b                     45.236 
_cell.length_b_esd                 ? 
_cell.length_c                     70.870 
_cell.length_c_esd                 ? 
_cell.volume                       96471.200 
_cell.volume_esd                   ? 
_cell.Z_PDB                        4 
_cell.reciprocal_angle_alpha       ? 
_cell.reciprocal_angle_beta        ? 
_cell.reciprocal_angle_gamma       ? 
_cell.reciprocal_angle_alpha_esd   ? 
_cell.reciprocal_angle_beta_esd    ? 
_cell.reciprocal_angle_gamma_esd   ? 
_cell.reciprocal_length_a          ? 
_cell.reciprocal_length_b          ? 
_cell.reciprocal_length_c          ? 
_cell.reciprocal_length_a_esd      ? 
_cell.reciprocal_length_b_esd      ? 
_cell.reciprocal_length_c_esd      ? 
_cell.pdbx_unique_axis             ? 
_cell.pdbx_esd_method              ? 
# 
_symmetry.entry_id                         8BV7 
_symmetry.cell_setting                     ? 
_symmetry.Int_Tables_number                19 
_symmetry.space_group_name_Hall            'P 2ac 2ab' 
_symmetry.space_group_name_H-M             'P 21 21 21' 
_symmetry.pdbx_full_space_group_name_H-M   ? 
# 
_exptl.absorpt_coefficient_mu     ? 
_exptl.absorpt_correction_T_max   ? 
_exptl.absorpt_correction_T_min   ? 
_exptl.absorpt_correction_type    ? 
_exptl.absorpt_process_details    ? 
_exptl.entry_id                   8BV7 
_exptl.crystals_number            1 
_exptl.details                    ? 
_exptl.method                     'X-RAY DIFFRACTION' 
_exptl.method_details             ? 
# 
_exptl_crystal.colour                       ? 
_exptl_crystal.density_diffrn               ? 
_exptl_crystal.density_Matthews             2.21 
_exptl_crystal.density_method               ? 
_exptl_crystal.density_percent_sol          44.23 
_exptl_crystal.description                  ? 
_exptl_crystal.F_000                        ? 
_exptl_crystal.id                           1 
_exptl_crystal.preparation                  ? 
_exptl_crystal.size_max                     ? 
_exptl_crystal.size_mid                     ? 
_exptl_crystal.size_min                     ? 
_exptl_crystal.size_rad                     ? 
_exptl_crystal.colour_lustre                ? 
_exptl_crystal.colour_modifier              ? 
_exptl_crystal.colour_primary               ? 
_exptl_crystal.density_meas                 ? 
_exptl_crystal.density_meas_esd             ? 
_exptl_crystal.density_meas_gt              ? 
_exptl_crystal.density_meas_lt              ? 
_exptl_crystal.density_meas_temp            ? 
_exptl_crystal.density_meas_temp_esd        ? 
_exptl_crystal.density_meas_temp_gt         ? 
_exptl_crystal.density_meas_temp_lt         ? 
_exptl_crystal.pdbx_crystal_image_url       ? 
_exptl_crystal.pdbx_crystal_image_format    ? 
_exptl_crystal.pdbx_mosaicity               ? 
_exptl_crystal.pdbx_mosaicity_esd           ? 
_exptl_crystal.pdbx_mosaic_method           ? 
_exptl_crystal.pdbx_mosaic_block_size       ? 
_exptl_crystal.pdbx_mosaic_block_size_esd   ? 
# 
_exptl_crystal_grow.apparatus       ? 
_exptl_crystal_grow.atmosphere      ? 
_exptl_crystal_grow.crystal_id      1 
_exptl_crystal_grow.details         ? 
_exptl_crystal_grow.method          'VAPOR DIFFUSION, SITTING DROP' 
_exptl_crystal_grow.method_ref      ? 
_exptl_crystal_grow.pH              ? 
_exptl_crystal_grow.pressure        ? 
_exptl_crystal_grow.pressure_esd    ? 
_exptl_crystal_grow.seeding         ? 
_exptl_crystal_grow.seeding_ref     ? 
_exptl_crystal_grow.temp_details    ? 
_exptl_crystal_grow.temp_esd        ? 
_exptl_crystal_grow.time            ? 
_exptl_crystal_grow.pdbx_details    '0.2 M Sodium bromide,0.1 M Bis-Tris propane pH 8.5, 20 % w/v PEG 3350, 20% Glucose' 
_exptl_crystal_grow.pdbx_pH_range   ? 
_exptl_crystal_grow.temp            293.15 
# 
_diffrn.ambient_environment              ? 
_diffrn.ambient_temp                     100 
_diffrn.ambient_temp_details             ? 
_diffrn.ambient_temp_esd                 ? 
_diffrn.crystal_id                       1 
_diffrn.crystal_support                  ? 
_diffrn.crystal_treatment                ? 
_diffrn.details                          ? 
_diffrn.id                               1 
_diffrn.ambient_pressure                 ? 
_diffrn.ambient_pressure_esd             ? 
_diffrn.ambient_pressure_gt              ? 
_diffrn.ambient_pressure_lt              ? 
_diffrn.ambient_temp_gt                  ? 
_diffrn.ambient_temp_lt                  ? 
_diffrn.pdbx_serial_crystal_experiment   N 
# 
_diffrn_detector.details                      ? 
_diffrn_detector.detector                     PIXEL 
_diffrn_detector.diffrn_id                    1 
_diffrn_detector.type                         'DECTRIS EIGER X 16M' 
_diffrn_detector.area_resol_mean              ? 
_diffrn_detector.dtime                        ? 
_diffrn_detector.pdbx_frames_total            ? 
_diffrn_detector.pdbx_collection_time_total   ? 
_diffrn_detector.pdbx_collection_date         2022-06-25 
_diffrn_detector.pdbx_frequency               ? 
# 
_diffrn_radiation.collimation                      ? 
_diffrn_radiation.diffrn_id                        1 
_diffrn_radiation.filter_edge                      ? 
_diffrn_radiation.inhomogeneity                    ? 
_diffrn_radiation.monochromator                    ? 
_diffrn_radiation.polarisn_norm                    ? 
_diffrn_radiation.polarisn_ratio                   ? 
_diffrn_radiation.probe                            ? 
_diffrn_radiation.type                             ? 
_diffrn_radiation.xray_symbol                      ? 
_diffrn_radiation.wavelength_id                    1 
_diffrn_radiation.pdbx_monochromatic_or_laue_m_l   M 
_diffrn_radiation.pdbx_wavelength_list             ? 
_diffrn_radiation.pdbx_wavelength                  ? 
_diffrn_radiation.pdbx_diffrn_protocol             'SINGLE WAVELENGTH' 
_diffrn_radiation.pdbx_analyzer                    ? 
_diffrn_radiation.pdbx_scattering_type             x-ray 
# 
_diffrn_radiation_wavelength.id           1 
_diffrn_radiation_wavelength.wavelength   0.95372 
_diffrn_radiation_wavelength.wt           1.0 
# 
_diffrn_source.current                     ? 
_diffrn_source.details                     ? 
_diffrn_source.diffrn_id                   1 
_diffrn_source.power                       ? 
_diffrn_source.size                        ? 
_diffrn_source.source                      SYNCHROTRON 
_diffrn_source.target                      ? 
_diffrn_source.type                        'AUSTRALIAN SYNCHROTRON BEAMLINE MX2' 
_diffrn_source.voltage                     ? 
_diffrn_source.take-off_angle              ? 
_diffrn_source.pdbx_wavelength_list        0.95372 
_diffrn_source.pdbx_wavelength             ? 
_diffrn_source.pdbx_synchrotron_beamline   MX2 
_diffrn_source.pdbx_synchrotron_site       'Australian Synchrotron' 
# 
_reflns.B_iso_Wilson_estimate                          27.46 
_reflns.entry_id                                       8BV7 
_reflns.data_reduction_details                         ? 
_reflns.data_reduction_method                          ? 
_reflns.d_resolution_high                              1.80 
_reflns.d_resolution_low                               45.24 
_reflns.details                                        ? 
_reflns.limit_h_max                                    ? 
_reflns.limit_h_min                                    ? 
_reflns.limit_k_max                                    ? 
_reflns.limit_k_min                                    ? 
_reflns.limit_l_max                                    ? 
_reflns.limit_l_min                                    ? 
_reflns.number_all                                     ? 
_reflns.number_obs                                     9419 
_reflns.observed_criterion                             ? 
_reflns.observed_criterion_F_max                       ? 
_reflns.observed_criterion_F_min                       ? 
_reflns.observed_criterion_I_max                       ? 
_reflns.observed_criterion_I_min                       ? 
_reflns.observed_criterion_sigma_F                     ? 
_reflns.observed_criterion_sigma_I                     ? 
_reflns.percent_possible_obs                           99.4 
_reflns.R_free_details                                 ? 
_reflns.Rmerge_F_all                                   ? 
_reflns.Rmerge_F_obs                                   ? 
_reflns.Friedel_coverage                               ? 
_reflns.number_gt                                      ? 
_reflns.threshold_expression                           ? 
_reflns.pdbx_redundancy                                10.9 
_reflns.pdbx_netI_over_av_sigmaI                       ? 
_reflns.pdbx_netI_over_sigmaI                          13.3 
_reflns.pdbx_res_netI_over_av_sigmaI_2                 ? 
_reflns.pdbx_res_netI_over_sigmaI_2                    ? 
_reflns.pdbx_chi_squared                               ? 
_reflns.pdbx_scaling_rejects                           ? 
_reflns.pdbx_d_res_high_opt                            ? 
_reflns.pdbx_d_res_low_opt                             ? 
_reflns.pdbx_d_res_opt_method                          ? 
_reflns.phase_calculation_details                      ? 
_reflns.pdbx_Rrim_I_all                                ? 
_reflns.pdbx_Rpim_I_all                                ? 
_reflns.pdbx_d_opt                                     ? 
_reflns.pdbx_number_measured_all                       ? 
_reflns.pdbx_diffrn_id                                 1 
_reflns.pdbx_ordinal                                   1 
_reflns.pdbx_CC_half                                   0.999 
_reflns.pdbx_CC_star                                   ? 
_reflns.pdbx_R_split                                   ? 
_reflns.pdbx_Rmerge_I_obs                              0.095 
_reflns.pdbx_Rmerge_I_all                              ? 
_reflns.pdbx_Rsym_value                                ? 
_reflns.pdbx_CC_split_method                           ? 
_reflns.pdbx_aniso_diffraction_limit_axis_1_ortho[1]   ? 
_reflns.pdbx_aniso_diffraction_limit_axis_1_ortho[2]   ? 
_reflns.pdbx_aniso_diffraction_limit_axis_1_ortho[3]   ? 
_reflns.pdbx_aniso_diffraction_limit_axis_2_ortho[1]   ? 
_reflns.pdbx_aniso_diffraction_limit_axis_2_ortho[2]   ? 
_reflns.pdbx_aniso_diffraction_limit_axis_2_ortho[3]   ? 
_reflns.pdbx_aniso_diffraction_limit_axis_3_ortho[1]   ? 
_reflns.pdbx_aniso_diffraction_limit_axis_3_ortho[2]   ? 
_reflns.pdbx_aniso_diffraction_limit_axis_3_ortho[3]   ? 
_reflns.pdbx_aniso_diffraction_limit_1                 ? 
_reflns.pdbx_aniso_diffraction_limit_2                 ? 
_reflns.pdbx_aniso_diffraction_limit_3                 ? 
_reflns.pdbx_aniso_B_tensor_eigenvector_1_ortho[1]     ? 
_reflns.pdbx_aniso_B_tensor_eigenvector_1_ortho[2]     ? 
_reflns.pdbx_aniso_B_tensor_eigenvector_1_ortho[3]     ? 
_reflns.pdbx_aniso_B_tensor_eigenvector_2_ortho[1]     ? 
_reflns.pdbx_aniso_B_tensor_eigenvector_2_ortho[2]     ? 
_reflns.pdbx_aniso_B_tensor_eigenvector_2_ortho[3]     ? 
_reflns.pdbx_aniso_B_tensor_eigenvector_3_ortho[1]     ? 
_reflns.pdbx_aniso_B_tensor_eigenvector_3_ortho[2]     ? 
_reflns.pdbx_aniso_B_tensor_eigenvector_3_ortho[3]     ? 
_reflns.pdbx_aniso_B_tensor_eigenvalue_1               ? 
_reflns.pdbx_aniso_B_tensor_eigenvalue_2               ? 
_reflns.pdbx_aniso_B_tensor_eigenvalue_3               ? 
_reflns.pdbx_orthogonalization_convention              ? 
_reflns.pdbx_percent_possible_ellipsoidal              ? 
_reflns.pdbx_percent_possible_spherical                ? 
_reflns.pdbx_percent_possible_ellipsoidal_anomalous    ? 
_reflns.pdbx_percent_possible_spherical_anomalous      ? 
_reflns.pdbx_redundancy_anomalous                      ? 
_reflns.pdbx_CC_half_anomalous                         ? 
_reflns.pdbx_absDiff_over_sigma_anomalous              ? 
_reflns.pdbx_percent_possible_anomalous                ? 
_reflns.pdbx_observed_signal_threshold                 ? 
_reflns.pdbx_signal_type                               ? 
_reflns.pdbx_signal_details                            ? 
_reflns.pdbx_signal_software_id                        ? 
# 
_reflns_shell.d_res_high                                    1.80 
_reflns_shell.d_res_low                                     1.84 
_reflns_shell.meanI_over_sigI_all                           ? 
_reflns_shell.meanI_over_sigI_obs                           ? 
_reflns_shell.number_measured_all                           ? 
_reflns_shell.number_measured_obs                           ? 
_reflns_shell.number_possible                               ? 
_reflns_shell.number_unique_all                             ? 
_reflns_shell.number_unique_obs                             541 
_reflns_shell.percent_possible_obs                          ? 
_reflns_shell.Rmerge_F_all                                  ? 
_reflns_shell.Rmerge_F_obs                                  ? 
_reflns_shell.meanI_over_sigI_gt                            ? 
_reflns_shell.meanI_over_uI_all                             ? 
_reflns_shell.meanI_over_uI_gt                              ? 
_reflns_shell.number_measured_gt                            ? 
_reflns_shell.number_unique_gt                              ? 
_reflns_shell.percent_possible_gt                           ? 
_reflns_shell.Rmerge_F_gt                                   ? 
_reflns_shell.Rmerge_I_gt                                   ? 
_reflns_shell.pdbx_redundancy                               ? 
_reflns_shell.pdbx_chi_squared                              ? 
_reflns_shell.pdbx_netI_over_sigmaI_all                     ? 
_reflns_shell.pdbx_netI_over_sigmaI_obs                     ? 
_reflns_shell.pdbx_Rrim_I_all                               ? 
_reflns_shell.pdbx_Rpim_I_all                               ? 
_reflns_shell.pdbx_rejects                                  ? 
_reflns_shell.pdbx_ordinal                                  1 
_reflns_shell.pdbx_diffrn_id                                1 
_reflns_shell.pdbx_CC_half                                  0.737 
_reflns_shell.pdbx_CC_star                                  ? 
_reflns_shell.pdbx_R_split                                  ? 
_reflns_shell.percent_possible_all                          ? 
_reflns_shell.Rmerge_I_all                                  ? 
_reflns_shell.Rmerge_I_obs                                  ? 
_reflns_shell.pdbx_Rsym_value                               ? 
_reflns_shell.pdbx_percent_possible_ellipsoidal             ? 
_reflns_shell.pdbx_percent_possible_spherical               ? 
_reflns_shell.pdbx_percent_possible_ellipsoidal_anomalous   ? 
_reflns_shell.pdbx_percent_possible_spherical_anomalous     ? 
_reflns_shell.pdbx_redundancy_anomalous                     ? 
_reflns_shell.pdbx_CC_half_anomalous                        ? 
_reflns_shell.pdbx_absDiff_over_sigma_anomalous             ? 
_reflns_shell.pdbx_percent_possible_anomalous               ? 
# 
_refine.aniso_B[1][1]                            ? 
_refine.aniso_B[1][2]                            ? 
_refine.aniso_B[1][3]                            ? 
_refine.aniso_B[2][2]                            ? 
_refine.aniso_B[2][3]                            ? 
_refine.aniso_B[3][3]                            ? 
_refine.B_iso_max                                ? 
_refine.B_iso_mean                               32.59 
_refine.B_iso_min                                ? 
_refine.correlation_coeff_Fo_to_Fc               ? 
_refine.correlation_coeff_Fo_to_Fc_free          ? 
_refine.details                                  ? 
_refine.diff_density_max                         ? 
_refine.diff_density_max_esd                     ? 
_refine.diff_density_min                         ? 
_refine.diff_density_min_esd                     ? 
_refine.diff_density_rms                         ? 
_refine.diff_density_rms_esd                     ? 
_refine.entry_id                                 8BV7 
_refine.pdbx_refine_id                           'X-RAY DIFFRACTION' 
_refine.ls_abs_structure_details                 ? 
_refine.ls_abs_structure_Flack                   ? 
_refine.ls_abs_structure_Flack_esd               ? 
_refine.ls_abs_structure_Rogers                  ? 
_refine.ls_abs_structure_Rogers_esd              ? 
_refine.ls_d_res_high                            1.80 
_refine.ls_d_res_low                             35.44 
_refine.ls_extinction_coef                       ? 
_refine.ls_extinction_coef_esd                   ? 
_refine.ls_extinction_expression                 ? 
_refine.ls_extinction_method                     ? 
_refine.ls_goodness_of_fit_all                   ? 
_refine.ls_goodness_of_fit_all_esd               ? 
_refine.ls_goodness_of_fit_obs                   ? 
_refine.ls_goodness_of_fit_obs_esd               ? 
_refine.ls_hydrogen_treatment                    ? 
_refine.ls_matrix_type                           ? 
_refine.ls_number_constraints                    ? 
_refine.ls_number_parameters                     ? 
_refine.ls_number_reflns_all                     ? 
_refine.ls_number_reflns_obs                     9370 
_refine.ls_number_reflns_R_free                  463 
_refine.ls_number_reflns_R_work                  8907 
_refine.ls_number_restraints                     ? 
_refine.ls_percent_reflns_obs                    99.15 
_refine.ls_percent_reflns_R_free                 4.94 
_refine.ls_R_factor_all                          ? 
_refine.ls_R_factor_obs                          0.2181 
_refine.ls_R_factor_R_free                       0.2365 
_refine.ls_R_factor_R_free_error                 ? 
_refine.ls_R_factor_R_free_error_details         ? 
_refine.ls_R_factor_R_work                       0.2172 
_refine.ls_R_Fsqd_factor_obs                     ? 
_refine.ls_R_I_factor_obs                        ? 
_refine.ls_redundancy_reflns_all                 ? 
_refine.ls_redundancy_reflns_obs                 ? 
_refine.ls_restrained_S_all                      ? 
_refine.ls_restrained_S_obs                      ? 
_refine.ls_shift_over_esd_max                    ? 
_refine.ls_shift_over_esd_mean                   ? 
_refine.ls_structure_factor_coef                 ? 
_refine.ls_weighting_details                     ? 
_refine.ls_weighting_scheme                      ? 
_refine.ls_wR_factor_all                         ? 
_refine.ls_wR_factor_obs                         ? 
_refine.ls_wR_factor_R_free                      ? 
_refine.ls_wR_factor_R_work                      ? 
_refine.occupancy_max                            ? 
_refine.occupancy_min                            ? 
_refine.solvent_model_details                    'FLAT BULK SOLVENT MODEL' 
_refine.solvent_model_param_bsol                 ? 
_refine.solvent_model_param_ksol                 ? 
_refine.pdbx_R_complete                          ? 
_refine.ls_R_factor_gt                           ? 
_refine.ls_goodness_of_fit_gt                    ? 
_refine.ls_goodness_of_fit_ref                   ? 
_refine.ls_shift_over_su_max                     ? 
_refine.ls_shift_over_su_max_lt                  ? 
_refine.ls_shift_over_su_mean                    ? 
_refine.ls_shift_over_su_mean_lt                 ? 
_refine.pdbx_ls_sigma_I                          ? 
_refine.pdbx_ls_sigma_F                          1.34 
_refine.pdbx_ls_sigma_Fsqd                       ? 
_refine.pdbx_data_cutoff_high_absF               ? 
_refine.pdbx_data_cutoff_high_rms_absF           ? 
_refine.pdbx_data_cutoff_low_absF                ? 
_refine.pdbx_isotropic_thermal_model             ? 
_refine.pdbx_ls_cross_valid_method               'FREE R-VALUE' 
_refine.pdbx_method_to_determine_struct          'MOLECULAR REPLACEMENT' 
_refine.pdbx_starting_model                      ? 
_refine.pdbx_stereochemistry_target_values       'GeoStd + Monomer Library + CDL v1.2' 
_refine.pdbx_R_Free_selection_details            ? 
_refine.pdbx_stereochem_target_val_spec_case     ? 
_refine.pdbx_overall_ESU_R                       ? 
_refine.pdbx_overall_ESU_R_Free                  ? 
_refine.pdbx_solvent_vdw_probe_radii             1.1000 
_refine.pdbx_solvent_ion_probe_radii             ? 
_refine.pdbx_solvent_shrinkage_radii             0.9000 
_refine.pdbx_real_space_R                        ? 
_refine.pdbx_density_correlation                 ? 
_refine.pdbx_pd_number_of_powder_patterns        ? 
_refine.pdbx_pd_number_of_points                 ? 
_refine.pdbx_pd_meas_number_of_points            ? 
_refine.pdbx_pd_proc_ls_prof_R_factor            ? 
_refine.pdbx_pd_proc_ls_prof_wR_factor           ? 
_refine.pdbx_pd_Marquardt_correlation_coeff      ? 
_refine.pdbx_pd_Fsqrd_R_factor                   ? 
_refine.pdbx_pd_ls_matrix_band_width             ? 
_refine.pdbx_overall_phase_error                 33.0432 
_refine.pdbx_overall_SU_R_free_Cruickshank_DPI   ? 
_refine.pdbx_overall_SU_R_free_Blow_DPI          ? 
_refine.pdbx_overall_SU_R_Blow_DPI               ? 
_refine.pdbx_TLS_residual_ADP_flag               ? 
_refine.pdbx_diffrn_id                           1 
_refine.overall_SU_B                             ? 
_refine.overall_SU_ML                            0.1624 
_refine.overall_SU_R_Cruickshank_DPI             ? 
_refine.overall_SU_R_free                        ? 
_refine.overall_FOM_free_R_set                   ? 
_refine.overall_FOM_work_R_set                   ? 
_refine.pdbx_average_fsc_overall                 ? 
_refine.pdbx_average_fsc_work                    ? 
_refine.pdbx_average_fsc_free                    ? 
# 
_refine_hist.pdbx_refine_id                   'X-RAY DIFFRACTION' 
_refine_hist.cycle_id                         LAST 
_refine_hist.details                          ? 
_refine_hist.d_res_high                       1.80 
_refine_hist.d_res_low                        35.44 
_refine_hist.number_atoms_solvent             59 
_refine_hist.number_atoms_total               812 
_refine_hist.number_reflns_all                ? 
_refine_hist.number_reflns_obs                ? 
_refine_hist.number_reflns_R_free             ? 
_refine_hist.number_reflns_R_work             ? 
_refine_hist.R_factor_all                     ? 
_refine_hist.R_factor_obs                     ? 
_refine_hist.R_factor_R_free                  ? 
_refine_hist.R_factor_R_work                  ? 
_refine_hist.pdbx_number_residues_total       ? 
_refine_hist.pdbx_B_iso_mean_ligand           ? 
_refine_hist.pdbx_B_iso_mean_solvent          ? 
_refine_hist.pdbx_number_atoms_protein        753 
_refine_hist.pdbx_number_atoms_nucleic_acid   0 
_refine_hist.pdbx_number_atoms_ligand         0 
_refine_hist.pdbx_number_atoms_lipid          ? 
_refine_hist.pdbx_number_atoms_carb           ? 
_refine_hist.pdbx_pseudo_atom_details         ? 
# 
loop_
_refine_ls_restr.pdbx_refine_id 
_refine_ls_restr.criterion 
_refine_ls_restr.dev_ideal 
_refine_ls_restr.dev_ideal_target 
_refine_ls_restr.number 
_refine_ls_restr.rejects 
_refine_ls_restr.type 
_refine_ls_restr.weight 
_refine_ls_restr.pdbx_restraint_function 
'X-RAY DIFFRACTION' ? 0.0033  ? 761  ? f_bond_d           ? ? 
'X-RAY DIFFRACTION' ? 0.6108  ? 1023 ? f_angle_d          ? ? 
'X-RAY DIFFRACTION' ? 0.0521  ? 120  ? f_chiral_restr     ? ? 
'X-RAY DIFFRACTION' ? 0.0032  ? 130  ? f_plane_restr      ? ? 
'X-RAY DIFFRACTION' ? 13.5343 ? 282  ? f_dihedral_angle_d ? ? 
# 
loop_
_refine_ls_shell.pdbx_refine_id 
_refine_ls_shell.d_res_high 
_refine_ls_shell.d_res_low 
_refine_ls_shell.number_reflns_all 
_refine_ls_shell.number_reflns_obs 
_refine_ls_shell.number_reflns_R_free 
_refine_ls_shell.number_reflns_R_work 
_refine_ls_shell.percent_reflns_obs 
_refine_ls_shell.percent_reflns_R_free 
_refine_ls_shell.R_factor_all 
_refine_ls_shell.R_factor_obs 
_refine_ls_shell.R_factor_R_free_error 
_refine_ls_shell.R_factor_R_work 
_refine_ls_shell.redundancy_reflns_all 
_refine_ls_shell.redundancy_reflns_obs 
_refine_ls_shell.wR_factor_all 
_refine_ls_shell.wR_factor_obs 
_refine_ls_shell.wR_factor_R_free 
_refine_ls_shell.wR_factor_R_work 
_refine_ls_shell.pdbx_R_complete 
_refine_ls_shell.pdbx_total_number_of_bins_used 
_refine_ls_shell.pdbx_phase_error 
_refine_ls_shell.pdbx_fsc_work 
_refine_ls_shell.pdbx_fsc_free 
_refine_ls_shell.R_factor_R_free 
'X-RAY DIFFRACTION' 1.80 2.06  . . 152 2878 98.60 . . . . 0.2469 . . . . . . . . . . . 0.2790 
'X-RAY DIFFRACTION' 2.06 2.60  . . 152 2933 99.10 . . . . 0.2361 . . . . . . . . . . . 0.2469 
'X-RAY DIFFRACTION' 2.60 35.44 . . 159 3096 99.72 . . . . 0.2055 . . . . . . . . . . . 0.2257 
# 
_struct.entry_id                     8BV7 
_struct.title                        
'Crystal structure of the Trichoplax Scribble PDZ1 domain in complex with the Trichoplax phosphorylated Vangl peptide' 
_struct.pdbx_model_details           ? 
_struct.pdbx_formula_weight          ? 
_struct.pdbx_formula_weight_method   ? 
_struct.pdbx_model_type_details      ? 
_struct.pdbx_CASP_flag               N 
# 
_struct_keywords.entry_id        8BV7 
_struct_keywords.text            'PDZ domain, cell polarity, Scribble, Vangl, Trichopla, PROTEIN BINDING' 
_struct_keywords.pdbx_keywords   'PROTEIN BINDING' 
# 
loop_
_struct_asym.id 
_struct_asym.pdbx_blank_PDB_chainid_flag 
_struct_asym.pdbx_modified 
_struct_asym.entity_id 
_struct_asym.details 
A N N 1 ? 
B N N 2 ? 
C N N 3 ? 
D N N 3 ? 
# 
loop_
_struct_ref.id 
_struct_ref.db_name 
_struct_ref.db_code 
_struct_ref.pdbx_db_accession 
_struct_ref.pdbx_db_isoform 
_struct_ref.entity_id 
_struct_ref.pdbx_seq_one_letter_code 
_struct_ref.pdbx_align_begin 
1 UNP A0A369S7Y8_9METZ A0A369S7Y8 ? 1 
;EVIQALIFKDDGSLGLSISGGVGSSSFKSGDDGIFVSKIAKGGPCDNEGTLKIGDKILSVNEISFTGITHEKAVEILKNQ
DSKYMVVVERS
;
553 
2 PDB 8BV7             8BV7       ? 2 ? 1   
# 
loop_
_struct_ref_seq.align_id 
_struct_ref_seq.ref_id 
_struct_ref_seq.pdbx_PDB_id_code 
_struct_ref_seq.pdbx_strand_id 
_struct_ref_seq.seq_align_beg 
_struct_ref_seq.pdbx_seq_align_beg_ins_code 
_struct_ref_seq.seq_align_end 
_struct_ref_seq.pdbx_seq_align_end_ins_code 
_struct_ref_seq.pdbx_db_accession 
_struct_ref_seq.db_align_beg 
_struct_ref_seq.pdbx_db_align_beg_ins_code 
_struct_ref_seq.db_align_end 
_struct_ref_seq.pdbx_db_align_end_ins_code 
_struct_ref_seq.pdbx_auth_seq_align_beg 
_struct_ref_seq.pdbx_auth_seq_align_end 
1 1 8BV7 A 6 ? 96 ? A0A369S7Y8 553 ? 643 ? 1  91 
2 2 8BV7 B 1 ? 8  ? 8BV7       63  ? 70  ? 63 70 
# 
loop_
_struct_ref_seq_dif.align_id 
_struct_ref_seq_dif.pdbx_pdb_id_code 
_struct_ref_seq_dif.mon_id 
_struct_ref_seq_dif.pdbx_pdb_strand_id 
_struct_ref_seq_dif.seq_num 
_struct_ref_seq_dif.pdbx_pdb_ins_code 
_struct_ref_seq_dif.pdbx_seq_db_name 
_struct_ref_seq_dif.pdbx_seq_db_accession_code 
_struct_ref_seq_dif.db_mon_id 
_struct_ref_seq_dif.pdbx_seq_db_seq_num 
_struct_ref_seq_dif.details 
_struct_ref_seq_dif.pdbx_auth_seq_num 
_struct_ref_seq_dif.pdbx_ordinal 
1 8BV7 GLY A 1 ? UNP A0A369S7Y8 ? ? 'expression tag' -4 1 
1 8BV7 PRO A 2 ? UNP A0A369S7Y8 ? ? 'expression tag' -3 2 
1 8BV7 LEU A 3 ? UNP A0A369S7Y8 ? ? 'expression tag' -2 3 
1 8BV7 GLY A 4 ? UNP A0A369S7Y8 ? ? 'expression tag' -1 4 
1 8BV7 SER A 5 ? UNP A0A369S7Y8 ? ? 'expression tag' 0  5 
# 
_pdbx_struct_assembly.id                   1 
_pdbx_struct_assembly.details              author_and_software_defined_assembly 
_pdbx_struct_assembly.method_details       PISA 
_pdbx_struct_assembly.oligomeric_details   dimeric 
_pdbx_struct_assembly.oligomeric_count     2 
# 
loop_
_pdbx_struct_assembly_prop.biol_id 
_pdbx_struct_assembly_prop.type 
_pdbx_struct_assembly_prop.value 
_pdbx_struct_assembly_prop.details 
1 'ABSA (A^2)' 950  ? 
1 MORE         -4   ? 
1 'SSA (A^2)'  5590 ? 
# 
_pdbx_struct_assembly_gen.assembly_id       1 
_pdbx_struct_assembly_gen.oper_expression   1 
_pdbx_struct_assembly_gen.asym_id_list      A,B,C,D 
# 
_pdbx_struct_assembly_auth_evidence.id                     1 
_pdbx_struct_assembly_auth_evidence.assembly_id            1 
_pdbx_struct_assembly_auth_evidence.experimental_support   'isothermal titration calorimetry' 
_pdbx_struct_assembly_auth_evidence.details                ? 
# 
_pdbx_struct_oper_list.id                   1 
_pdbx_struct_oper_list.type                 'identity operation' 
_pdbx_struct_oper_list.name                 1_555 
_pdbx_struct_oper_list.symmetry_operation   x,y,z 
_pdbx_struct_oper_list.matrix[1][1]         1.0000000000 
_pdbx_struct_oper_list.matrix[1][2]         0.0000000000 
_pdbx_struct_oper_list.matrix[1][3]         0.0000000000 
_pdbx_struct_oper_list.vector[1]            0.0000000000 
_pdbx_struct_oper_list.matrix[2][1]         0.0000000000 
_pdbx_struct_oper_list.matrix[2][2]         1.0000000000 
_pdbx_struct_oper_list.matrix[2][3]         0.0000000000 
_pdbx_struct_oper_list.vector[2]            0.0000000000 
_pdbx_struct_oper_list.matrix[3][1]         0.0000000000 
_pdbx_struct_oper_list.matrix[3][2]         0.0000000000 
_pdbx_struct_oper_list.matrix[3][3]         1.0000000000 
_pdbx_struct_oper_list.vector[3]            0.0000000000 
# 
loop_
_struct_conf.conf_type_id 
_struct_conf.id 
_struct_conf.pdbx_PDB_helix_id 
_struct_conf.beg_label_comp_id 
_struct_conf.beg_label_asym_id 
_struct_conf.beg_label_seq_id 
_struct_conf.pdbx_beg_PDB_ins_code 
_struct_conf.end_label_comp_id 
_struct_conf.end_label_asym_id 
_struct_conf.end_label_seq_id 
_struct_conf.pdbx_end_PDB_ins_code 
_struct_conf.beg_auth_comp_id 
_struct_conf.beg_auth_asym_id 
_struct_conf.beg_auth_seq_id 
_struct_conf.end_auth_comp_id 
_struct_conf.end_auth_asym_id 
_struct_conf.end_auth_seq_id 
_struct_conf.pdbx_PDB_helix_class 
_struct_conf.details 
_struct_conf.pdbx_PDB_helix_length 
HELX_P HELX_P1 AA1 GLY A 48 ? GLY A 54 ? GLY A 43 GLY A 49 1 ? 7  
HELX_P HELX_P2 AA2 THR A 74 ? LYS A 83 ? THR A 69 LYS A 78 1 ? 10 
# 
_struct_conf_type.id          HELX_P 
_struct_conf_type.criteria    ? 
_struct_conf_type.reference   ? 
# 
loop_
_struct_conn.id 
_struct_conn.conn_type_id 
_struct_conn.pdbx_leaving_atom_flag 
_struct_conn.pdbx_PDB_id 
_struct_conn.ptnr1_label_asym_id 
_struct_conn.ptnr1_label_comp_id 
_struct_conn.ptnr1_label_seq_id 
_struct_conn.ptnr1_label_atom_id 
_struct_conn.pdbx_ptnr1_label_alt_id 
_struct_conn.pdbx_ptnr1_PDB_ins_code 
_struct_conn.pdbx_ptnr1_standard_comp_id 
_struct_conn.ptnr1_symmetry 
_struct_conn.ptnr2_label_asym_id 
_struct_conn.ptnr2_label_comp_id 
_struct_conn.ptnr2_label_seq_id 
_struct_conn.ptnr2_label_atom_id 
_struct_conn.pdbx_ptnr2_label_alt_id 
_struct_conn.pdbx_ptnr2_PDB_ins_code 
_struct_conn.ptnr1_auth_asym_id 
_struct_conn.ptnr1_auth_comp_id 
_struct_conn.ptnr1_auth_seq_id 
_struct_conn.ptnr2_auth_asym_id 
_struct_conn.ptnr2_auth_comp_id 
_struct_conn.ptnr2_auth_seq_id 
_struct_conn.ptnr2_symmetry 
_struct_conn.pdbx_ptnr3_label_atom_id 
_struct_conn.pdbx_ptnr3_label_seq_id 
_struct_conn.pdbx_ptnr3_label_comp_id 
_struct_conn.pdbx_ptnr3_label_asym_id 
_struct_conn.pdbx_ptnr3_label_alt_id 
_struct_conn.pdbx_ptnr3_PDB_ins_code 
_struct_conn.details 
_struct_conn.pdbx_dist_value 
_struct_conn.pdbx_value_order 
_struct_conn.pdbx_role 
covale1 covale both ? B THR 6 C ? ? ? 1_555 B SEP 7 N ? ? B THR 68 B SEP 69 1_555 ? ? ? ? ? ? ? 1.327 ? ? 
covale2 covale both ? B SEP 7 C ? ? ? 1_555 B VAL 8 N ? ? B SEP 69 B VAL 70 1_555 ? ? ? ? ? ? ? 1.328 ? ? 
# 
_struct_conn_type.id          covale 
_struct_conn_type.criteria    ? 
_struct_conn_type.reference   ? 
# 
_pdbx_modification_feature.ordinal                            1 
_pdbx_modification_feature.label_comp_id                      SEP 
_pdbx_modification_feature.label_asym_id                      B 
_pdbx_modification_feature.label_seq_id                       7 
_pdbx_modification_feature.label_alt_id                       ? 
_pdbx_modification_feature.modified_residue_label_comp_id     . 
_pdbx_modification_feature.modified_residue_label_asym_id     . 
_pdbx_modification_feature.modified_residue_label_seq_id      . 
_pdbx_modification_feature.modified_residue_label_alt_id      . 
_pdbx_modification_feature.auth_comp_id                       SEP 
_pdbx_modification_feature.auth_asym_id                       B 
_pdbx_modification_feature.auth_seq_id                        69 
_pdbx_modification_feature.PDB_ins_code                       ? 
_pdbx_modification_feature.symmetry                           1_555 
_pdbx_modification_feature.modified_residue_auth_comp_id      . 
_pdbx_modification_feature.modified_residue_auth_asym_id      . 
_pdbx_modification_feature.modified_residue_auth_seq_id       . 
_pdbx_modification_feature.modified_residue_PDB_ins_code      . 
_pdbx_modification_feature.modified_residue_symmetry          . 
_pdbx_modification_feature.comp_id_linking_atom               . 
_pdbx_modification_feature.modified_residue_id_linking_atom   . 
_pdbx_modification_feature.modified_residue_id                SER 
_pdbx_modification_feature.ref_pcm_id                         1 
_pdbx_modification_feature.ref_comp_id                        SEP 
_pdbx_modification_feature.type                               Phosphorylation 
_pdbx_modification_feature.category                           'Named protein modification' 
# 
loop_
_struct_sheet.id 
_struct_sheet.type 
_struct_sheet.number_strands 
_struct_sheet.details 
AA1 ? 4 ? 
AA2 ? 3 ? 
# 
loop_
_struct_sheet_order.sheet_id 
_struct_sheet_order.range_id_1 
_struct_sheet_order.range_id_2 
_struct_sheet_order.offset 
_struct_sheet_order.sense 
AA1 1 2 ? anti-parallel 
AA1 2 3 ? anti-parallel 
AA1 3 4 ? anti-parallel 
AA2 1 2 ? anti-parallel 
AA2 2 3 ? anti-parallel 
# 
loop_
_struct_sheet_range.sheet_id 
_struct_sheet_range.id 
_struct_sheet_range.beg_label_comp_id 
_struct_sheet_range.beg_label_asym_id 
_struct_sheet_range.beg_label_seq_id 
_struct_sheet_range.pdbx_beg_PDB_ins_code 
_struct_sheet_range.end_label_comp_id 
_struct_sheet_range.end_label_asym_id 
_struct_sheet_range.end_label_seq_id 
_struct_sheet_range.pdbx_end_PDB_ins_code 
_struct_sheet_range.beg_auth_comp_id 
_struct_sheet_range.beg_auth_asym_id 
_struct_sheet_range.beg_auth_seq_id 
_struct_sheet_range.end_auth_comp_id 
_struct_sheet_range.end_auth_asym_id 
_struct_sheet_range.end_auth_seq_id 
AA1 1 GLU A 6  ? PHE A 13 ? GLU A 1  PHE A 8  
AA1 2 LYS A 88 ? ARG A 95 ? LYS A 83 ARG A 90 
AA1 3 LYS A 61 ? VAL A 65 ? LYS A 56 VAL A 60 
AA1 4 ILE A 68 ? SER A 69 ? ILE A 63 SER A 64 
AA2 1 ILE A 39 ? ILE A 44 ? ILE A 34 ILE A 39 
AA2 2 LEU A 21 ? GLY A 25 ? LEU A 16 GLY A 20 
AA2 3 GLU B 5  ? VAL B 8  ? GLU B 67 VAL B 70 
# 
loop_
_pdbx_struct_sheet_hbond.sheet_id 
_pdbx_struct_sheet_hbond.range_id_1 
_pdbx_struct_sheet_hbond.range_id_2 
_pdbx_struct_sheet_hbond.range_1_label_atom_id 
_pdbx_struct_sheet_hbond.range_1_label_comp_id 
_pdbx_struct_sheet_hbond.range_1_label_asym_id 
_pdbx_struct_sheet_hbond.range_1_label_seq_id 
_pdbx_struct_sheet_hbond.range_1_PDB_ins_code 
_pdbx_struct_sheet_hbond.range_1_auth_atom_id 
_pdbx_struct_sheet_hbond.range_1_auth_comp_id 
_pdbx_struct_sheet_hbond.range_1_auth_asym_id 
_pdbx_struct_sheet_hbond.range_1_auth_seq_id 
_pdbx_struct_sheet_hbond.range_2_label_atom_id 
_pdbx_struct_sheet_hbond.range_2_label_comp_id 
_pdbx_struct_sheet_hbond.range_2_label_asym_id 
_pdbx_struct_sheet_hbond.range_2_label_seq_id 
_pdbx_struct_sheet_hbond.range_2_PDB_ins_code 
_pdbx_struct_sheet_hbond.range_2_auth_atom_id 
_pdbx_struct_sheet_hbond.range_2_auth_comp_id 
_pdbx_struct_sheet_hbond.range_2_auth_asym_id 
_pdbx_struct_sheet_hbond.range_2_auth_seq_id 
AA1 1 2 N ALA A 10 ? N ALA A 5  O VAL A 91 ? O VAL A 86 
AA1 2 3 O VAL A 92 ? O VAL A 87 N LEU A 63 ? N LEU A 58 
AA1 3 4 N VAL A 65 ? N VAL A 60 O ILE A 68 ? O ILE A 63 
AA2 1 2 O PHE A 40 ? O PHE A 35 N SER A 24 ? N SER A 19 
AA2 2 3 N LEU A 21 ? N LEU A 16 O VAL B 8  ? O VAL B 70 
# 
_pdbx_entry_details.entry_id                   8BV7 
_pdbx_entry_details.has_ligand_of_interest     N 
_pdbx_entry_details.compound_details           ? 
_pdbx_entry_details.source_details             ? 
_pdbx_entry_details.nonpolymer_details         ? 
_pdbx_entry_details.sequence_details           ? 
_pdbx_entry_details.has_protein_modification   Y 
# 
_pdbx_validate_symm_contact.id                1 
_pdbx_validate_symm_contact.PDB_model_num     1 
_pdbx_validate_symm_contact.auth_atom_id_1    O 
_pdbx_validate_symm_contact.auth_asym_id_1    A 
_pdbx_validate_symm_contact.auth_comp_id_1    HOH 
_pdbx_validate_symm_contact.auth_seq_id_1     148 
_pdbx_validate_symm_contact.PDB_ins_code_1    ? 
_pdbx_validate_symm_contact.label_alt_id_1    ? 
_pdbx_validate_symm_contact.site_symmetry_1   1_555 
_pdbx_validate_symm_contact.auth_atom_id_2    O 
_pdbx_validate_symm_contact.auth_asym_id_2    A 
_pdbx_validate_symm_contact.auth_comp_id_2    HOH 
_pdbx_validate_symm_contact.auth_seq_id_2     151 
_pdbx_validate_symm_contact.PDB_ins_code_2    ? 
_pdbx_validate_symm_contact.label_alt_id_2    ? 
_pdbx_validate_symm_contact.site_symmetry_2   4_555 
_pdbx_validate_symm_contact.dist              2.06 
# 
loop_
_space_group_symop.id 
_space_group_symop.operation_xyz 
1 x,y,z           
2 x+1/2,-y+1/2,-z 
3 -x,y+1/2,-z+1/2 
4 -x+1/2,-y,z+1/2 
# 
_pdbx_unobs_or_zero_occ_residues.id               1 
_pdbx_unobs_or_zero_occ_residues.PDB_model_num    1 
_pdbx_unobs_or_zero_occ_residues.polymer_flag     Y 
_pdbx_unobs_or_zero_occ_residues.occupancy_flag   1 
_pdbx_unobs_or_zero_occ_residues.auth_asym_id     A 
_pdbx_unobs_or_zero_occ_residues.auth_comp_id     GLY 
_pdbx_unobs_or_zero_occ_residues.auth_seq_id      -4 
_pdbx_unobs_or_zero_occ_residues.PDB_ins_code     ? 
_pdbx_unobs_or_zero_occ_residues.label_asym_id    A 
_pdbx_unobs_or_zero_occ_residues.label_comp_id    GLY 
_pdbx_unobs_or_zero_occ_residues.label_seq_id     1 
# 
loop_
_chem_comp_atom.comp_id 
_chem_comp_atom.atom_id 
_chem_comp_atom.type_symbol 
_chem_comp_atom.pdbx_aromatic_flag 
_chem_comp_atom.pdbx_stereo_config 
_chem_comp_atom.pdbx_ordinal 
ALA N    N N N 1   
ALA CA   C N S 2   
ALA C    C N N 3   
ALA O    O N N 4   
ALA CB   C N N 5   
ALA OXT  O N N 6   
ALA H    H N N 7   
ALA H2   H N N 8   
ALA HA   H N N 9   
ALA HB1  H N N 10  
ALA HB2  H N N 11  
ALA HB3  H N N 12  
ALA HXT  H N N 13  
ARG N    N N N 14  
ARG CA   C N S 15  
ARG C    C N N 16  
ARG O    O N N 17  
ARG CB   C N N 18  
ARG CG   C N N 19  
ARG CD   C N N 20  
ARG NE   N N N 21  
ARG CZ   C N N 22  
ARG NH1  N N N 23  
ARG NH2  N N N 24  
ARG OXT  O N N 25  
ARG H    H N N 26  
ARG H2   H N N 27  
ARG HA   H N N 28  
ARG HB2  H N N 29  
ARG HB3  H N N 30  
ARG HG2  H N N 31  
ARG HG3  H N N 32  
ARG HD2  H N N 33  
ARG HD3  H N N 34  
ARG HE   H N N 35  
ARG HH11 H N N 36  
ARG HH12 H N N 37  
ARG HH21 H N N 38  
ARG HH22 H N N 39  
ARG HXT  H N N 40  
ASN N    N N N 41  
ASN CA   C N S 42  
ASN C    C N N 43  
ASN O    O N N 44  
ASN CB   C N N 45  
ASN CG   C N N 46  
ASN OD1  O N N 47  
ASN ND2  N N N 48  
ASN OXT  O N N 49  
ASN H    H N N 50  
ASN H2   H N N 51  
ASN HA   H N N 52  
ASN HB2  H N N 53  
ASN HB3  H N N 54  
ASN HD21 H N N 55  
ASN HD22 H N N 56  
ASN HXT  H N N 57  
ASP N    N N N 58  
ASP CA   C N S 59  
ASP C    C N N 60  
ASP O    O N N 61  
ASP CB   C N N 62  
ASP CG   C N N 63  
ASP OD1  O N N 64  
ASP OD2  O N N 65  
ASP OXT  O N N 66  
ASP H    H N N 67  
ASP H2   H N N 68  
ASP HA   H N N 69  
ASP HB2  H N N 70  
ASP HB3  H N N 71  
ASP HD2  H N N 72  
ASP HXT  H N N 73  
CYS N    N N N 74  
CYS CA   C N R 75  
CYS C    C N N 76  
CYS O    O N N 77  
CYS CB   C N N 78  
CYS SG   S N N 79  
CYS OXT  O N N 80  
CYS H    H N N 81  
CYS H2   H N N 82  
CYS HA   H N N 83  
CYS HB2  H N N 84  
CYS HB3  H N N 85  
CYS HG   H N N 86  
CYS HXT  H N N 87  
GLN N    N N N 88  
GLN CA   C N S 89  
GLN C    C N N 90  
GLN O    O N N 91  
GLN CB   C N N 92  
GLN CG   C N N 93  
GLN CD   C N N 94  
GLN OE1  O N N 95  
GLN NE2  N N N 96  
GLN OXT  O N N 97  
GLN H    H N N 98  
GLN H2   H N N 99  
GLN HA   H N N 100 
GLN HB2  H N N 101 
GLN HB3  H N N 102 
GLN HG2  H N N 103 
GLN HG3  H N N 104 
GLN HE21 H N N 105 
GLN HE22 H N N 106 
GLN HXT  H N N 107 
GLU N    N N N 108 
GLU CA   C N S 109 
GLU C    C N N 110 
GLU O    O N N 111 
GLU CB   C N N 112 
GLU CG   C N N 113 
GLU CD   C N N 114 
GLU OE1  O N N 115 
GLU OE2  O N N 116 
GLU OXT  O N N 117 
GLU H    H N N 118 
GLU H2   H N N 119 
GLU HA   H N N 120 
GLU HB2  H N N 121 
GLU HB3  H N N 122 
GLU HG2  H N N 123 
GLU HG3  H N N 124 
GLU HE2  H N N 125 
GLU HXT  H N N 126 
GLY N    N N N 127 
GLY CA   C N N 128 
GLY C    C N N 129 
GLY O    O N N 130 
GLY OXT  O N N 131 
GLY H    H N N 132 
GLY H2   H N N 133 
GLY HA2  H N N 134 
GLY HA3  H N N 135 
GLY HXT  H N N 136 
HIS N    N N N 137 
HIS CA   C N S 138 
HIS C    C N N 139 
HIS O    O N N 140 
HIS CB   C N N 141 
HIS CG   C Y N 142 
HIS ND1  N Y N 143 
HIS CD2  C Y N 144 
HIS CE1  C Y N 145 
HIS NE2  N Y N 146 
HIS OXT  O N N 147 
HIS H    H N N 148 
HIS H2   H N N 149 
HIS HA   H N N 150 
HIS HB2  H N N 151 
HIS HB3  H N N 152 
HIS HD1  H N N 153 
HIS HD2  H N N 154 
HIS HE1  H N N 155 
HIS HE2  H N N 156 
HIS HXT  H N N 157 
HOH O    O N N 158 
HOH H1   H N N 159 
HOH H2   H N N 160 
ILE N    N N N 161 
ILE CA   C N S 162 
ILE C    C N N 163 
ILE O    O N N 164 
ILE CB   C N S 165 
ILE CG1  C N N 166 
ILE CG2  C N N 167 
ILE CD1  C N N 168 
ILE OXT  O N N 169 
ILE H    H N N 170 
ILE H2   H N N 171 
ILE HA   H N N 172 
ILE HB   H N N 173 
ILE HG12 H N N 174 
ILE HG13 H N N 175 
ILE HG21 H N N 176 
ILE HG22 H N N 177 
ILE HG23 H N N 178 
ILE HD11 H N N 179 
ILE HD12 H N N 180 
ILE HD13 H N N 181 
ILE HXT  H N N 182 
LEU N    N N N 183 
LEU CA   C N S 184 
LEU C    C N N 185 
LEU O    O N N 186 
LEU CB   C N N 187 
LEU CG   C N N 188 
LEU CD1  C N N 189 
LEU CD2  C N N 190 
LEU OXT  O N N 191 
LEU H    H N N 192 
LEU H2   H N N 193 
LEU HA   H N N 194 
LEU HB2  H N N 195 
LEU HB3  H N N 196 
LEU HG   H N N 197 
LEU HD11 H N N 198 
LEU HD12 H N N 199 
LEU HD13 H N N 200 
LEU HD21 H N N 201 
LEU HD22 H N N 202 
LEU HD23 H N N 203 
LEU HXT  H N N 204 
LYS N    N N N 205 
LYS CA   C N S 206 
LYS C    C N N 207 
LYS O    O N N 208 
LYS CB   C N N 209 
LYS CG   C N N 210 
LYS CD   C N N 211 
LYS CE   C N N 212 
LYS NZ   N N N 213 
LYS OXT  O N N 214 
LYS H    H N N 215 
LYS H2   H N N 216 
LYS HA   H N N 217 
LYS HB2  H N N 218 
LYS HB3  H N N 219 
LYS HG2  H N N 220 
LYS HG3  H N N 221 
LYS HD2  H N N 222 
LYS HD3  H N N 223 
LYS HE2  H N N 224 
LYS HE3  H N N 225 
LYS HZ1  H N N 226 
LYS HZ2  H N N 227 
LYS HZ3  H N N 228 
LYS HXT  H N N 229 
MET N    N N N 230 
MET CA   C N S 231 
MET C    C N N 232 
MET O    O N N 233 
MET CB   C N N 234 
MET CG   C N N 235 
MET SD   S N N 236 
MET CE   C N N 237 
MET OXT  O N N 238 
MET H    H N N 239 
MET H2   H N N 240 
MET HA   H N N 241 
MET HB2  H N N 242 
MET HB3  H N N 243 
MET HG2  H N N 244 
MET HG3  H N N 245 
MET HE1  H N N 246 
MET HE2  H N N 247 
MET HE3  H N N 248 
MET HXT  H N N 249 
PHE N    N N N 250 
PHE CA   C N S 251 
PHE C    C N N 252 
PHE O    O N N 253 
PHE CB   C N N 254 
PHE CG   C Y N 255 
PHE CD1  C Y N 256 
PHE CD2  C Y N 257 
PHE CE1  C Y N 258 
PHE CE2  C Y N 259 
PHE CZ   C Y N 260 
PHE OXT  O N N 261 
PHE H    H N N 262 
PHE H2   H N N 263 
PHE HA   H N N 264 
PHE HB2  H N N 265 
PHE HB3  H N N 266 
PHE HD1  H N N 267 
PHE HD2  H N N 268 
PHE HE1  H N N 269 
PHE HE2  H N N 270 
PHE HZ   H N N 271 
PHE HXT  H N N 272 
PRO N    N N N 273 
PRO CA   C N S 274 
PRO C    C N N 275 
PRO O    O N N 276 
PRO CB   C N N 277 
PRO CG   C N N 278 
PRO CD   C N N 279 
PRO OXT  O N N 280 
PRO H    H N N 281 
PRO HA   H N N 282 
PRO HB2  H N N 283 
PRO HB3  H N N 284 
PRO HG2  H N N 285 
PRO HG3  H N N 286 
PRO HD2  H N N 287 
PRO HD3  H N N 288 
PRO HXT  H N N 289 
SEP N    N N N 290 
SEP CA   C N S 291 
SEP CB   C N N 292 
SEP OG   O N N 293 
SEP C    C N N 294 
SEP O    O N N 295 
SEP OXT  O N N 296 
SEP P    P N N 297 
SEP O1P  O N N 298 
SEP O2P  O N N 299 
SEP O3P  O N N 300 
SEP H    H N N 301 
SEP H2   H N N 302 
SEP HA   H N N 303 
SEP HB2  H N N 304 
SEP HB3  H N N 305 
SEP HXT  H N N 306 
SEP HOP2 H N N 307 
SEP HOP3 H N N 308 
SER N    N N N 309 
SER CA   C N S 310 
SER C    C N N 311 
SER O    O N N 312 
SER CB   C N N 313 
SER OG   O N N 314 
SER OXT  O N N 315 
SER H    H N N 316 
SER H2   H N N 317 
SER HA   H N N 318 
SER HB2  H N N 319 
SER HB3  H N N 320 
SER HG   H N N 321 
SER HXT  H N N 322 
THR N    N N N 323 
THR CA   C N S 324 
THR C    C N N 325 
THR O    O N N 326 
THR CB   C N R 327 
THR OG1  O N N 328 
THR CG2  C N N 329 
THR OXT  O N N 330 
THR H    H N N 331 
THR H2   H N N 332 
THR HA   H N N 333 
THR HB   H N N 334 
THR HG1  H N N 335 
THR HG21 H N N 336 
THR HG22 H N N 337 
THR HG23 H N N 338 
THR HXT  H N N 339 
TYR N    N N N 340 
TYR CA   C N S 341 
TYR C    C N N 342 
TYR O    O N N 343 
TYR CB   C N N 344 
TYR CG   C Y N 345 
TYR CD1  C Y N 346 
TYR CD2  C Y N 347 
TYR CE1  C Y N 348 
TYR CE2  C Y N 349 
TYR CZ   C Y N 350 
TYR OH   O N N 351 
TYR OXT  O N N 352 
TYR H    H N N 353 
TYR H2   H N N 354 
TYR HA   H N N 355 
TYR HB2  H N N 356 
TYR HB3  H N N 357 
TYR HD1  H N N 358 
TYR HD2  H N N 359 
TYR HE1  H N N 360 
TYR HE2  H N N 361 
TYR HH   H N N 362 
TYR HXT  H N N 363 
VAL N    N N N 364 
VAL CA   C N S 365 
VAL C    C N N 366 
VAL O    O N N 367 
VAL CB   C N N 368 
VAL CG1  C N N 369 
VAL CG2  C N N 370 
VAL OXT  O N N 371 
VAL H    H N N 372 
VAL H2   H N N 373 
VAL HA   H N N 374 
VAL HB   H N N 375 
VAL HG11 H N N 376 
VAL HG12 H N N 377 
VAL HG13 H N N 378 
VAL HG21 H N N 379 
VAL HG22 H N N 380 
VAL HG23 H N N 381 
VAL HXT  H N N 382 
# 
loop_
_chem_comp_bond.comp_id 
_chem_comp_bond.atom_id_1 
_chem_comp_bond.atom_id_2 
_chem_comp_bond.value_order 
_chem_comp_bond.pdbx_aromatic_flag 
_chem_comp_bond.pdbx_stereo_config 
_chem_comp_bond.pdbx_ordinal 
ALA N   CA   sing N N 1   
ALA N   H    sing N N 2   
ALA N   H2   sing N N 3   
ALA CA  C    sing N N 4   
ALA CA  CB   sing N N 5   
ALA CA  HA   sing N N 6   
ALA C   O    doub N N 7   
ALA C   OXT  sing N N 8   
ALA CB  HB1  sing N N 9   
ALA CB  HB2  sing N N 10  
ALA CB  HB3  sing N N 11  
ALA OXT HXT  sing N N 12  
ARG N   CA   sing N N 13  
ARG N   H    sing N N 14  
ARG N   H2   sing N N 15  
ARG CA  C    sing N N 16  
ARG CA  CB   sing N N 17  
ARG CA  HA   sing N N 18  
ARG C   O    doub N N 19  
ARG C   OXT  sing N N 20  
ARG CB  CG   sing N N 21  
ARG CB  HB2  sing N N 22  
ARG CB  HB3  sing N N 23  
ARG CG  CD   sing N N 24  
ARG CG  HG2  sing N N 25  
ARG CG  HG3  sing N N 26  
ARG CD  NE   sing N N 27  
ARG CD  HD2  sing N N 28  
ARG CD  HD3  sing N N 29  
ARG NE  CZ   sing N N 30  
ARG NE  HE   sing N N 31  
ARG CZ  NH1  sing N N 32  
ARG CZ  NH2  doub N N 33  
ARG NH1 HH11 sing N N 34  
ARG NH1 HH12 sing N N 35  
ARG NH2 HH21 sing N N 36  
ARG NH2 HH22 sing N N 37  
ARG OXT HXT  sing N N 38  
ASN N   CA   sing N N 39  
ASN N   H    sing N N 40  
ASN N   H2   sing N N 41  
ASN CA  C    sing N N 42  
ASN CA  CB   sing N N 43  
ASN CA  HA   sing N N 44  
ASN C   O    doub N N 45  
ASN C   OXT  sing N N 46  
ASN CB  CG   sing N N 47  
ASN CB  HB2  sing N N 48  
ASN CB  HB3  sing N N 49  
ASN CG  OD1  doub N N 50  
ASN CG  ND2  sing N N 51  
ASN ND2 HD21 sing N N 52  
ASN ND2 HD22 sing N N 53  
ASN OXT HXT  sing N N 54  
ASP N   CA   sing N N 55  
ASP N   H    sing N N 56  
ASP N   H2   sing N N 57  
ASP CA  C    sing N N 58  
ASP CA  CB   sing N N 59  
ASP CA  HA   sing N N 60  
ASP C   O    doub N N 61  
ASP C   OXT  sing N N 62  
ASP CB  CG   sing N N 63  
ASP CB  HB2  sing N N 64  
ASP CB  HB3  sing N N 65  
ASP CG  OD1  doub N N 66  
ASP CG  OD2  sing N N 67  
ASP OD2 HD2  sing N N 68  
ASP OXT HXT  sing N N 69  
CYS N   CA   sing N N 70  
CYS N   H    sing N N 71  
CYS N   H2   sing N N 72  
CYS CA  C    sing N N 73  
CYS CA  CB   sing N N 74  
CYS CA  HA   sing N N 75  
CYS C   O    doub N N 76  
CYS C   OXT  sing N N 77  
CYS CB  SG   sing N N 78  
CYS CB  HB2  sing N N 79  
CYS CB  HB3  sing N N 80  
CYS SG  HG   sing N N 81  
CYS OXT HXT  sing N N 82  
GLN N   CA   sing N N 83  
GLN N   H    sing N N 84  
GLN N   H2   sing N N 85  
GLN CA  C    sing N N 86  
GLN CA  CB   sing N N 87  
GLN CA  HA   sing N N 88  
GLN C   O    doub N N 89  
GLN C   OXT  sing N N 90  
GLN CB  CG   sing N N 91  
GLN CB  HB2  sing N N 92  
GLN CB  HB3  sing N N 93  
GLN CG  CD   sing N N 94  
GLN CG  HG2  sing N N 95  
GLN CG  HG3  sing N N 96  
GLN CD  OE1  doub N N 97  
GLN CD  NE2  sing N N 98  
GLN NE2 HE21 sing N N 99  
GLN NE2 HE22 sing N N 100 
GLN OXT HXT  sing N N 101 
GLU N   CA   sing N N 102 
GLU N   H    sing N N 103 
GLU N   H2   sing N N 104 
GLU CA  C    sing N N 105 
GLU CA  CB   sing N N 106 
GLU CA  HA   sing N N 107 
GLU C   O    doub N N 108 
GLU C   OXT  sing N N 109 
GLU CB  CG   sing N N 110 
GLU CB  HB2  sing N N 111 
GLU CB  HB3  sing N N 112 
GLU CG  CD   sing N N 113 
GLU CG  HG2  sing N N 114 
GLU CG  HG3  sing N N 115 
GLU CD  OE1  doub N N 116 
GLU CD  OE2  sing N N 117 
GLU OE2 HE2  sing N N 118 
GLU OXT HXT  sing N N 119 
GLY N   CA   sing N N 120 
GLY N   H    sing N N 121 
GLY N   H2   sing N N 122 
GLY CA  C    sing N N 123 
GLY CA  HA2  sing N N 124 
GLY CA  HA3  sing N N 125 
GLY C   O    doub N N 126 
GLY C   OXT  sing N N 127 
GLY OXT HXT  sing N N 128 
HIS N   CA   sing N N 129 
HIS N   H    sing N N 130 
HIS N   H2   sing N N 131 
HIS CA  C    sing N N 132 
HIS CA  CB   sing N N 133 
HIS CA  HA   sing N N 134 
HIS C   O    doub N N 135 
HIS C   OXT  sing N N 136 
HIS CB  CG   sing N N 137 
HIS CB  HB2  sing N N 138 
HIS CB  HB3  sing N N 139 
HIS CG  ND1  sing Y N 140 
HIS CG  CD2  doub Y N 141 
HIS ND1 CE1  doub Y N 142 
HIS ND1 HD1  sing N N 143 
HIS CD2 NE2  sing Y N 144 
HIS CD2 HD2  sing N N 145 
HIS CE1 NE2  sing Y N 146 
HIS CE1 HE1  sing N N 147 
HIS NE2 HE2  sing N N 148 
HIS OXT HXT  sing N N 149 
HOH O   H1   sing N N 150 
HOH O   H2   sing N N 151 
ILE N   CA   sing N N 152 
ILE N   H    sing N N 153 
ILE N   H2   sing N N 154 
ILE CA  C    sing N N 155 
ILE CA  CB   sing N N 156 
ILE CA  HA   sing N N 157 
ILE C   O    doub N N 158 
ILE C   OXT  sing N N 159 
ILE CB  CG1  sing N N 160 
ILE CB  CG2  sing N N 161 
ILE CB  HB   sing N N 162 
ILE CG1 CD1  sing N N 163 
ILE CG1 HG12 sing N N 164 
ILE CG1 HG13 sing N N 165 
ILE CG2 HG21 sing N N 166 
ILE CG2 HG22 sing N N 167 
ILE CG2 HG23 sing N N 168 
ILE CD1 HD11 sing N N 169 
ILE CD1 HD12 sing N N 170 
ILE CD1 HD13 sing N N 171 
ILE OXT HXT  sing N N 172 
LEU N   CA   sing N N 173 
LEU N   H    sing N N 174 
LEU N   H2   sing N N 175 
LEU CA  C    sing N N 176 
LEU CA  CB   sing N N 177 
LEU CA  HA   sing N N 178 
LEU C   O    doub N N 179 
LEU C   OXT  sing N N 180 
LEU CB  CG   sing N N 181 
LEU CB  HB2  sing N N 182 
LEU CB  HB3  sing N N 183 
LEU CG  CD1  sing N N 184 
LEU CG  CD2  sing N N 185 
LEU CG  HG   sing N N 186 
LEU CD1 HD11 sing N N 187 
LEU CD1 HD12 sing N N 188 
LEU CD1 HD13 sing N N 189 
LEU CD2 HD21 sing N N 190 
LEU CD2 HD22 sing N N 191 
LEU CD2 HD23 sing N N 192 
LEU OXT HXT  sing N N 193 
LYS N   CA   sing N N 194 
LYS N   H    sing N N 195 
LYS N   H2   sing N N 196 
LYS CA  C    sing N N 197 
LYS CA  CB   sing N N 198 
LYS CA  HA   sing N N 199 
LYS C   O    doub N N 200 
LYS C   OXT  sing N N 201 
LYS CB  CG   sing N N 202 
LYS CB  HB2  sing N N 203 
LYS CB  HB3  sing N N 204 
LYS CG  CD   sing N N 205 
LYS CG  HG2  sing N N 206 
LYS CG  HG3  sing N N 207 
LYS CD  CE   sing N N 208 
LYS CD  HD2  sing N N 209 
LYS CD  HD3  sing N N 210 
LYS CE  NZ   sing N N 211 
LYS CE  HE2  sing N N 212 
LYS CE  HE3  sing N N 213 
LYS NZ  HZ1  sing N N 214 
LYS NZ  HZ2  sing N N 215 
LYS NZ  HZ3  sing N N 216 
LYS OXT HXT  sing N N 217 
MET N   CA   sing N N 218 
MET N   H    sing N N 219 
MET N   H2   sing N N 220 
MET CA  C    sing N N 221 
MET CA  CB   sing N N 222 
MET CA  HA   sing N N 223 
MET C   O    doub N N 224 
MET C   OXT  sing N N 225 
MET CB  CG   sing N N 226 
MET CB  HB2  sing N N 227 
MET CB  HB3  sing N N 228 
MET CG  SD   sing N N 229 
MET CG  HG2  sing N N 230 
MET CG  HG3  sing N N 231 
MET SD  CE   sing N N 232 
MET CE  HE1  sing N N 233 
MET CE  HE2  sing N N 234 
MET CE  HE3  sing N N 235 
MET OXT HXT  sing N N 236 
PHE N   CA   sing N N 237 
PHE N   H    sing N N 238 
PHE N   H2   sing N N 239 
PHE CA  C    sing N N 240 
PHE CA  CB   sing N N 241 
PHE CA  HA   sing N N 242 
PHE C   O    doub N N 243 
PHE C   OXT  sing N N 244 
PHE CB  CG   sing N N 245 
PHE CB  HB2  sing N N 246 
PHE CB  HB3  sing N N 247 
PHE CG  CD1  doub Y N 248 
PHE CG  CD2  sing Y N 249 
PHE CD1 CE1  sing Y N 250 
PHE CD1 HD1  sing N N 251 
PHE CD2 CE2  doub Y N 252 
PHE CD2 HD2  sing N N 253 
PHE CE1 CZ   doub Y N 254 
PHE CE1 HE1  sing N N 255 
PHE CE2 CZ   sing Y N 256 
PHE CE2 HE2  sing N N 257 
PHE CZ  HZ   sing N N 258 
PHE OXT HXT  sing N N 259 
PRO N   CA   sing N N 260 
PRO N   CD   sing N N 261 
PRO N   H    sing N N 262 
PRO CA  C    sing N N 263 
PRO CA  CB   sing N N 264 
PRO CA  HA   sing N N 265 
PRO C   O    doub N N 266 
PRO C   OXT  sing N N 267 
PRO CB  CG   sing N N 268 
PRO CB  HB2  sing N N 269 
PRO CB  HB3  sing N N 270 
PRO CG  CD   sing N N 271 
PRO CG  HG2  sing N N 272 
PRO CG  HG3  sing N N 273 
PRO CD  HD2  sing N N 274 
PRO CD  HD3  sing N N 275 
PRO OXT HXT  sing N N 276 
SEP N   CA   sing N N 277 
SEP N   H    sing N N 278 
SEP N   H2   sing N N 279 
SEP CA  CB   sing N N 280 
SEP CA  C    sing N N 281 
SEP CA  HA   sing N N 282 
SEP CB  OG   sing N N 283 
SEP CB  HB2  sing N N 284 
SEP CB  HB3  sing N N 285 
SEP OG  P    sing N N 286 
SEP C   O    doub N N 287 
SEP C   OXT  sing N N 288 
SEP OXT HXT  sing N N 289 
SEP P   O1P  doub N N 290 
SEP P   O2P  sing N N 291 
SEP P   O3P  sing N N 292 
SEP O2P HOP2 sing N N 293 
SEP O3P HOP3 sing N N 294 
SER N   CA   sing N N 295 
SER N   H    sing N N 296 
SER N   H2   sing N N 297 
SER CA  C    sing N N 298 
SER CA  CB   sing N N 299 
SER CA  HA   sing N N 300 
SER C   O    doub N N 301 
SER C   OXT  sing N N 302 
SER CB  OG   sing N N 303 
SER CB  HB2  sing N N 304 
SER CB  HB3  sing N N 305 
SER OG  HG   sing N N 306 
SER OXT HXT  sing N N 307 
THR N   CA   sing N N 308 
THR N   H    sing N N 309 
THR N   H2   sing N N 310 
THR CA  C    sing N N 311 
THR CA  CB   sing N N 312 
THR CA  HA   sing N N 313 
THR C   O    doub N N 314 
THR C   OXT  sing N N 315 
THR CB  OG1  sing N N 316 
THR CB  CG2  sing N N 317 
THR CB  HB   sing N N 318 
THR OG1 HG1  sing N N 319 
THR CG2 HG21 sing N N 320 
THR CG2 HG22 sing N N 321 
THR CG2 HG23 sing N N 322 
THR OXT HXT  sing N N 323 
TYR N   CA   sing N N 324 
TYR N   H    sing N N 325 
TYR N   H2   sing N N 326 
TYR CA  C    sing N N 327 
TYR CA  CB   sing N N 328 
TYR CA  HA   sing N N 329 
TYR C   O    doub N N 330 
TYR C   OXT  sing N N 331 
TYR CB  CG   sing N N 332 
TYR CB  HB2  sing N N 333 
TYR CB  HB3  sing N N 334 
TYR CG  CD1  doub Y N 335 
TYR CG  CD2  sing Y N 336 
TYR CD1 CE1  sing Y N 337 
TYR CD1 HD1  sing N N 338 
TYR CD2 CE2  doub Y N 339 
TYR CD2 HD2  sing N N 340 
TYR CE1 CZ   doub Y N 341 
TYR CE1 HE1  sing N N 342 
TYR CE2 CZ   sing Y N 343 
TYR CE2 HE2  sing N N 344 
TYR CZ  OH   sing N N 345 
TYR OH  HH   sing N N 346 
TYR OXT HXT  sing N N 347 
VAL N   CA   sing N N 348 
VAL N   H    sing N N 349 
VAL N   H2   sing N N 350 
VAL CA  C    sing N N 351 
VAL CA  CB   sing N N 352 
VAL CA  HA   sing N N 353 
VAL C   O    doub N N 354 
VAL C   OXT  sing N N 355 
VAL CB  CG1  sing N N 356 
VAL CB  CG2  sing N N 357 
VAL CB  HB   sing N N 358 
VAL CG1 HG11 sing N N 359 
VAL CG1 HG12 sing N N 360 
VAL CG1 HG13 sing N N 361 
VAL CG2 HG21 sing N N 362 
VAL CG2 HG22 sing N N 363 
VAL CG2 HG23 sing N N 364 
VAL OXT HXT  sing N N 365 
# 
_pdbx_audit_support.funding_organization   'National Health and Medical Research Council (NHMRC, Australia)' 
_pdbx_audit_support.country                Australia 
_pdbx_audit_support.grant_number           APP1103871 
_pdbx_audit_support.ordinal                1 
# 
_pdbx_initial_refinement_model.id               1 
_pdbx_initial_refinement_model.entity_id_list   ? 
_pdbx_initial_refinement_model.type             'experimental model' 
_pdbx_initial_refinement_model.source_name      PDB 
_pdbx_initial_refinement_model.accession_code   ? 
_pdbx_initial_refinement_model.details          5VWC 
# 
_space_group.name_H-M_alt     'P 21 21 21' 
_space_group.name_Hall        'P 2ac 2ab' 
_space_group.IT_number        19 
_space_group.crystal_system   orthorhombic 
_space_group.id               1 
# 
_atom_sites.entry_id                    8BV7 
_atom_sites.Cartn_transf_matrix[1][1]   ? 
_atom_sites.Cartn_transf_matrix[1][2]   ? 
_atom_sites.Cartn_transf_matrix[1][3]   ? 
_atom_sites.Cartn_transf_matrix[2][1]   ? 
_atom_sites.Cartn_transf_matrix[2][2]   ? 
_atom_sites.Cartn_transf_matrix[2][3]   ? 
_atom_sites.Cartn_transf_matrix[3][1]   ? 
_atom_sites.Cartn_transf_matrix[3][2]   ? 
_atom_sites.Cartn_transf_matrix[3][3]   ? 
_atom_sites.Cartn_transf_vector[1]      ? 
_atom_sites.Cartn_transf_vector[2]      ? 
_atom_sites.Cartn_transf_vector[3]      ? 
_atom_sites.fract_transf_matrix[1][1]   -0.01119795 
_atom_sites.fract_transf_matrix[1][2]   -0.01736925 
_atom_sites.fract_transf_matrix[1][3]   -0.02602334 
_atom_sites.fract_transf_matrix[2][1]   -0.01947875 
_atom_sites.fract_transf_matrix[2][2]   -0.00260731 
_atom_sites.fract_transf_matrix[2][3]   0.01012203 
_atom_sites.fract_transf_matrix[3][1]   -0.00468019 
_atom_sites.fract_transf_matrix[3][2]   0.01191349 
_atom_sites.fract_transf_matrix[3][3]   -0.00593774 
_atom_sites.fract_transf_vector[1]      -0.367021 
_atom_sites.fract_transf_vector[2]      -0.062962 
_atom_sites.fract_transf_vector[3]      0.134721 
_atom_sites.solution_primary            ? 
_atom_sites.solution_secondary          ? 
_atom_sites.solution_hydrogens          ? 
_atom_sites.special_details             ? 
# 
loop_
_atom_type.symbol 
_atom_type.scat_dispersion_real 
_atom_type.scat_dispersion_imag 
_atom_type.scat_Cromer_Mann_a1 
_atom_type.scat_Cromer_Mann_a2 
_atom_type.scat_Cromer_Mann_a3 
_atom_type.scat_Cromer_Mann_a4 
_atom_type.scat_Cromer_Mann_b1 
_atom_type.scat_Cromer_Mann_b2 
_atom_type.scat_Cromer_Mann_b3 
_atom_type.scat_Cromer_Mann_b4 
_atom_type.scat_Cromer_Mann_c 
_atom_type.scat_source 
_atom_type.scat_dispersion_source 
C ? ? 3.54356 2.42580 ? ? 25.62398 1.50364  ? ? 0.0 
;2-Gaussian fit: Grosse-Kunstleve RW, Sauter NK, Adams PD: Newsletter of the IUCr Commission on Crystallographic Computing 2004, 3, 22-31.
;
? 
H ? ? 0.51345 0.48472 ? ? 24.73122 6.32584  ? ? 0.0 
;2-Gaussian fit: Grosse-Kunstleve RW, Sauter NK, Adams PD: Newsletter of the IUCr Commission on Crystallographic Computing 2004, 3, 22-31.
;
? 
N ? ? 4.01032 2.96436 ? ? 19.97189 1.75589  ? ? 0.0 
;2-Gaussian fit: Grosse-Kunstleve RW, Sauter NK, Adams PD: Newsletter of the IUCr Commission on Crystallographic Computing 2004, 3, 22-31.
;
? 
O ? ? 4.49882 3.47563 ? ? 15.80542 1.70748  ? ? 0.0 
;2-Gaussian fit: Grosse-Kunstleve RW, Sauter NK, Adams PD: Newsletter of the IUCr Commission on Crystallographic Computing 2004, 3, 22-31.
;
? 
P ? ? 9.51135 5.44231 ? ? 1.42069  35.72801 ? ? 0.0 
;2-Gaussian fit: Grosse-Kunstleve RW, Sauter NK, Adams PD: Newsletter of the IUCr Commission on Crystallographic Computing 2004, 3, 22-31.
;
? 
S ? ? 9.55732 6.39887 ? ? 1.23737  29.19336 ? ? 0.0 
;2-Gaussian fit: Grosse-Kunstleve RW, Sauter NK, Adams PD: Newsletter of the IUCr Commission on Crystallographic Computing 2004, 3, 22-31.
;
? 
# 
loop_
_atom_site.group_PDB 
_atom_site.id 
_atom_site.type_symbol 
_atom_site.label_atom_id 
_atom_site.label_alt_id 
_atom_site.label_comp_id 
_atom_site.label_asym_id 
_atom_site.label_entity_id 
_atom_site.label_seq_id 
_atom_site.pdbx_PDB_ins_code 
_atom_site.Cartn_x 
_atom_site.Cartn_y 
_atom_site.Cartn_z 
_atom_site.occupancy 
_atom_site.B_iso_or_equiv 
_atom_site.pdbx_formal_charge 
_atom_site.auth_seq_id 
_atom_site.auth_comp_id 
_atom_site.auth_asym_id 
_atom_site.auth_atom_id 
_atom_site.pdbx_PDB_model_num 
ATOM   1    N N    . PRO A 1 2  ? -5.60630  -10.01624 12.91888  1.000 46.38426 ? -3  PRO A N    1 
ATOM   2    C CA   . PRO A 1 2  ? -6.31291  -9.24867  13.94992  1.000 45.71238 ? -3  PRO A CA   1 
ATOM   3    C C    . PRO A 1 2  ? -7.77417  -9.66415  14.06779  1.000 44.14788 ? -3  PRO A C    1 
ATOM   4    O O    . PRO A 1 2  ? -8.39864  -10.00350 13.06358  1.000 42.22409 ? -3  PRO A O    1 
ATOM   5    C CB   . PRO A 1 2  ? -6.19018  -7.79988  13.46369  1.000 48.18035 ? -3  PRO A CB   1 
ATOM   6    C CG   . PRO A 1 2  ? -4.99138  -7.78711  12.59092  1.000 45.21134 ? -3  PRO A CG   1 
ATOM   7    C CD   . PRO A 1 2  ? -4.91300  -9.14344  11.95527  1.000 47.02055 ? -3  PRO A CD   1 
ATOM   8    H HA   . PRO A 1 2  ? -5.87684  -9.33189  14.81238  1.000 54.85486 ? -3  PRO A HA   1 
ATOM   9    H HB2  . PRO A 1 2  ? -6.98447  -7.55048  12.96589  1.000 57.81642 ? -3  PRO A HB2  1 
ATOM   10   H HB3  . PRO A 1 2  ? -6.07375  -7.20612  14.22185  1.000 57.81642 ? -3  PRO A HB3  1 
ATOM   11   H HG2  . PRO A 1 2  ? -5.08953  -7.09859  11.91475  1.000 54.25361 ? -3  PRO A HG2  1 
ATOM   12   H HG3  . PRO A 1 2  ? -4.20145  -7.61539  13.12702  1.000 54.25361 ? -3  PRO A HG3  1 
ATOM   13   H HD2  . PRO A 1 2  ? -5.36647  -9.14860  11.09782  1.000 56.42467 ? -3  PRO A HD2  1 
ATOM   14   H HD3  . PRO A 1 2  ? -3.98956  -9.41866  11.84386  1.000 56.42467 ? -3  PRO A HD3  1 
ATOM   15   N N    . LEU A 1 3  ? -8.31198  -9.63585  15.28323  1.000 44.42661 ? -2  LEU A N    1 
ATOM   16   C CA   . LEU A 1 3  ? -9.69030  -10.05426 15.49397  1.000 42.00920 ? -2  LEU A CA   1 
ATOM   17   C C    . LEU A 1 3  ? -10.63541 -9.09970  14.77807  1.000 39.01774 ? -2  LEU A C    1 
ATOM   18   O O    . LEU A 1 3  ? -10.50194 -7.87656  14.88975  1.000 41.30567 ? -2  LEU A O    1 
ATOM   19   C CB   . LEU A 1 3  ? -10.00933 -10.10210 16.98570  1.000 42.09710 ? -2  LEU A CB   1 
ATOM   20   C CG   . LEU A 1 3  ? -11.31601 -10.80529 17.35820  1.000 40.92737 ? -2  LEU A CG   1 
ATOM   21   C CD1  . LEU A 1 3  ? -11.25693 -12.28095 16.98416  1.000 41.86034 ? -2  LEU A CD1  1 
ATOM   22   C CD2  . LEU A 1 3  ? -11.61982 -10.64343 18.83772  1.000 39.10998 ? -2  LEU A CD2  1 
ATOM   23   H H    . LEU A 1 3  ? -7.90278  -9.38070  15.99530  1.000 53.31194 ? -2  LEU A H    1 
ATOM   24   H HA   . LEU A 1 3  ? -9.81888  -10.94528 15.13279  1.000 50.41104 ? -2  LEU A HA   1 
ATOM   25   H HB2  . LEU A 1 3  ? -9.28970  -10.57159 17.43583  1.000 50.51652 ? -2  LEU A HB2  1 
ATOM   26   H HB3  . LEU A 1 3  ? -10.06740 -9.19112  17.31378  1.000 50.51652 ? -2  LEU A HB3  1 
ATOM   27   H HG   . LEU A 1 3  ? -12.04012 -10.39475 16.86019  1.000 49.11285 ? -2  LEU A HG   1 
ATOM   28   H HD11 . LEU A 1 3  ? -12.03438 -12.73090 17.35026  1.000 50.23241 ? -2  LEU A HD11 1 
ATOM   29   H HD12 . LEU A 1 3  ? -11.25262 -12.36180 16.01755  1.000 50.23241 ? -2  LEU A HD12 1 
ATOM   30   H HD13 . LEU A 1 3  ? -10.44708 -12.66782 17.35207  1.000 50.23241 ? -2  LEU A HD13 1 
ATOM   31   H HD21 . LEU A 1 3  ? -12.42378 -11.14232 19.05145  1.000 46.93198 ? -2  LEU A HD21 1 
ATOM   32   H HD22 . LEU A 1 3  ? -10.87206 -10.98461 19.35284  1.000 46.93198 ? -2  LEU A HD22 1 
ATOM   33   H HD23 . LEU A 1 3  ? -11.75312 -9.70240  19.03164  1.000 46.93198 ? -2  LEU A HD23 1 
ATOM   34   N N    . GLY A 1 4  ? -11.58618 -9.66408  14.03369  1.000 45.42756 ? -1  GLY A N    1 
ATOM   35   C CA   . GLY A 1 4  ? -12.54367 -8.87521  13.28860  1.000 44.24643 ? -1  GLY A CA   1 
ATOM   36   C C    . GLY A 1 4  ? -12.01251 -8.25296  12.01767  1.000 43.21434 ? -1  GLY A C    1 
ATOM   37   O O    . GLY A 1 4  ? -12.73505 -7.47951  11.37822  1.000 42.54917 ? -1  GLY A O    1 
ATOM   38   H H    . GLY A 1 4  ? -11.69295 -10.51306 13.94747  1.000 54.51307 ? -1  GLY A H    1 
ATOM   39   H HA2  . GLY A 1 4  ? -13.29220 -9.44331  13.04804  1.000 53.09572 ? -1  GLY A HA2  1 
ATOM   40   H HA3  . GLY A 1 4  ? -12.86231 -8.15704  13.85746  1.000 53.09572 ? -1  GLY A HA3  1 
ATOM   41   N N    . SER A 1 5  ? -10.77944 -8.55994  11.62753  1.000 43.04578 ? 0   SER A N    1 
ATOM   42   C CA   . SER A 1 5  ? -10.20058 -7.95644  10.43759  1.000 37.30144 ? 0   SER A CA   1 
ATOM   43   C C    . SER A 1 5  ? -10.72969 -8.63548  9.18179   1.000 35.40349 ? 0   SER A C    1 
ATOM   44   O O    . SER A 1 5  ? -11.12018 -9.80727  9.19532   1.000 37.38390 ? 0   SER A O    1 
ATOM   45   C CB   . SER A 1 5  ? -8.67523  -8.04375  10.47010  1.000 36.25933 ? 0   SER A CB   1 
ATOM   46   O OG   . SER A 1 5  ? -8.23684  -9.38780  10.39509  1.000 43.18282 ? 0   SER A OG   1 
ATOM   47   H H    . SER A 1 5  ? -10.26127 -9.11276  12.03433  1.000 51.65494 ? 0   SER A H    1 
ATOM   48   H HA   . SER A 1 5  ? -10.44510 -7.01833  10.40489  1.000 44.76172 ? 0   SER A HA   1 
ATOM   49   H HB2  . SER A 1 5  ? -8.31629  -7.55352  9.71396   1.000 43.51120 ? 0   SER A HB2  1 
ATOM   50   H HB3  . SER A 1 5  ? -8.35587  -7.65492  11.29939  1.000 43.51120 ? 0   SER A HB3  1 
ATOM   51   H HG   . SER A 1 5  ? -8.54701  -9.82758  11.04007  1.000 51.81938 ? 0   SER A HG   1 
ATOM   52   N N    . GLU A 1 6  ? -10.73944 -7.87670  8.09122   1.000 31.34219 ? 1   GLU A N    1 
ATOM   53   C CA   . GLU A 1 6  ? -11.23667 -8.32778  6.80477   1.000 33.78880 ? 1   GLU A CA   1 
ATOM   54   C C    . GLU A 1 6  ? -10.12864 -8.18846  5.77203   1.000 34.58533 ? 1   GLU A C    1 
ATOM   55   O O    . GLU A 1 6  ? -9.30124  -7.27631  5.84955   1.000 33.35997 ? 1   GLU A O    1 
ATOM   56   C CB   . GLU A 1 6  ? -12.46056 -7.51210  6.37004   1.000 34.30455 ? 1   GLU A CB   1 
ATOM   57   C CG   . GLU A 1 6  ? -13.43403 -8.26999  5.49786   1.000 42.97659 ? 1   GLU A CG   1 
ATOM   58   C CD   . GLU A 1 6  ? -14.54206 -7.38545  4.96018   1.000 46.12009 ? 1   GLU A CD   1 
ATOM   59   O OE1  . GLU A 1 6  ? -14.75374 -6.29125  5.52263   1.000 40.50695 ? 1   GLU A OE1  1 
ATOM   60   O OE2  . GLU A 1 6  ? -15.19408 -7.78319  3.96865   1.000 49.69678 ? 1   GLU A OE2  1 
ATOM   61   H H    . GLU A 1 6  ? -10.45138 -7.06654  8.07476   1.000 37.61063 ? 1   GLU A H    1 
ATOM   62   H HA   . GLU A 1 6  ? -11.50128 -9.25967  6.85447   1.000 40.54656 ? 1   GLU A HA   1 
ATOM   63   H HB2  . GLU A 1 6  ? -12.93895 -7.22457  7.16337   1.000 41.16546 ? 1   GLU A HB2  1 
ATOM   64   H HB3  . GLU A 1 6  ? -12.15591 -6.73991  5.86823   1.000 41.16546 ? 1   GLU A HB3  1 
ATOM   65   H HG2  . GLU A 1 6  ? -12.95610 -8.64648  4.74238   1.000 51.57190 ? 1   GLU A HG2  1 
ATOM   66   H HG3  . GLU A 1 6  ? -13.84138 -8.97912  6.01952   1.000 51.57190 ? 1   GLU A HG3  1 
ATOM   67   N N    . VAL A 1 7  ? -10.11148 -9.10500  4.81280   1.000 33.55942 ? 2   VAL A N    1 
ATOM   68   C CA   . VAL A 1 7  ? -9.17828  -9.05658  3.69459   1.000 31.76221 ? 2   VAL A CA   1 
ATOM   69   C C    . VAL A 1 7  ? -9.94234  -8.58651  2.46636   1.000 33.59251 ? 2   VAL A C    1 
ATOM   70   O O    . VAL A 1 7  ? -10.95259 -9.18826  2.08063   1.000 34.72514 ? 2   VAL A O    1 
ATOM   71   C CB   . VAL A 1 7  ? -8.51571  -10.41994 3.45418   1.000 35.68815 ? 2   VAL A CB   1 
ATOM   72   C CG1  . VAL A 1 7  ? -7.62867  -10.36485 2.21580   1.000 38.50581 ? 2   VAL A CG1  1 
ATOM   73   C CG2  . VAL A 1 7  ? -7.71099  -10.82817 4.68110   1.000 35.06835 ? 2   VAL A CG2  1 
ATOM   74   H H    . VAL A 1 7  ? -10.64325 -9.78040  4.78718   1.000 40.27130 ? 2   VAL A H    1 
ATOM   75   H HA   . VAL A 1 7  ? -8.47868  -8.41218  3.88492   1.000 38.11465 ? 2   VAL A HA   1 
ATOM   76   H HB   . VAL A 1 7  ? -9.19970  -11.09058 3.30148   1.000 42.82578 ? 2   VAL A HB   1 
ATOM   77   H HG11 . VAL A 1 7  ? -7.04315  -11.13820 2.21207   1.000 46.20697 ? 2   VAL A HG11 1 
ATOM   78   H HG12 . VAL A 1 7  ? -8.18998  -10.37113 1.42474   1.000 46.20697 ? 2   VAL A HG12 1 
ATOM   79   H HG13 . VAL A 1 7  ? -7.10152  -9.55098  2.24089   1.000 46.20697 ? 2   VAL A HG13 1 
ATOM   80   H HG21 . VAL A 1 7  ? -7.25877  -11.66646 4.49758   1.000 42.08203 ? 2   VAL A HG21 1 
ATOM   81   H HG22 . VAL A 1 7  ? -7.05936  -10.13654 4.87584   1.000 42.08203 ? 2   VAL A HG22 1 
ATOM   82   H HG23 . VAL A 1 7  ? -8.31423  -10.93547 5.43308   1.000 42.08203 ? 2   VAL A HG23 1 
ATOM   83   N N    . ILE A 1 8  ? -9.45710  -7.51388  1.85137   1.000 28.50234 ? 3   ILE A N    1 
ATOM   84   C CA   . ILE A 1 8  ? -10.12998 -6.85607  0.74187   1.000 29.39841 ? 3   ILE A CA   1 
ATOM   85   C C    . ILE A 1 8  ? -9.15712  -6.77542  -0.42145  1.000 29.68515 ? 3   ILE A C    1 
ATOM   86   O O    . ILE A 1 8  ? -7.94230  -6.70393  -0.22439  1.000 31.07027 ? 3   ILE A O    1 
ATOM   87   C CB   . ILE A 1 8  ? -10.61962 -5.44977  1.15234   1.000 30.08145 ? 3   ILE A CB   1 
ATOM   88   C CG1  . ILE A 1 8  ? -11.57926 -5.55506  2.33869   1.000 37.40718 ? 3   ILE A CG1  1 
ATOM   89   C CG2  . ILE A 1 8  ? -11.26774 -4.73779  -0.02443  1.000 35.43319 ? 3   ILE A CG2  1 
ATOM   90   C CD1  . ILE A 1 8  ? -11.85590 -4.23346  3.01462   1.000 35.78721 ? 3   ILE A CD1  1 
ATOM   91   H H    . ILE A 1 8  ? -8.71465  -7.13732  2.06719   1.000 34.20280 ? 3   ILE A H    1 
ATOM   92   H HA   . ILE A 1 8  ? -10.89699 -7.37647  0.45589   1.000 35.27810 ? 3   ILE A HA   1 
ATOM   93   H HB   . ILE A 1 8  ? -9.85340  -4.92209  1.42681   1.000 36.09774 ? 3   ILE A HB   1 
ATOM   94   H HG12 . ILE A 1 8  ? -12.42559 -5.91030  2.02496   1.000 44.88862 ? 3   ILE A HG12 1 
ATOM   95   H HG13 . ILE A 1 8  ? -11.19394 -6.15110  2.99987   1.000 44.88862 ? 3   ILE A HG13 1 
ATOM   96   H HG21 . ILE A 1 8  ? -11.69490 -3.92697  0.29338   1.000 42.51983 ? 3   ILE A HG21 1 
ATOM   97   H HG22 . ILE A 1 8  ? -10.58373 -4.51774  -0.67604  1.000 42.51983 ? 3   ILE A HG22 1 
ATOM   98   H HG23 . ILE A 1 8  ? -11.92843 -5.32501  -0.42388  1.000 42.51983 ? 3   ILE A HG23 1 
ATOM   99   H HD11 . ILE A 1 8  ? -12.32950 -4.39662  3.84526   1.000 42.94465 ? 3   ILE A HD11 1 
ATOM   100  H HD12 . ILE A 1 8  ? -11.01301 -3.78910  3.19621   1.000 42.94465 ? 3   ILE A HD12 1 
ATOM   101  H HD13 . ILE A 1 8  ? -12.39875 -3.68547  2.42647   1.000 42.94465 ? 3   ILE A HD13 1 
ATOM   102  N N    . GLN A 1 9  ? -9.68990  -6.80558  -1.64318  1.000 30.93911 ? 4   GLN A N    1 
ATOM   103  C CA   . GLN A 1 9  ? -8.87645  -6.63371  -2.83995  1.000 28.63611 ? 4   GLN A CA   1 
ATOM   104  C C    . GLN A 1 9  ? -9.42126  -5.48824  -3.67925  1.000 29.34145 ? 4   GLN A C    1 
ATOM   105  O O    . GLN A 1 9  ? -10.63804 -5.28154  -3.75592  1.000 29.73738 ? 4   GLN A O    1 
ATOM   106  C CB   . GLN A 1 9  ? -8.81240  -7.92099  -3.68617  1.000 35.89148 ? 4   GLN A CB   1 
ATOM   107  C CG   . GLN A 1 9  ? -10.06532 -8.26984  -4.47295  1.000 40.36262 ? 4   GLN A CG   1 
ATOM   108  C CD   . GLN A 1 9  ? -9.79615  -9.31371  -5.54656  1.000 39.61734 ? 4   GLN A CD   1 
ATOM   109  O OE1  . GLN A 1 9  ? -8.94703  -10.18785 -5.37784  1.000 45.56991 ? 4   GLN A OE1  1 
ATOM   110  N NE2  . GLN A 1 9  ? -10.50780 -9.21376  -6.66238  1.000 45.19371 ? 4   GLN A NE2  1 
ATOM   111  H H    . GLN A 1 9  ? -10.52660 -6.92526  -1.80195  1.000 37.12693 ? 4   GLN A H    1 
ATOM   112  H HA   . GLN A 1 9  ? -7.97117  -6.41181  -2.57139  1.000 34.36334 ? 4   GLN A HA   1 
ATOM   113  H HB2  . GLN A 1 9  ? -8.09008  -7.82610  -4.32662  1.000 43.06978 ? 4   GLN A HB2  1 
ATOM   114  H HB3  . GLN A 1 9  ? -8.63235  -8.66541  -3.09092  1.000 43.06978 ? 4   GLN A HB3  1 
ATOM   115  H HG2  . GLN A 1 9  ? -10.73369 -8.62511  -3.86635  1.000 48.43515 ? 4   GLN A HG2  1 
ATOM   116  H HG3  . GLN A 1 9  ? -10.40225 -7.47008  -4.90628  1.000 48.43515 ? 4   GLN A HG3  1 
ATOM   117  H HE21 . GLN A 1 9  ? -11.08505 -8.58220  -6.74912  1.000 54.23246 ? 4   GLN A HE21 1 
ATOM   118  H HE22 . GLN A 1 9  ? -10.39168 -9.78055  -7.29868  1.000 54.23246 ? 4   GLN A HE22 1 
ATOM   119  N N    . ALA A 1 10 ? -8.50687  -4.74906  -4.30192  1.000 30.59028 ? 5   ALA A N    1 
ATOM   120  C CA   . ALA A 1 10 ? -8.83273  -3.67719  -5.22803  1.000 29.18227 ? 5   ALA A CA   1 
ATOM   121  C C    . ALA A 1 10 ? -7.95380  -3.80249  -6.46449  1.000 29.32175 ? 5   ALA A C    1 
ATOM   122  O O    . ALA A 1 10 ? -6.74722  -4.04593  -6.36140  1.000 28.53837 ? 5   ALA A O    1 
ATOM   123  C CB   . ALA A 1 10 ? -8.63477  -2.29965  -4.58867  1.000 30.73851 ? 5   ALA A CB   1 
ATOM   124  H H    . ALA A 1 10 ? -7.65995  -4.85624  -4.19787  1.000 36.70833 ? 5   ALA A H    1 
ATOM   125  H HA   . ALA A 1 10 ? -9.76167  -3.75172  -5.49717  1.000 35.01873 ? 5   ALA A HA   1 
ATOM   126  H HB1  . ALA A 1 10 ? -8.86480  -1.61496  -5.23613  1.000 36.88621 ? 5   ALA A HB1  1 
ATOM   127  H HB2  . ALA A 1 10 ? -9.21041  -2.22659  -3.81135  1.000 36.88621 ? 5   ALA A HB2  1 
ATOM   128  H HB3  . ALA A 1 10 ? -7.70666  -2.20522  -4.32300  1.000 36.88621 ? 5   ALA A HB3  1 
ATOM   129  N N    . LEU A 1 11 ? -8.56111  -3.64758  -7.63376  1.000 29.87262 ? 6   LEU A N    1 
ATOM   130  C CA   . LEU A 1 11 ? -7.82831  -3.59109  -8.89088  1.000 29.83152 ? 6   LEU A CA   1 
ATOM   131  C C    . LEU A 1 11 ? -7.74235  -2.12639  -9.29392  1.000 32.05043 ? 6   LEU A C    1 
ATOM   132  O O    . LEU A 1 11 ? -8.76690  -1.49133  -9.56150  1.000 31.26764 ? 6   LEU A O    1 
ATOM   133  C CB   . LEU A 1 11 ? -8.51551  -4.42582  -9.96424  1.000 31.92665 ? 6   LEU A CB   1 
ATOM   134  C CG   . LEU A 1 11 ? -7.77133  -4.56677  -11.29006 1.000 34.78915 ? 6   LEU A CG   1 
ATOM   135  C CD1  . LEU A 1 11 ? -6.38858  -5.15877  -11.08049 1.000 27.43077 ? 6   LEU A CD1  1 
ATOM   136  C CD2  . LEU A 1 11 ? -8.58031  -5.43194  -12.24071 1.000 37.38000 ? 6   LEU A CD2  1 
ATOM   137  H H    . LEU A 1 11 ? -9.41277  -3.57151  -7.72591  1.000 35.84714 ? 6   LEU A H    1 
ATOM   138  H HA   . LEU A 1 11 ? -6.93276  -3.94514  -8.77451  1.000 35.79783 ? 6   LEU A HA   1 
ATOM   139  H HB2  . LEU A 1 11 ? -8.64580  -5.32048  -9.61282  1.000 38.31198 ? 6   LEU A HB2  1 
ATOM   140  H HB3  . LEU A 1 11 ? -9.37359  -4.01797  -10.15980 1.000 38.31198 ? 6   LEU A HB3  1 
ATOM   141  H HG   . LEU A 1 11 ? -7.65522  -3.68834  -11.68476 1.000 41.74698 ? 6   LEU A HG   1 
ATOM   142  H HD11 . LEU A 1 11 ? -6.02697  -5.42830  -11.93926 1.000 32.91693 ? 6   LEU A HD11 1 
ATOM   143  H HD12 . LEU A 1 11 ? -5.81596  -4.48829  -10.67618 1.000 32.91693 ? 6   LEU A HD12 1 
ATOM   144  H HD13 . LEU A 1 11 ? -6.46020  -5.92903  -10.49527 1.000 32.91693 ? 6   LEU A HD13 1 
ATOM   145  H HD21 . LEU A 1 11 ? -8.20848  -5.35338  -13.13317 1.000 44.85600 ? 6   LEU A HD21 1 
ATOM   146  H HD22 . LEU A 1 11 ? -8.53568  -6.35431  -11.94380 1.000 44.85600 ? 6   LEU A HD22 1 
ATOM   147  H HD23 . LEU A 1 11 ? -9.50140  -5.12784  -12.23819 1.000 44.85600 ? 6   LEU A HD23 1 
ATOM   148  N N    . ILE A 1 12 ? -6.52630  -1.58786  -9.31820  1.000 28.61378 ? 7   ILE A N    1 
ATOM   149  C CA   . ILE A 1 12 ? -6.29540  -0.18288  -9.62369  1.000 29.54801 ? 7   ILE A CA   1 
ATOM   150  C C    . ILE A 1 12 ? -5.37817  -0.09126  -10.83398 1.000 32.93456 ? 7   ILE A C    1 
ATOM   151  O O    . ILE A 1 12 ? -4.36896  -0.80088  -10.92109 1.000 33.48086 ? 7   ILE A O    1 
ATOM   152  C CB   . ILE A 1 12 ? -5.68708  0.58029   -8.42896  1.000 29.69715 ? 7   ILE A CB   1 
ATOM   153  C CG1  . ILE A 1 12 ? -6.42056  0.23852   -7.13734  1.000 25.94179 ? 7   ILE A CG1  1 
ATOM   154  C CG2  . ILE A 1 12 ? -5.76533  2.08194   -8.67128  1.000 32.71551 ? 7   ILE A CG2  1 
ATOM   155  C CD1  . ILE A 1 12 ? -5.82942  0.87463   -5.91063  1.000 30.95997 ? 7   ILE A CD1  1 
ATOM   156  H H    . ILE A 1 12 ? -5.80513  -2.02785  -9.15722  1.000 34.33654 ? 7   ILE A H    1 
ATOM   157  H HA   . ILE A 1 12 ? -7.14475  0.23014   -9.84487  1.000 35.45761 ? 7   ILE A HA   1 
ATOM   158  H HB   . ILE A 1 12 ? -4.75923  0.31038   -8.34437  1.000 35.63658 ? 7   ILE A HB   1 
ATOM   159  H HG12 . ILE A 1 12 ? -7.33928  0.54054   -7.21243  1.000 31.13015 ? 7   ILE A HG12 1 
ATOM   160  H HG13 . ILE A 1 12 ? -6.39666  -0.72298  -7.01147  1.000 31.13015 ? 7   ILE A HG13 1 
ATOM   161  H HG21 . ILE A 1 12 ? -5.25254  2.53945   -7.98671  1.000 39.25861 ? 7   ILE A HG21 1 
ATOM   162  H HG22 . ILE A 1 12 ? -5.39850  2.28003   -9.54713  1.000 39.25861 ? 7   ILE A HG22 1 
ATOM   163  H HG23 . ILE A 1 12 ? -6.69360  2.36042   -8.63074  1.000 39.25861 ? 7   ILE A HG23 1 
ATOM   164  H HD11 . ILE A 1 12 ? -6.23746  0.48160   -5.12328  1.000 37.15197 ? 7   ILE A HD11 1 
ATOM   165  H HD12 . ILE A 1 12 ? -4.87269  0.71503   -5.90199  1.000 37.15197 ? 7   ILE A HD12 1 
ATOM   166  H HD13 . ILE A 1 12 ? -6.00549  1.82824   -5.93337  1.000 37.15197 ? 7   ILE A HD13 1 
ATOM   167  N N    . PHE A 1 13 ? -5.72890  0.79691   -11.75746 1.000 35.86837 ? 8   PHE A N    1 
ATOM   168  C CA   . PHE A 1 13 ? -4.96588  1.03744   -12.97178 1.000 37.75522 ? 8   PHE A CA   1 
ATOM   169  C C    . PHE A 1 13 ? -4.22081  2.35756   -12.84298 1.000 35.18825 ? 8   PHE A C    1 
ATOM   170  O O    . PHE A 1 13 ? -4.81234  3.37153   -12.46001 1.000 36.84166 ? 8   PHE A O    1 
ATOM   171  C CB   . PHE A 1 13 ? -5.88658  1.07270   -14.19340 1.000 38.39305 ? 8   PHE A CB   1 
ATOM   172  C CG   . PHE A 1 13 ? -6.37880  -0.27732  -14.62505 1.000 40.77393 ? 8   PHE A CG   1 
ATOM   173  C CD1  . PHE A 1 13 ? -7.47879  -0.85609  -14.01600 1.000 35.66584 ? 8   PHE A CD1  1 
ATOM   174  C CD2  . PHE A 1 13 ? -5.74455  -0.96417  -15.64634 1.000 38.55908 ? 8   PHE A CD2  1 
ATOM   175  C CE1  . PHE A 1 13 ? -7.93523  -2.09779  -14.41732 1.000 39.86312 ? 8   PHE A CE1  1 
ATOM   176  C CE2  . PHE A 1 13 ? -6.19661  -2.20701  -16.05176 1.000 41.30000 ? 8   PHE A CE2  1 
ATOM   177  C CZ   . PHE A 1 13 ? -7.29331  -2.77249  -15.43460 1.000 43.27469 ? 8   PHE A CZ   1 
ATOM   178  H H    . PHE A 1 13 ? -6.43144  1.28943   -11.69862 1.000 43.04204 ? 8   PHE A H    1 
ATOM   179  H HA   . PHE A 1 13 ? -4.31671  0.32734   -13.09519 1.000 45.30627 ? 8   PHE A HA   1 
ATOM   180  H HB2  . PHE A 1 13 ? -6.66202  1.61610   -13.98287 1.000 46.07166 ? 8   PHE A HB2  1 
ATOM   181  H HB3  . PHE A 1 13 ? -5.40109  1.46164   -14.93766 1.000 46.07166 ? 8   PHE A HB3  1 
ATOM   182  H HD1  . PHE A 1 13 ? -7.91530  -0.40501  -13.32978 1.000 42.79900 ? 8   PHE A HD1  1 
ATOM   183  H HD2  . PHE A 1 13 ? -5.00553  -0.58527  -16.06489 1.000 46.27089 ? 8   PHE A HD2  1 
ATOM   184  H HE1  . PHE A 1 13 ? -8.67502  -2.47808  -14.00138 1.000 47.83574 ? 8   PHE A HE1  1 
ATOM   185  H HE2  . PHE A 1 13 ? -5.76258  -2.66004  -16.73826 1.000 49.56000 ? 8   PHE A HE2  1 
ATOM   186  H HZ   . PHE A 1 13 ? -7.59957  -3.60815  -15.70440 1.000 51.92963 ? 8   PHE A HZ   1 
ATOM   187  N N    . LYS A 1 14 ? -2.93034  2.34350   -13.16302 1.000 35.92704 ? 9   LYS A N    1 
ATOM   188  C CA   . LYS A 1 14 ? -2.14581  3.56931   -13.12484 1.000 37.93498 ? 9   LYS A CA   1 
ATOM   189  C C    . LYS A 1 14 ? -2.66519  4.57293   -14.14811 1.000 37.96011 ? 9   LYS A C    1 
ATOM   190  O O    . LYS A 1 14 ? -3.18002  4.20833   -15.20902 1.000 39.61643 ? 9   LYS A O    1 
ATOM   191  C CB   . LYS A 1 14 ? -0.66851  3.27698   -13.39662 1.000 36.56860 ? 9   LYS A CB   1 
ATOM   192  C CG   . LYS A 1 14 ? 0.11611   2.82512   -12.17590 1.000 36.29072 ? 9   LYS A CG   1 
ATOM   193  C CD   . LYS A 1 14 ? 1.56367   2.52912   -12.51908 1.000 36.07764 ? 9   LYS A CD   1 
ATOM   194  C CE   . LYS A 1 14 ? 2.40287   2.34596   -11.26511 1.000 35.32111 ? 9   LYS A CE   1 
ATOM   195  N NZ   . LYS A 1 14 ? 3.83314   2.06783   -11.58723 1.000 36.30054 ? 9   LYS A NZ   1 
ATOM   196  H H    . LYS A 1 14 ? -2.49090  1.64428   -13.40296 1.000 43.11244 ? 9   LYS A H    1 
ATOM   197  H HA   . LYS A 1 14 ? -2.21964  3.96150   -12.24073 1.000 45.52197 ? 9   LYS A HA   1 
ATOM   198  H HB2  . LYS A 1 14 ? -0.60957  2.57247   -14.06077 1.000 43.88232 ? 9   LYS A HB2  1 
ATOM   199  H HB3  . LYS A 1 14 ? -0.24979  4.08507   -13.73211 1.000 43.88232 ? 9   LYS A HB3  1 
ATOM   200  H HG2  . LYS A 1 14 ? 0.09955   3.52668   -11.50625 1.000 43.54887 ? 9   LYS A HG2  1 
ATOM   201  H HG3  . LYS A 1 14 ? -0.28344  2.01644   -11.81911 1.000 43.54887 ? 9   LYS A HG3  1 
ATOM   202  H HD2  . LYS A 1 14 ? 1.61048   1.71227   -13.04009 1.000 43.29317 ? 9   LYS A HD2  1 
ATOM   203  H HD3  . LYS A 1 14 ? 1.93164   3.26857   -13.02772 1.000 43.29317 ? 9   LYS A HD3  1 
ATOM   204  H HE2  . LYS A 1 14 ? 2.36387   3.15633   -10.73342 1.000 42.38533 ? 9   LYS A HE2  1 
ATOM   205  H HE3  . LYS A 1 14 ? 2.05587   1.59744   -10.75499 1.000 42.38533 ? 9   LYS A HE3  1 
ATOM   206  H HZ1  . LYS A 1 14 ? 4.29629   1.94727   -10.83685 1.000 43.56065 ? 9   LYS A HZ1  1 
ATOM   207  H HZ2  . LYS A 1 14 ? 3.89555   1.33356   -12.08629 1.000 43.56065 ? 9   LYS A HZ2  1 
ATOM   208  H HZ3  . LYS A 1 14 ? 4.18287   2.75245   -12.03567 1.000 43.56065 ? 9   LYS A HZ3  1 
ATOM   209  N N    . ASP A 1 15 ? -2.53637  5.85203   -13.80801 1.000 37.54623 ? 10  ASP A N    1 
ATOM   210  C CA   . ASP A 1 15 ? -2.83325  6.95085   -14.71704 1.000 38.42281 ? 10  ASP A CA   1 
ATOM   211  C C    . ASP A 1 15 ? -1.66370  7.91928   -14.65960 1.000 44.47319 ? 10  ASP A C    1 
ATOM   212  O O    . ASP A 1 15 ? -1.37057  8.47608   -13.59704 1.000 44.69426 ? 10  ASP A O    1 
ATOM   213  C CB   . ASP A 1 15 ? -4.14171  7.64844   -14.34199 1.000 36.02051 ? 10  ASP A CB   1 
ATOM   214  H H    . ASP A 1 15 ? -2.27077  6.11450   -13.03330 1.000 45.05547 ? 10  ASP A H    1 
ATOM   215  H HA   . ASP A 1 15 ? -2.92740  6.62073   -15.62426 1.000 46.10737 ? 10  ASP A HA   1 
ATOM   216  N N    . ASP A 1 16 ? -0.98962  8.10695   -15.79355 1.000 44.44767 ? 11  ASP A N    1 
ATOM   217  C CA   . ASP A 1 16 ? 0.21465   8.93578   -15.85731 1.000 51.53824 ? 11  ASP A CA   1 
ATOM   218  C C    . ASP A 1 16 ? 1.28857   8.41505   -14.90314 1.000 44.41614 ? 11  ASP A C    1 
ATOM   219  O O    . ASP A 1 16 ? 2.03703   9.18479   -14.30007 1.000 47.03608 ? 11  ASP A O    1 
ATOM   220  C CB   . ASP A 1 16 ? -0.10746  10.40446  -15.56601 1.000 56.58740 ? 11  ASP A CB   1 
ATOM   221  C CG   . ASP A 1 16 ? -0.92910  11.05131  -16.66754 1.000 66.42160 ? 11  ASP A CG   1 
ATOM   222  O OD1  . ASP A 1 16 ? -0.65526  10.77504  -17.85644 1.000 69.08186 ? 11  ASP A OD1  1 
ATOM   223  O OD2  . ASP A 1 16 ? -1.84942  11.83299  -16.34500 1.000 66.80331 ? 11  ASP A OD2  1 
ATOM   224  H H    . ASP A 1 16 ? -1.21206  7.76091   -16.54878 1.000 53.33721 ? 11  ASP A H    1 
ATOM   225  H HA   . ASP A 1 16 ? 0.57365   8.88526   -16.75702 1.000 61.84589 ? 11  ASP A HA   1 
ATOM   226  H HB2  . ASP A 1 16 ? -0.61436  10.45988  -14.74085 1.000 67.90489 ? 11  ASP A HB2  1 
ATOM   227  H HB3  . ASP A 1 16 ? 0.72219   10.89955  -15.47960 1.000 67.90489 ? 11  ASP A HB3  1 
ATOM   228  N N    . GLY A 1 17 ? 1.36067   7.09321   -14.76337 1.000 45.34172 ? 12  GLY A N    1 
ATOM   229  C CA   . GLY A 1 17 ? 2.40682   6.45727   -13.99010 1.000 39.90159 ? 12  GLY A CA   1 
ATOM   230  C C    . GLY A 1 17 ? 2.17467   6.37792   -12.49706 1.000 41.02298 ? 12  GLY A C    1 
ATOM   231  O O    . GLY A 1 17 ? 3.07667   5.93258   -11.77668 1.000 39.64491 ? 12  GLY A O    1 
ATOM   232  H H    . GLY A 1 17 ? 0.80416   6.53940   -15.11435 1.000 54.41006 ? 12  GLY A H    1 
ATOM   233  H HA2  . GLY A 1 17 ? 2.51929   5.55039   -14.31539 1.000 47.88191 ? 12  GLY A HA2  1 
ATOM   234  H HA3  . GLY A 1 17 ? 3.23189   6.94768   -14.13033 1.000 47.88191 ? 12  GLY A HA3  1 
ATOM   235  N N    . SER A 1 18 ? 1.00103   6.77605   -12.00268 1.000 40.73337 ? 13  SER A N    1 
ATOM   236  C CA   . SER A 1 18 ? 0.75128   6.84244   -10.57043 1.000 37.00955 ? 13  SER A CA   1 
ATOM   237  C C    . SER A 1 18 ? -0.55619  6.15374   -10.20838 1.000 35.00640 ? 13  SER A C    1 
ATOM   238  O O    . SER A 1 18 ? -1.52386  6.16806   -10.97264 1.000 36.60842 ? 13  SER A O    1 
ATOM   239  C CB   . SER A 1 18 ? 0.70426   8.29393   -10.07813 1.000 40.10889 ? 13  SER A CB   1 
ATOM   240  O OG   . SER A 1 18 ? 0.43458   8.34634   -8.68638  1.000 50.42334 ? 13  SER A OG   1 
ATOM   241  H H    . SER A 1 18 ? 0.33026   7.01417   -12.48536 1.000 48.88005 ? 13  SER A H    1 
ATOM   242  H HA   . SER A 1 18 ? 1.46668   6.37159   -10.11502 1.000 44.41146 ? 13  SER A HA   1 
ATOM   243  H HB2  . SER A 1 18 ? 1.56186   8.71346   -10.24962 1.000 48.13066 ? 13  SER A HB2  1 
ATOM   244  H HB3  . SER A 1 18 ? 0.00294   8.76608   -10.55367 1.000 48.13066 ? 13  SER A HB3  1 
ATOM   245  H HG   . SER A 1 18 ? 1.02898   7.93066   -8.26270  1.000 60.50801 ? 13  SER A HG   1 
ATOM   246  N N    . LEU A 1 19 ? -0.56808  5.56446   -9.01382  1.000 34.78760 ? 14  LEU A N    1 
ATOM   247  C CA   . LEU A 1 19 ? -1.75002  4.96074   -8.41827  1.000 31.85981 ? 14  LEU A CA   1 
ATOM   248  C C    . LEU A 1 19 ? -2.55352  5.92905   -7.56506  1.000 33.11049 ? 14  LEU A C    1 
ATOM   249  O O    . LEU A 1 19 ? -3.69881  5.62170   -7.22115  1.000 34.17473 ? 14  LEU A O    1 
ATOM   250  C CB   . LEU A 1 19 ? -1.33995  3.77172   -7.55045  1.000 29.85555 ? 14  LEU A CB   1 
ATOM   251  C CG   . LEU A 1 19 ? -0.73101  2.60820   -8.32618  1.000 30.51387 ? 14  LEU A CG   1 
ATOM   252  C CD1  . LEU A 1 19 ? 0.04798   1.70138   -7.39402  1.000 31.70533 ? 14  LEU A CD1  1 
ATOM   253  C CD2  . LEU A 1 19 ? -1.83632  1.84056   -9.04390  1.000 31.26906 ? 14  LEU A CD2  1 
ATOM   254  H H    . LEU A 1 19 ? 0.12640   5.50058   -8.51061  1.000 41.74512 ? 14  LEU A H    1 
ATOM   255  H HA   . LEU A 1 19 ? -2.32488  4.64285   -9.13197  1.000 38.23177 ? 14  LEU A HA   1 
ATOM   256  H HB2  . LEU A 1 19 ? -0.68079  4.07265   -6.90559  1.000 35.82666 ? 14  LEU A HB2  1 
ATOM   257  H HB3  . LEU A 1 19 ? -2.12648  3.43922   -7.09034  1.000 35.82666 ? 14  LEU A HB3  1 
ATOM   258  H HG   . LEU A 1 19 ? -0.10984  2.94286   -8.99181  1.000 36.61664 ? 14  LEU A HG   1 
ATOM   259  H HD11 . LEU A 1 19 ? 0.42497   0.96970   -7.90728  1.000 38.04639 ? 14  LEU A HD11 1 
ATOM   260  H HD12 . LEU A 1 19 ? 0.75843   2.21301   -6.97644  1.000 38.04639 ? 14  LEU A HD12 1 
ATOM   261  H HD13 . LEU A 1 19 ? -0.55263  1.35469   -6.71581  1.000 38.04639 ? 14  LEU A HD13 1 
ATOM   262  H HD21 . LEU A 1 19 ? -1.44435  1.08766   -9.51337  1.000 37.52288 ? 14  LEU A HD21 1 
ATOM   263  H HD22 . LEU A 1 19 ? -2.47781  1.52420   -8.38869  1.000 37.52288 ? 14  LEU A HD22 1 
ATOM   264  H HD23 . LEU A 1 19 ? -2.27340  2.43298   -9.67549  1.000 37.52288 ? 14  LEU A HD23 1 
ATOM   265  N N    . GLY A 1 20 ? -1.98403  7.07095   -7.19947  1.000 32.13115 ? 15  GLY A N    1 
ATOM   266  C CA   . GLY A 1 20 ? -2.69891  8.02406   -6.37778  1.000 33.66652 ? 15  GLY A CA   1 
ATOM   267  C C    . GLY A 1 20 ? -2.80301  7.64112   -4.91772  1.000 33.43178 ? 15  GLY A C    1 
ATOM   268  O O    . GLY A 1 20 ? -3.85758  7.83741   -4.30517  1.000 32.60693 ? 15  GLY A O    1 
ATOM   269  H H    . GLY A 1 20 ? -1.18747  7.31274   -7.41541  1.000 38.55738 ? 15  GLY A H    1 
ATOM   270  H HA2  . GLY A 1 20 ? -2.24692  8.88082   -6.42865  1.000 40.39982 ? 15  GLY A HA2  1 
ATOM   271  H HA3  . GLY A 1 20 ? -3.59966  8.12114   -6.72435  1.000 40.39982 ? 15  GLY A HA3  1 
ATOM   272  N N    . LEU A 1 21 ? -1.73320  7.10114   -4.33638  1.000 33.62620 ? 16  LEU A N    1 
ATOM   273  C CA   . LEU A 1 21 ? -1.71588  6.79209   -2.91463  1.000 30.80253 ? 16  LEU A CA   1 
ATOM   274  C C    . LEU A 1 21 ? -0.27756  6.79275   -2.41783  1.000 29.34955 ? 16  LEU A C    1 
ATOM   275  O O    . LEU A 1 21 ? 0.67154   6.69927   -3.20256  1.000 31.90446 ? 16  LEU A O    1 
ATOM   276  C CB   . LEU A 1 21 ? -2.38924  5.44376   -2.62340  1.000 30.52515 ? 16  LEU A CB   1 
ATOM   277  C CG   . LEU A 1 21 ? -1.69225  4.17398   -3.11921  1.000 31.84376 ? 16  LEU A CG   1 
ATOM   278  C CD1  . LEU A 1 21 ? -0.61624  3.70009   -2.14341  1.000 32.46831 ? 16  LEU A CD1  1 
ATOM   279  C CD2  . LEU A 1 21 ? -2.72100  3.07907   -3.35781  1.000 38.09197 ? 16  LEU A CD2  1 
ATOM   280  H H    . LEU A 1 21 ? -1.00401  6.90484   -4.74789  1.000 40.35144 ? 16  LEU A H    1 
ATOM   281  H HA   . LEU A 1 21 ? -2.19741  7.48222   -2.43220  1.000 36.96304 ? 16  LEU A HA   1 
ATOM   282  H HB2  . LEU A 1 21 ? -2.47386  5.35803   -1.66090  1.000 36.63018 ? 16  LEU A HB2  1 
ATOM   283  H HB3  . LEU A 1 21 ? -3.26806  5.45814   -3.03373  1.000 36.63018 ? 16  LEU A HB3  1 
ATOM   284  H HG   . LEU A 1 21 ? -1.24508  4.37285   -3.95669  1.000 38.21251 ? 16  LEU A HG   1 
ATOM   285  H HD11 . LEU A 1 21 ? -0.42108  2.76605   -2.31772  1.000 38.96197 ? 16  LEU A HD11 1 
ATOM   286  H HD12 . LEU A 1 21 ? 0.18320   4.23444   -2.27096  1.000 38.96197 ? 16  LEU A HD12 1 
ATOM   287  H HD13 . LEU A 1 21 ? -0.94364  3.80595   -1.23648  1.000 38.96197 ? 16  LEU A HD13 1 
ATOM   288  H HD21 . LEU A 1 21 ? -2.26524  2.27802   -3.66031  1.000 45.71036 ? 16  LEU A HD21 1 
ATOM   289  H HD22 . LEU A 1 21 ? -3.18947  2.89956   -2.52763  1.000 45.71036 ? 16  LEU A HD22 1 
ATOM   290  H HD23 . LEU A 1 21 ? -3.34897  3.37772   -4.03410  1.000 45.71036 ? 16  LEU A HD23 1 
ATOM   291  N N    . SER A 1 22 ? -0.13214  6.89909   -1.09413  1.000 34.17690 ? 17  SER A N    1 
ATOM   292  C CA   . SER A 1 22 ? 1.16298   6.90044   -0.42534  1.000 30.93457 ? 17  SER A CA   1 
ATOM   293  C C    . SER A 1 22 ? 1.21667   5.78214   0.60568   1.000 25.35377 ? 17  SER A C    1 
ATOM   294  O O    . SER A 1 22 ? 0.20195   5.42549   1.20883   1.000 29.44228 ? 17  SER A O    1 
ATOM   295  C CB   . SER A 1 22 ? 1.44816   8.23678   0.27851   1.000 29.49465 ? 17  SER A CB   1 
ATOM   296  O OG   . SER A 1 22 ? 1.29565   9.33877   -0.59773  1.000 28.80006 ? 17  SER A OG   1 
ATOM   297  H H    . SER A 1 22 ? -0.79280  6.97381   -0.54868  1.000 41.01229 ? 17  SER A H    1 
ATOM   298  H HA   . SER A 1 22 ? 1.85340   6.75258   -1.09043  1.000 37.12148 ? 17  SER A HA   1 
ATOM   299  H HB2  . SER A 1 22 ? 0.82795   8.33820   1.01740   1.000 35.39358 ? 17  SER A HB2  1 
ATOM   300  H HB3  . SER A 1 22 ? 2.35981   8.22602   0.60968   1.000 35.39358 ? 17  SER A HB3  1 
ATOM   301  H HG   . SER A 1 22 ? 1.51525   10.04913  -0.20689  1.000 34.56007 ? 17  SER A HG   1 
ATOM   302  N N    . ILE A 1 23 ? 2.41383   5.23174   0.80918   1.000 26.65101 ? 18  ILE A N    1 
ATOM   303  C CA   . ILE A 1 23 ? 2.60997   4.14722   1.76047   1.000 24.00398 ? 18  ILE A CA   1 
ATOM   304  C C    . ILE A 1 23 ? 3.54611   4.60676   2.87323   1.000 26.22369 ? 18  ILE A C    1 
ATOM   305  O O    . ILE A 1 23 ? 4.37022   5.50967   2.70481   1.000 27.93793 ? 18  ILE A O    1 
ATOM   306  C CB   . ILE A 1 23 ? 3.16320   2.86462   1.10080   1.000 27.25648 ? 18  ILE A CB   1 
ATOM   307  C CG1  . ILE A 1 23 ? 4.33770   3.18868   0.18171   1.000 25.75528 ? 18  ILE A CG1  1 
ATOM   308  C CG2  . ILE A 1 23 ? 2.06574   2.14040   0.33785   1.000 31.36763 ? 18  ILE A CG2  1 
ATOM   309  C CD1  . ILE A 1 23 ? 5.20901   1.98607   -0.12146  1.000 30.64150 ? 18  ILE A CD1  1 
ATOM   310  H H    . ILE A 1 23 ? 3.13185   5.47419   0.40265   1.000 31.98121 ? 18  ILE A H    1 
ATOM   311  H HA   . ILE A 1 23 ? 1.74865   3.94082   2.15596   1.000 28.80477 ? 18  ILE A HA   1 
ATOM   312  H HB   . ILE A 1 23 ? 3.48520   2.28005   1.80472   1.000 32.70777 ? 18  ILE A HB   1 
ATOM   313  H HG12 . ILE A 1 23 ? 3.99378   3.52756   -0.65958  1.000 30.90634 ? 18  ILE A HG12 1 
ATOM   314  H HG13 . ILE A 1 23 ? 4.89353   3.86003   0.60742   1.000 30.90634 ? 18  ILE A HG13 1 
ATOM   315  H HG21 . ILE A 1 23 ? 2.42491   1.31574   -0.02523  1.000 37.64116 ? 18  ILE A HG21 1 
ATOM   316  H HG22 . ILE A 1 23 ? 1.33555   1.94395   0.94543   1.000 37.64116 ? 18  ILE A HG22 1 
ATOM   317  H HG23 . ILE A 1 23 ? 1.75281   2.71017   -0.38210  1.000 37.64116 ? 18  ILE A HG23 1 
ATOM   318  H HD11 . ILE A 1 23 ? 5.92603   2.25736   -0.71576  1.000 36.76980 ? 18  ILE A HD11 1 
ATOM   319  H HD12 . ILE A 1 23 ? 5.57819   1.64624   0.70868   1.000 36.76980 ? 18  ILE A HD12 1 
ATOM   320  H HD13 . ILE A 1 23 ? 4.66746   1.30290   -0.54680  1.000 36.76980 ? 18  ILE A HD13 1 
ATOM   321  N N    . SER A 1 24 ? 3.40637   3.94936   4.02289   1.000 23.95649 ? 19  SER A N    1 
ATOM   322  C CA   . SER A 1 24 ? 4.26612   4.14033   5.17817   1.000 26.58989 ? 19  SER A CA   1 
ATOM   323  C C    . SER A 1 24 ? 4.59024   2.77467   5.76353   1.000 28.17392 ? 19  SER A C    1 
ATOM   324  O O    . SER A 1 24 ? 3.88260   1.79265   5.52521   1.000 27.36467 ? 19  SER A O    1 
ATOM   325  C CB   . SER A 1 24 ? 3.60391   5.02528   6.24521   1.000 27.76309 ? 19  SER A CB   1 
ATOM   326  O OG   . SER A 1 24 ? 3.36304   6.32752   5.74843   1.000 33.25935 ? 19  SER A OG   1 
ATOM   327  H H    . SER A 1 24 ? 2.79281   3.36260   4.16021   1.000 28.74779 ? 19  SER A H    1 
ATOM   328  H HA   . SER A 1 24 ? 5.09076   4.57119   4.90392   1.000 31.90786 ? 19  SER A HA   1 
ATOM   329  H HB2  . SER A 1 24 ? 2.75884   4.62617   6.50497   1.000 33.31571 ? 19  SER A HB2  1 
ATOM   330  H HB3  . SER A 1 24 ? 4.19256   5.08546   7.01382   1.000 33.31571 ? 19  SER A HB3  1 
ATOM   331  H HG   . SER A 1 24 ? 2.83711   6.73723   6.25944   1.000 39.91122 ? 19  SER A HG   1 
ATOM   332  N N    . GLY A 1 25 ? 5.67692   2.71878   6.52334   1.000 24.79363 ? 20  GLY A N    1 
ATOM   333  C CA   . GLY A 1 25 ? 6.07726   1.48669   7.17106   1.000 22.52824 ? 20  GLY A CA   1 
ATOM   334  C C    . GLY A 1 25 ? 7.03321   0.65820   6.33807   1.000 23.20881 ? 20  GLY A C    1 
ATOM   335  O O    . GLY A 1 25 ? 7.59807   1.09643   5.33112   1.000 22.55402 ? 20  GLY A O    1 
ATOM   336  H H    . GLY A 1 25 ? 6.19854   3.38488   6.67770   1.000 29.75236 ? 20  GLY A H    1 
ATOM   337  H HA2  . GLY A 1 25 ? 6.51293   1.69665   8.01189   1.000 27.03388 ? 20  GLY A HA2  1 
ATOM   338  H HA3  . GLY A 1 25 ? 5.28879   0.95050   7.34917   1.000 27.03388 ? 20  GLY A HA3  1 
ATOM   339  N N    . GLY A 1 26 ? 7.20206   -0.58632  6.77891   1.000 20.71374 ? 21  GLY A N    1 
ATOM   340  C CA   . GLY A 1 26 ? 8.11987   -1.51146  6.15028   1.000 21.71601 ? 21  GLY A CA   1 
ATOM   341  C C    . GLY A 1 26 ? 9.19796   -1.97635  7.10393   1.000 21.73223 ? 21  GLY A C    1 
ATOM   342  O O    . GLY A 1 26 ? 9.49213   -1.29677  8.08797   1.000 22.09569 ? 21  GLY A O    1 
ATOM   343  H H    . GLY A 1 26 ? 6.78583   -0.91930  7.45380   1.000 24.85649 ? 21  GLY A H    1 
ATOM   344  H HA2  . GLY A 1 26 ? 7.63053   -2.28823  5.83711   1.000 26.05921 ? 21  GLY A HA2  1 
ATOM   345  H HA3  . GLY A 1 26 ? 8.54476   -1.07939  5.39287   1.000 26.05921 ? 21  GLY A HA3  1 
ATOM   346  N N    . VAL A 1 27 ? 9.78912   -3.13916  6.82848   1.000 22.36197 ? 22  VAL A N    1 
ATOM   347  C CA   . VAL A 1 27 ? 10.85853  -3.64278  7.67639   1.000 24.31329 ? 22  VAL A CA   1 
ATOM   348  C C    . VAL A 1 27 ? 12.01630  -2.66102  7.63842   1.000 23.56887 ? 22  VAL A C    1 
ATOM   349  O O    . VAL A 1 27 ? 12.44004  -2.21611  6.56358   1.000 23.86279 ? 22  VAL A O    1 
ATOM   350  C CB   . VAL A 1 27 ? 11.28680  -5.04363  7.21768   1.000 22.81575 ? 22  VAL A CB   1 
ATOM   351  C CG1  . VAL A 1 27 ? 12.44777  -5.54542  8.04823   1.000 25.70368 ? 22  VAL A CG1  1 
ATOM   352  C CG2  . VAL A 1 27 ? 10.10910  -6.01554  7.30478   1.000 28.97435 ? 22  VAL A CG2  1 
ATOM   353  H H    . VAL A 1 27 ? 9.58962   -3.64712  6.16382   1.000 26.83437 ? 22  VAL A H    1 
ATOM   354  H HA   . VAL A 1 27 ? 10.54175  -3.71299  8.59053   1.000 29.17595 ? 22  VAL A HA   1 
ATOM   355  H HB   . VAL A 1 27 ? 11.57604  -4.99441  6.29312   1.000 27.37890 ? 22  VAL A HB   1 
ATOM   356  H HG11 . VAL A 1 27 ? 12.56573  -6.49434  7.88534   1.000 30.84442 ? 22  VAL A HG11 1 
ATOM   357  H HG12 . VAL A 1 27 ? 13.25012  -5.06376  7.79300   1.000 30.84442 ? 22  VAL A HG12 1 
ATOM   358  H HG13 . VAL A 1 27 ? 12.25440  -5.39235  8.98635   1.000 30.84442 ? 22  VAL A HG13 1 
ATOM   359  H HG21 . VAL A 1 27 ? 10.40958  -6.90002  7.04342   1.000 34.76922 ? 22  VAL A HG21 1 
ATOM   360  H HG22 . VAL A 1 27 ? 9.78155   -6.03379  8.21763   1.000 34.76922 ? 22  VAL A HG22 1 
ATOM   361  H HG23 . VAL A 1 27 ? 9.40665   -5.71484  6.70725   1.000 34.76922 ? 22  VAL A HG23 1 
ATOM   362  N N    . GLY A 1 28 ? 12.52463  -2.30466  8.81541   1.000 26.95080 ? 23  GLY A N    1 
ATOM   363  C CA   . GLY A 1 28 ? 13.61593  -1.35904  8.92113   1.000 22.56322 ? 23  GLY A CA   1 
ATOM   364  C C    . GLY A 1 28 ? 13.20050  0.09293   8.99383   1.000 21.57088 ? 23  GLY A C    1 
ATOM   365  O O    . GLY A 1 28 ? 14.07254  0.96564   9.11413   1.000 25.47593 ? 23  GLY A O    1 
ATOM   366  H H    . GLY A 1 28 ? 12.24706  -2.60365  9.57248   1.000 32.34096 ? 23  GLY A H    1 
ATOM   367  H HA2  . GLY A 1 28 ? 14.12417  -1.56091  9.72227   1.000 27.07587 ? 23  GLY A HA2  1 
ATOM   368  H HA3  . GLY A 1 28 ? 14.19167  -1.46274  8.14738   1.000 27.07587 ? 23  GLY A HA3  1 
ATOM   369  N N    . SER A 1 29 ? 11.90577  0.37896   8.91095   1.000 25.75324 ? 24  SER A N    1 
ATOM   370  C CA   . SER A 1 29 ? 11.35681  1.71011   9.09120   1.000 24.02930 ? 24  SER A CA   1 
ATOM   371  C C    . SER A 1 29 ? 10.56976  1.76748   10.39450  1.000 24.65143 ? 24  SER A C    1 
ATOM   372  O O    . SER A 1 29 ? 10.18536  0.74106   10.96658  1.000 24.75571 ? 24  SER A O    1 
ATOM   373  C CB   . SER A 1 29 ? 10.43859  2.09263   7.92204   1.000 27.60505 ? 24  SER A CB   1 
ATOM   374  O OG   . SER A 1 29 ? 11.15070  2.14318   6.69538   1.000 29.24803 ? 24  SER A OG   1 
ATOM   375  H H    . SER A 1 29 ? 11.30199  -0.21017  8.74369   1.000 30.90388 ? 24  SER A H    1 
ATOM   376  H HA   . SER A 1 29 ? 12.08072  2.35451   9.13114   1.000 28.83516 ? 24  SER A HA   1 
ATOM   377  H HB2  . SER A 1 29 ? 9.73390   1.43020   7.84779   1.000 33.12606 ? 24  SER A HB2  1 
ATOM   378  H HB3  . SER A 1 29 ? 10.05548  2.96627   8.09778   1.000 33.12606 ? 24  SER A HB3  1 
ATOM   379  H HG   . SER A 1 29 ? 10.63689  2.37990   6.07444   1.000 35.09763 ? 24  SER A HG   1 
ATOM   380  N N    . SER A 1 30 ? 10.31796  2.98988   10.84908  1.000 28.66790 ? 25  SER A N    1 
ATOM   381  C CA   . SER A 1 30 ? 9.43024   3.19448   11.98780  1.000 29.45296 ? 25  SER A CA   1 
ATOM   382  C C    . SER A 1 30 ? 8.03720   2.67731   11.64188  1.000 31.55082 ? 25  SER A C    1 
ATOM   383  O O    . SER A 1 30 ? 7.51490   2.95742   10.56110  1.000 30.33740 ? 25  SER A O    1 
ATOM   384  C CB   . SER A 1 30 ? 9.38476   4.68057   12.35323  1.000 29.45231 ? 25  SER A CB   1 
ATOM   385  O OG   . SER A 1 30 ? 8.72881   4.89618   13.59412  1.000 32.13308 ? 25  SER A OG   1 
ATOM   386  H H    . SER A 1 30 ? 10.64587  3.71301   10.51871  1.000 34.40147 ? 25  SER A H    1 
ATOM   387  H HA   . SER A 1 30 ? 9.75734   2.71100   12.76250  1.000 35.34355 ? 25  SER A HA   1 
ATOM   388  H HB2  . SER A 1 30 ? 10.29327  5.01422   12.41807  1.000 35.34277 ? 25  SER A HB2  1 
ATOM   389  H HB3  . SER A 1 30 ? 8.90460   5.15839   11.65895  1.000 35.34277 ? 25  SER A HB3  1 
ATOM   390  H HG   . SER A 1 30 ? 8.54436   5.71076   13.68385  1.000 38.55969 ? 25  SER A HG   1 
ATOM   391  N N    . SER A 1 31 ? 7.43715   1.92634   12.56739  1.000 28.76363 ? 26  SER A N    1 
ATOM   392  C CA   . SER A 1 31 ? 6.18054   1.23869   12.29565  1.000 31.94777 ? 26  SER A CA   1 
ATOM   393  C C    . SER A 1 31 ? 5.02282   2.22492   12.19844  1.000 29.73626 ? 26  SER A C    1 
ATOM   394  O O    . SER A 1 31 ? 4.87817   3.12064   13.03609  1.000 31.90531 ? 26  SER A O    1 
ATOM   395  C CB   . SER A 1 31 ? 5.89452   0.21160   13.39082  1.000 32.50392 ? 26  SER A CB   1 
ATOM   396  O OG   . SER A 1 31 ? 6.97774   -0.68510  13.54892  1.000 37.67082 ? 26  SER A OG   1 
ATOM   397  H H    . SER A 1 31 ? 7.74011   1.80002   13.36229  1.000 34.51636 ? 26  SER A H    1 
ATOM   398  H HA   . SER A 1 31 ? 6.25639   0.77974   11.44447  1.000 38.33732 ? 26  SER A HA   1 
ATOM   399  H HB2  . SER A 1 31 ? 5.74820   0.67820   14.22854  1.000 39.00470 ? 26  SER A HB2  1 
ATOM   400  H HB3  . SER A 1 31 ? 5.10198   -0.29276  13.14916  1.000 39.00470 ? 26  SER A HB3  1 
ATOM   401  H HG   . SER A 1 31 ? 7.13197   -1.08003  12.82377  1.000 45.20498 ? 26  SER A HG   1 
ATOM   402  N N    . PHE A 1 32 ? 4.18962   2.04750   11.17249  1.000 27.94118 ? 27  PHE A N    1 
ATOM   403  C CA   . PHE A 1 32 ? 2.99013   2.86658   11.03109  1.000 27.59365 ? 27  PHE A CA   1 
ATOM   404  C C    . PHE A 1 32 ? 2.02685   2.62178   12.18392  1.000 28.30705 ? 27  PHE A C    1 
ATOM   405  O O    . PHE A 1 32 ? 1.46860   3.56796   12.75387  1.000 33.01190 ? 27  PHE A O    1 
ATOM   406  C CB   . PHE A 1 32 ? 2.33542   2.55765   9.68429   1.000 30.71177 ? 27  PHE A CB   1 
ATOM   407  C CG   . PHE A 1 32 ? 1.01454   3.23451   9.46834   1.000 27.73942 ? 27  PHE A CG   1 
ATOM   408  C CD1  . PHE A 1 32 ? 0.94972   4.50125   8.91249   1.000 34.78052 ? 27  PHE A CD1  1 
ATOM   409  C CD2  . PHE A 1 32 ? -0.16531  2.58923   9.78717   1.000 32.94609 ? 27  PHE A CD2  1 
ATOM   410  C CE1  . PHE A 1 32 ? -0.27527  5.11650   8.69884   1.000 35.98379 ? 27  PHE A CE1  1 
ATOM   411  C CE2  . PHE A 1 32 ? -1.38347  3.20024   9.57753   1.000 32.37803 ? 27  PHE A CE2  1 
ATOM   412  C CZ   . PHE A 1 32 ? -1.43465  4.46525   9.02975   1.000 32.17379 ? 27  PHE A CZ   1 
ATOM   413  H H    . PHE A 1 32 ? 4.29578   1.46396   10.54977  1.000 33.52941 ? 27  PHE A H    1 
ATOM   414  H HA   . PHE A 1 32 ? 3.22555   3.80747   11.04529  1.000 33.11238 ? 27  PHE A HA   1 
ATOM   415  H HB2  . PHE A 1 32 ? 2.93238   2.84664   8.97646   1.000 36.85412 ? 27  PHE A HB2  1 
ATOM   416  H HB3  . PHE A 1 32 ? 2.18810   1.60080   9.62403   1.000 36.85412 ? 27  PHE A HB3  1 
ATOM   417  H HD1  . PHE A 1 32 ? 1.73427   4.94341   8.68037   1.000 41.73663 ? 27  PHE A HD1  1 
ATOM   418  H HD2  . PHE A 1 32 ? -0.13728  1.73234   10.14755  1.000 39.53530 ? 27  PHE A HD2  1 
ATOM   419  H HE1  . PHE A 1 32 ? -0.30956  5.97013   8.33137   1.000 43.18055 ? 27  PHE A HE1  1 
ATOM   420  H HE2  . PHE A 1 32 ? -2.17021  2.75972   9.80532   1.000 38.85364 ? 27  PHE A HE2  1 
ATOM   421  H HZ   . PHE A 1 32 ? -2.25626  4.87624   8.88498   1.000 38.60855 ? 27  PHE A HZ   1 
ATOM   422  N N    . LYS A 1 33 ? 1.82319   1.35858   12.53865  1.000 31.05240 ? 28  LYS A N    1 
ATOM   423  C CA   . LYS A 1 33 ? 1.02776   0.95240   13.68606  1.000 38.63435 ? 28  LYS A CA   1 
ATOM   424  C C    . LYS A 1 33 ? 1.95492   0.36444   14.73556  1.000 36.01201 ? 28  LYS A C    1 
ATOM   425  O O    . LYS A 1 33 ? 2.93445   -0.30700  14.39908  1.000 36.37203 ? 28  LYS A O    1 
ATOM   426  C CB   . LYS A 1 33 ? -0.02077  -0.09582  13.30258  1.000 35.24813 ? 28  LYS A CB   1 
ATOM   427  C CG   . LYS A 1 33 ? -1.37556  0.45930   12.90200  1.000 41.34631 ? 28  LYS A CG   1 
ATOM   428  C CD   . LYS A 1 33 ? -2.29952  -0.63946  12.37326  1.000 44.85982 ? 28  LYS A CD   1 
ATOM   429  C CE   . LYS A 1 33 ? -2.55169  -1.74008  13.39643  1.000 42.92006 ? 28  LYS A CE   1 
ATOM   430  N NZ   . LYS A 1 33 ? -3.70323  -2.60485  13.00426  1.000 44.84440 ? 28  LYS A NZ   1 
ATOM   431  H H    . LYS A 1 33 ? 2.15138   0.68967   12.10917  1.000 37.26288 ? 28  LYS A H    1 
ATOM   432  H HA   . LYS A 1 33 ? 0.56324   1.72258   14.04930  1.000 46.36122 ? 28  LYS A HA   1 
ATOM   433  H HB2  . LYS A 1 33 ? 0.31742   -0.60568  12.54987  1.000 42.29776 ? 28  LYS A HB2  1 
ATOM   434  H HB3  . LYS A 1 33 ? -0.16094  -0.68092  14.06345  1.000 42.29776 ? 28  LYS A HB3  1 
ATOM   435  H HG2  . LYS A 1 33 ? -1.79725  0.86594   13.67512  1.000 49.61557 ? 28  LYS A HG2  1 
ATOM   436  H HG3  . LYS A 1 33 ? -1.25739  1.12069   12.20234  1.000 49.61557 ? 28  LYS A HG3  1 
ATOM   437  H HD2  . LYS A 1 33 ? -3.15502  -0.24754  12.13786  1.000 53.83178 ? 28  LYS A HD2  1 
ATOM   438  H HD3  . LYS A 1 33 ? -1.89385  -1.04490  11.59098  1.000 53.83178 ? 28  LYS A HD3  1 
ATOM   439  H HE2  . LYS A 1 33 ? -1.76193  -2.29880  13.46715  1.000 51.50407 ? 28  LYS A HE2  1 
ATOM   440  H HE3  . LYS A 1 33 ? -2.75196  -1.33834  14.25631  1.000 51.50407 ? 28  LYS A HE3  1 
ATOM   441  H HZ1  . LYS A 1 33 ? -3.83616  -3.23281  13.62078  1.000 53.81328 ? 28  LYS A HZ1  1 
ATOM   442  H HZ2  . LYS A 1 33 ? -4.44129  -2.11324  12.92890  1.000 53.81328 ? 28  LYS A HZ2  1 
ATOM   443  H HZ3  . LYS A 1 33 ? -3.53680  -2.99762  12.22315  1.000 53.81328 ? 28  LYS A HZ3  1 
ATOM   444  N N    . SER A 1 34 ? 1.63607   0.60405   16.00105  1.000 35.72200 ? 29  SER A N    1 
ATOM   445  C CA   . SER A 1 34 ? 2.43516   0.05974   17.08984  1.000 36.08394 ? 29  SER A CA   1 
ATOM   446  C C    . SER A 1 34 ? 2.63271   -1.43909  16.91088  1.000 35.93844 ? 29  SER A C    1 
ATOM   447  O O    . SER A 1 34 ? 1.66500   -2.20003  16.82948  1.000 38.32358 ? 29  SER A O    1 
ATOM   448  C CB   . SER A 1 34 ? 1.75736   0.35487   18.43145  1.000 39.96079 ? 29  SER A CB   1 
ATOM   449  O OG   . SER A 1 34 ? 2.56074   -0.07869  19.51598  1.000 47.05198 ? 29  SER A OG   1 
ATOM   450  H H    . SER A 1 34 ? 0.96425   1.07709   16.25497  1.000 42.86640 ? 29  SER A H    1 
ATOM   451  H HA   . SER A 1 34 ? 3.30639   0.48616   17.09205  1.000 43.30073 ? 29  SER A HA   1 
ATOM   452  H HB2  . SER A 1 34 ? 1.61465   1.31124   18.50821  1.000 47.95295 ? 29  SER A HB2  1 
ATOM   453  H HB3  . SER A 1 34 ? 0.90720   -0.11106  18.46367  1.000 47.95295 ? 29  SER A HB3  1 
ATOM   454  H HG   . SER A 1 34 ? 2.18293   0.10282   20.24393  1.000 56.46237 ? 29  SER A HG   1 
ATOM   455  N N    . GLY A 1 35 ? 3.89225   -1.85575  16.81670  1.000 36.96322 ? 30  GLY A N    1 
ATOM   456  C CA   . GLY A 1 35 ? 4.22513   -3.26647  16.79571  1.000 37.68162 ? 30  GLY A CA   1 
ATOM   457  C C    . GLY A 1 35 ? 3.98242   -3.99375  15.49055  1.000 35.15336 ? 30  GLY A C    1 
ATOM   458  O O    . GLY A 1 35 ? 3.98640   -5.23036  15.48569  1.000 35.58199 ? 30  GLY A O    1 
ATOM   459  H H    . GLY A 1 35 ? 4.57365   -1.33378  16.76350  1.000 44.35587 ? 30  GLY A H    1 
ATOM   460  H HA2  . GLY A 1 35 ? 5.16671   -3.36064  17.00890  1.000 45.21795 ? 30  GLY A HA2  1 
ATOM   461  H HA3  . GLY A 1 35 ? 3.70056   -3.71358  17.47823  1.000 45.21795 ? 30  GLY A HA3  1 
ATOM   462  N N    . ASP A 1 36 ? 3.77201   -3.28045  14.38476  1.000 36.16475 ? 31  ASP A N    1 
ATOM   463  C CA   . ASP A 1 36 ? 3.51965   -3.89871  13.08432  1.000 29.76021 ? 31  ASP A CA   1 
ATOM   464  C C    . ASP A 1 36 ? 4.40064   -3.21318  12.05091  1.000 30.85144 ? 31  ASP A C    1 
ATOM   465  O O    . ASP A 1 36 ? 4.17850   -2.04375  11.71898  1.000 27.79195 ? 31  ASP A O    1 
ATOM   466  C CB   . ASP A 1 36 ? 2.04570   -3.78962  12.69168  1.000 33.01658 ? 31  ASP A CB   1 
ATOM   467  C CG   . ASP A 1 36 ? 1.69804   -4.62419  11.46536  1.000 35.42962 ? 31  ASP A CG   1 
ATOM   468  O OD1  . ASP A 1 36 ? 2.59409   -4.88730  10.63079  1.000 33.36879 ? 31  ASP A OD1  1 
ATOM   469  O OD2  . ASP A 1 36 ? 0.51769   -5.02551  11.33246  1.000 36.28340 ? 31  ASP A OD2  1 
ATOM   470  H H    . ASP A 1 36 ? 3.77069   -2.42073  14.36281  1.000 43.39770 ? 31  ASP A H    1 
ATOM   471  H HA   . ASP A 1 36 ? 3.75890   -4.83785  13.12558  1.000 35.71226 ? 31  ASP A HA   1 
ATOM   472  H HB2  . ASP A 1 36 ? 1.49827   -4.09940  13.43010  1.000 39.61989 ? 31  ASP A HB2  1 
ATOM   473  H HB3  . ASP A 1 36 ? 1.83971   -2.86303  12.49189  1.000 39.61989 ? 31  ASP A HB3  1 
ATOM   474  N N    . ASP A 1 37 ? 5.39354   -3.93952  11.54305  1.000 30.20706 ? 32  ASP A N    1 
ATOM   475  C CA   . ASP A 1 37 ? 6.32863   -3.40665  10.56272  1.000 30.92898 ? 32  ASP A CA   1 
ATOM   476  C C    . ASP A 1 37 ? 5.78034   -3.43728  9.13929   1.000 32.98112 ? 32  ASP A C    1 
ATOM   477  O O    . ASP A 1 37 ? 6.56541   -3.29588  8.19725   1.000 27.50109 ? 32  ASP A O    1 
ATOM   478  C CB   . ASP A 1 37 ? 7.65175   -4.18197  10.62263  1.000 33.45592 ? 32  ASP A CB   1 
ATOM   479  C CG   . ASP A 1 37 ? 7.48937   -5.65677  10.27535  1.000 31.49277 ? 32  ASP A CG   1 
ATOM   480  O OD1  . ASP A 1 37 ? 6.37974   -6.07191  9.87638   1.000 34.14934 ? 32  ASP A OD1  1 
ATOM   481  O OD2  . ASP A 1 37 ? 8.47705   -6.41092  10.40794  1.000 35.55969 ? 32  ASP A OD2  1 
ATOM   482  H H    . ASP A 1 37 ? 5.54680   -4.75845  11.75626  1.000 36.24847 ? 32  ASP A H    1 
ATOM   483  H HA   . ASP A 1 37 ? 6.50982   -2.48145  10.79092  1.000 37.11478 ? 32  ASP A HA   1 
ATOM   484  H HB2  . ASP A 1 37 ? 8.27514   -3.79208  9.98995   1.000 40.14711 ? 32  ASP A HB2  1 
ATOM   485  H HB3  . ASP A 1 37 ? 8.01146   -4.12372  11.52159  1.000 40.14711 ? 32  ASP A HB3  1 
ATOM   486  N N    . GLY A 1 38 ? 4.46954   -3.60078  8.96403   1.000 29.75806 ? 33  GLY A N    1 
ATOM   487  C CA   . GLY A 1 38 ? 3.90159   -3.76671  7.64235   1.000 26.12030 ? 33  GLY A CA   1 
ATOM   488  C C    . GLY A 1 38 ? 3.88773   -2.48923  6.82149   1.000 24.30246 ? 33  GLY A C    1 
ATOM   489  O O    . GLY A 1 38 ? 4.21520   -1.39147  7.28240   1.000 23.28353 ? 33  GLY A O    1 
ATOM   490  H H    . GLY A 1 38 ? 3.89123   -3.61846  9.60031   1.000 35.70967 ? 33  GLY A H    1 
ATOM   491  H HA2  . GLY A 1 38 ? 4.41740   -4.42980  7.15743   1.000 31.34436 ? 33  GLY A HA2  1 
ATOM   492  H HA3  . GLY A 1 38 ? 2.98713   -4.07871  7.72797   1.000 31.34436 ? 33  GLY A HA3  1 
ATOM   493  N N    . ILE A 1 39 ? 3.51836   -2.66404  5.55362   1.000 21.65319 ? 34  ILE A N    1 
ATOM   494  C CA   . ILE A 1 39 ? 3.27947   -1.56092  4.63054   1.000 21.57653 ? 34  ILE A CA   1 
ATOM   495  C C    . ILE A 1 39 ? 1.81879   -1.15690  4.74736   1.000 20.66076 ? 34  ILE A C    1 
ATOM   496  O O    . ILE A 1 39 ? 0.92794   -2.00618  4.64289   1.000 24.34036 ? 34  ILE A O    1 
ATOM   497  C CB   . ILE A 1 39 ? 3.60415   -1.96819  3.18390   1.000 22.36236 ? 34  ILE A CB   1 
ATOM   498  C CG1  . ILE A 1 39 ? 5.02724   -2.52055  3.06117   1.000 21.38463 ? 34  ILE A CG1  1 
ATOM   499  C CG2  . ILE A 1 39 ? 3.40120   -0.79031  2.25118   1.000 23.45196 ? 34  ILE A CG2  1 
ATOM   500  C CD1  . ILE A 1 39 ? 6.11372   -1.52842  3.35967   1.000 23.86745 ? 34  ILE A CD1  1 
ATOM   501  H H    . ILE A 1 39 ? 3.39638   -3.43636  5.19551   1.000 25.98383 ? 34  ILE A H    1 
ATOM   502  H HA   . ILE A 1 39 ? 3.84382   -0.81043  4.87380   1.000 25.89184 ? 34  ILE A HA   1 
ATOM   503  H HB   . ILE A 1 39 ? 2.99442   -2.67893  2.93095   1.000 26.83483 ? 34  ILE A HB   1 
ATOM   504  H HG12 . ILE A 1 39 ? 5.12629   -3.25799  3.68348   1.000 25.66156 ? 34  ILE A HG12 1 
ATOM   505  H HG13 . ILE A 1 39 ? 5.15909   -2.83328  2.15248   1.000 25.66156 ? 34  ILE A HG13 1 
ATOM   506  H HG21 . ILE A 1 39 ? 3.85733   -0.96831  1.41383   1.000 28.14235 ? 34  ILE A HG21 1 
ATOM   507  H HG22 . ILE A 1 39 ? 2.45150   -0.67338  2.09216   1.000 28.14235 ? 34  ILE A HG22 1 
ATOM   508  H HG23 . ILE A 1 39 ? 3.76795   0.00681   2.66469   1.000 28.14235 ? 34  ILE A HG23 1 
ATOM   509  H HD11 . ILE A 1 39 ? 6.97344   -1.97331  3.29747   1.000 28.64094 ? 34  ILE A HD11 1 
ATOM   510  H HD12 . ILE A 1 39 ? 6.06769   -0.80591  2.71410   1.000 28.64094 ? 34  ILE A HD12 1 
ATOM   511  H HD13 . ILE A 1 39 ? 5.98567   -1.17995  4.25582   1.000 28.64094 ? 34  ILE A HD13 1 
ATOM   512  N N    . PHE A 1 40 ? 1.56545   0.13654   4.92571   1.000 23.57783 ? 35  PHE A N    1 
ATOM   513  C CA   . PHE A 1 40 ? 0.21632   0.63952   5.16293   1.000 21.26577 ? 35  PHE A CA   1 
ATOM   514  C C    . PHE A 1 40 ? -0.10489  1.77023   4.19686   1.000 23.55329 ? 35  PHE A C    1 
ATOM   515  O O    . PHE A 1 40 ? 0.76713   2.55607   3.82914   1.000 25.69398 ? 35  PHE A O    1 
ATOM   516  C CB   . PHE A 1 40 ? 0.04864   1.14814   6.61094   1.000 27.57746 ? 35  PHE A CB   1 
ATOM   517  C CG   . PHE A 1 40 ? -0.02056  0.05410   7.63461   1.000 24.06710 ? 35  PHE A CG   1 
ATOM   518  C CD1  . PHE A 1 40 ? 1.13415   -0.49367  8.16761   1.000 24.01115 ? 35  PHE A CD1  1 
ATOM   519  C CD2  . PHE A 1 40 ? -1.24005  -0.43341  8.05598   1.000 23.73164 ? 35  PHE A CD2  1 
ATOM   520  C CE1  . PHE A 1 40 ? 1.07267   -1.50393  9.10760   1.000 27.53154 ? 35  PHE A CE1  1 
ATOM   521  C CE2  . PHE A 1 40 ? -1.30729  -1.43998  9.00294   1.000 28.10609 ? 35  PHE A CE2  1 
ATOM   522  C CZ   . PHE A 1 40 ? -0.15049  -1.97950  9.52290   1.000 30.31474 ? 35  PHE A CZ   1 
ATOM   523  H H    . PHE A 1 40 ? 2.16738   0.75064   4.91343   1.000 28.29340 ? 35  PHE A H    1 
ATOM   524  H HA   . PHE A 1 40 ? -0.41619  -0.07921  5.00715   1.000 25.51892 ? 35  PHE A HA   1 
ATOM   525  H HB2  . PHE A 1 40 ? 0.80579   1.71259   6.83236   1.000 33.09295 ? 35  PHE A HB2  1 
ATOM   526  H HB3  . PHE A 1 40 ? -0.77396  1.65896   6.66826   1.000 33.09295 ? 35  PHE A HB3  1 
ATOM   527  H HD1  . PHE A 1 40 ? 1.96285   -0.17683  7.88875   1.000 28.81338 ? 35  PHE A HD1  1 
ATOM   528  H HD2  . PHE A 1 40 ? -2.02436  -0.08233  7.70031   1.000 28.47796 ? 35  PHE A HD2  1 
ATOM   529  H HE1  . PHE A 1 40 ? 1.85575   -1.86194  9.45902   1.000 33.03785 ? 35  PHE A HE1  1 
ATOM   530  H HE2  . PHE A 1 40 ? -2.13485  -1.75315  9.28922   1.000 33.72730 ? 35  PHE A HE2  1 
ATOM   531  H HZ   . PHE A 1 40 ? -0.19617  -2.66266  10.15229  1.000 36.37769 ? 35  PHE A HZ   1 
ATOM   532  N N    . VAL A 1 41 ? -1.36964  1.85629   3.79288   1.000 24.40872 ? 36  VAL A N    1 
ATOM   533  C CA   . VAL A 1 41 ? -1.84156  3.01348   3.03850   1.000 25.00729 ? 36  VAL A CA   1 
ATOM   534  C C    . VAL A 1 41 ? -2.03209  4.16836   4.01303   1.000 28.81512 ? 36  VAL A C    1 
ATOM   535  O O    . VAL A 1 41 ? -2.90069  4.10953   4.89060   1.000 28.35233 ? 36  VAL A O    1 
ATOM   536  C CB   . VAL A 1 41 ? -3.14756  2.71068   2.29354   1.000 26.23107 ? 36  VAL A CB   1 
ATOM   537  C CG1  . VAL A 1 41 ? -3.65340  3.97490   1.60796   1.000 27.02236 ? 36  VAL A CG1  1 
ATOM   538  C CG2  . VAL A 1 41 ? -2.95735  1.59467   1.27108   1.000 25.39571 ? 36  VAL A CG2  1 
ATOM   539  H H    . VAL A 1 41 ? -1.97115  1.26015   3.94254   1.000 29.29046 ? 36  VAL A H    1 
ATOM   540  H HA   . VAL A 1 41 ? -1.17118  3.25753   2.38128   1.000 30.00875 ? 36  VAL A HA   1 
ATOM   541  H HB   . VAL A 1 41 ? -3.80918  2.40903   2.93553   1.000 31.47728 ? 36  VAL A HB   1 
ATOM   542  H HG11 . VAL A 1 41 ? -4.30570  3.72896   0.93349   1.000 32.42683 ? 36  VAL A HG11 1 
ATOM   543  H HG12 . VAL A 1 41 ? -4.06458  4.55092   2.27131   1.000 32.42683 ? 36  VAL A HG12 1 
ATOM   544  H HG13 . VAL A 1 41 ? -2.90427  4.43047   1.19304   1.000 32.42683 ? 36  VAL A HG13 1 
ATOM   545  H HG21 . VAL A 1 41 ? -3.79527  1.44696   0.80526   1.000 30.47486 ? 36  VAL A HG21 1 
ATOM   546  H HG22 . VAL A 1 41 ? -2.26995  1.85863   0.63966   1.000 30.47486 ? 36  VAL A HG22 1 
ATOM   547  H HG23 . VAL A 1 41 ? -2.68873  0.78530   1.73331   1.000 30.47486 ? 36  VAL A HG23 1 
ATOM   548  N N    . SER A 1 42 ? -1.23575  5.22732   3.84554   1.000 30.09618 ? 37  SER A N    1 
ATOM   549  C CA   . SER A 1 42 ? -1.25210  6.37709   4.73893   1.000 29.37433 ? 37  SER A CA   1 
ATOM   550  C C    . SER A 1 42 ? -1.84453  7.63152   4.11296   1.000 33.49250 ? 37  SER A C    1 
ATOM   551  O O    . SER A 1 42 ? -2.14389  8.58099   4.84385   1.000 36.63986 ? 37  SER A O    1 
ATOM   552  C CB   . SER A 1 42 ? 0.17293   6.68634   5.21877   1.000 29.54202 ? 37  SER A CB   1 
ATOM   553  O OG   . SER A 1 42 ? 1.02936   6.95993   4.12236   1.000 31.46293 ? 37  SER A OG   1 
ATOM   554  H H    . SER A 1 42 ? -0.66581  5.30070   3.20570   1.000 36.11541 ? 37  SER A H    1 
ATOM   555  H HA   . SER A 1 42 ? -1.79291  6.15557   5.51311   1.000 35.24920 ? 37  SER A HA   1 
ATOM   556  H HB2  . SER A 1 42 ? 0.14824   7.46198   5.80073   1.000 35.45042 ? 37  SER A HB2  1 
ATOM   557  H HB3  . SER A 1 42 ? 0.51599   5.91906   5.70299   1.000 35.45042 ? 37  SER A HB3  1 
ATOM   558  H HG   . SER A 1 42 ? 1.81104   7.09973   4.39629   1.000 37.75551 ? 37  SER A HG   1 
ATOM   559  N N    . LYS A 1 43 ? -2.02241  7.66330   2.79497   1.000 31.28024 ? 38  LYS A N    1 
ATOM   560  C CA   . LYS A 1 43 ? -2.61605  8.80048   2.10367   1.000 33.35911 ? 38  LYS A CA   1 
ATOM   561  C C    . LYS A 1 43 ? -3.25786  8.29512   0.81886   1.000 31.52534 ? 38  LYS A C    1 
ATOM   562  O O    . LYS A 1 43 ? -2.78217  7.33226   0.21486   1.000 31.63776 ? 38  LYS A O    1 
ATOM   563  C CB   . LYS A 1 43 ? -1.56857  9.88136   1.79549   1.000 37.74440 ? 38  LYS A CB   1 
ATOM   564  C CG   . LYS A 1 43 ? -2.05643  11.04136  0.92188   1.000 36.72355 ? 38  LYS A CG   1 
ATOM   565  C CD   . LYS A 1 43 ? -1.25942  11.15187  -0.38706  1.000 37.71923 ? 38  LYS A CD   1 
ATOM   566  C CE   . LYS A 1 43 ? -1.48807  9.94581   -1.31167  1.000 36.99495 ? 38  LYS A CE   1 
ATOM   567  N NZ   . LYS A 1 43 ? -0.69639  10.00975  -2.56953  1.000 32.78637 ? 38  LYS A NZ   1 
ATOM   568  H H    . LYS A 1 43 ? -1.80153  7.02169   2.26662   1.000 37.53629 ? 38  LYS A H    1 
ATOM   569  H HA   . LYS A 1 43 ? -3.30515  9.20399   2.65433   1.000 40.03094 ? 38  LYS A HA   1 
ATOM   570  H HB2  . LYS A 1 43 ? -1.26479  10.26013  2.63522   1.000 45.29328 ? 38  LYS A HB2  1 
ATOM   571  H HB3  . LYS A 1 43 ? -0.82594  9.46334   1.33218   1.000 45.29328 ? 38  LYS A HB3  1 
ATOM   572  H HG2  . LYS A 1 43 ? -2.98957  10.90126  0.69707   1.000 44.06826 ? 38  LYS A HG2  1 
ATOM   573  H HG3  . LYS A 1 43 ? -1.95402  11.87349  1.40970   1.000 44.06826 ? 38  LYS A HG3  1 
ATOM   574  H HD2  . LYS A 1 43 ? -1.53519  11.95193  -0.86115  1.000 45.26307 ? 38  LYS A HD2  1 
ATOM   575  H HD3  . LYS A 1 43 ? -0.31282  11.19834  -0.18047  1.000 45.26307 ? 38  LYS A HD3  1 
ATOM   576  H HE2  . LYS A 1 43 ? -1.23384  9.13657   -0.84114  1.000 44.39393 ? 38  LYS A HE2  1 
ATOM   577  H HE3  . LYS A 1 43 ? -2.42687  9.90834   -1.55279  1.000 44.39393 ? 38  LYS A HE3  1 
ATOM   578  H HZ1  . LYS A 1 43 ? -0.88576  10.75920  -3.01063  1.000 39.34364 ? 38  LYS A HZ1  1 
ATOM   579  H HZ2  . LYS A 1 43 ? 0.17366   9.99663   -2.38260  1.000 39.34364 ? 38  LYS A HZ2  1 
ATOM   580  H HZ3  . LYS A 1 43 ? -0.89107  9.31269   -3.08750  1.000 39.34364 ? 38  LYS A HZ3  1 
ATOM   581  N N    . ILE A 1 44 ? -4.35513  8.93749   0.41814   1.000 34.43329 ? 39  ILE A N    1 
ATOM   582  C CA   . ILE A 1 44 ? -5.01419  8.65965   -0.85513  1.000 31.30141 ? 39  ILE A CA   1 
ATOM   583  C C    . ILE A 1 44 ? -5.25141  9.98802   -1.55967  1.000 30.36631 ? 39  ILE A C    1 
ATOM   584  O O    . ILE A 1 44 ? -5.98999  10.83936  -1.05214  1.000 36.20833 ? 39  ILE A O    1 
ATOM   585  C CB   . ILE A 1 44 ? -6.33720  7.89593   -0.67582  1.000 38.14552 ? 39  ILE A CB   1 
ATOM   586  C CG1  . ILE A 1 44 ? -6.07011  6.52323   -0.05053  1.000 32.83883 ? 39  ILE A CG1  1 
ATOM   587  C CG2  . ILE A 1 44 ? -7.04784  7.75772   -2.02112  1.000 29.19040 ? 39  ILE A CG2  1 
ATOM   588  C CD1  . ILE A 1 44 ? -7.29642  5.65199   0.11366   1.000 31.33684 ? 39  ILE A CD1  1 
ATOM   589  H H    . ILE A 1 44 ? -4.74363  9.55167   0.87797   1.000 41.31995 ? 39  ILE A H    1 
ATOM   590  H HA   . ILE A 1 44 ? -4.42692  8.11939   -1.40661  1.000 37.56169 ? 39  ILE A HA   1 
ATOM   591  H HB   . ILE A 1 44 ? -6.91331  8.39544   -0.07624  1.000 45.77462 ? 39  ILE A HB   1 
ATOM   592  H HG12 . ILE A 1 44 ? -5.44503  6.04350   -0.61625  1.000 39.40659 ? 39  ILE A HG12 1 
ATOM   593  H HG13 . ILE A 1 44 ? -5.68617  6.65553   0.83037   1.000 39.40659 ? 39  ILE A HG13 1 
ATOM   594  H HG21 . ILE A 1 44 ? -7.83374  7.20067   -1.90737  1.000 35.02848 ? 39  ILE A HG21 1 
ATOM   595  H HG22 . ILE A 1 44 ? -7.30895  8.63855   -2.33231  1.000 35.02848 ? 39  ILE A HG22 1 
ATOM   596  H HG23 . ILE A 1 44 ? -6.44149  7.34821   -2.65795  1.000 35.02848 ? 39  ILE A HG23 1 
ATOM   597  H HD11 . ILE A 1 44 ? -7.08675  4.92209   0.71713   1.000 37.60421 ? 39  ILE A HD11 1 
ATOM   598  H HD12 . ILE A 1 44 ? -8.01746  6.18744   0.48013   1.000 37.60421 ? 39  ILE A HD12 1 
ATOM   599  H HD13 . ILE A 1 44 ? -7.55283  5.30097   -0.75349  1.000 37.60421 ? 39  ILE A HD13 1 
ATOM   600  N N    . ALA A 1 45 ? -4.63375  10.16224  -2.72506  1.000 36.26791 ? 40  ALA A N    1 
ATOM   601  C CA   . ALA A 1 45 ? -4.72178  11.42822  -3.43924  1.000 32.73502 ? 40  ALA A CA   1 
ATOM   602  C C    . ALA A 1 45 ? -6.12988  11.63789  -3.97928  1.000 41.06357 ? 40  ALA A C    1 
ATOM   603  O O    . ALA A 1 45 ? -6.71405  10.73719  -4.58918  1.000 38.79713 ? 40  ALA A O    1 
ATOM   604  C CB   . ALA A 1 45 ? -3.70678  11.46303  -4.57803  1.000 37.96844 ? 40  ALA A CB   1 
ATOM   605  H H    . ALA A 1 45 ? -4.15931  9.56423   -3.12114  1.000 43.52149 ? 40  ALA A H    1 
ATOM   606  H HA   . ALA A 1 45 ? -4.52029  12.15465  -2.82884  1.000 39.28203 ? 40  ALA A HA   1 
ATOM   607  H HB1  . ALA A 1 45 ? -3.78588  12.30911  -5.04581  1.000 45.56213 ? 40  ALA A HB1  1 
ATOM   608  H HB2  . ALA A 1 45 ? -2.81453  11.37142  -4.20872  1.000 45.56213 ? 40  ALA A HB2  1 
ATOM   609  H HB3  . ALA A 1 45 ? -3.88972  10.73021  -5.18663  1.000 45.56213 ? 40  ALA A HB3  1 
ATOM   610  N N    . LYS A 1 46 ? -6.67368  12.83186  -3.75497  1.000 40.92128 ? 41  LYS A N    1 
ATOM   611  C CA   . LYS A 1 46 ? -8.00913  13.14690  -4.24492  1.000 45.36392 ? 41  LYS A CA   1 
ATOM   612  C C    . LYS A 1 46 ? -8.02832  13.12783  -5.76754  1.000 42.79771 ? 41  LYS A C    1 
ATOM   613  O O    . LYS A 1 46 ? -7.13491  13.67463  -6.42092  1.000 48.72043 ? 41  LYS A O    1 
ATOM   614  C CB   . LYS A 1 46 ? -8.45485  14.51320  -3.71631  1.000 50.57345 ? 41  LYS A CB   1 
ATOM   615  C CG   . LYS A 1 46 ? -9.78228  15.01005  -4.28587  1.000 55.64727 ? 41  LYS A CG   1 
ATOM   616  C CD   . LYS A 1 46 ? -9.57169  15.96790  -5.45499  1.000 62.47933 ? 41  LYS A CD   1 
ATOM   617  C CE   . LYS A 1 46 ? -10.82388 16.09605  -6.31750  1.000 66.87040 ? 41  LYS A CE   1 
ATOM   618  N NZ   . LYS A 1 46 ? -10.58983 16.95052  -7.51992  1.000 62.50543 ? 41  LYS A NZ   1 
ATOM   619  H H    . LYS A 1 46 ? -6.29210  13.47138  -3.32486  1.000 49.10554 ? 41  LYS A H    1 
ATOM   620  H HA   . LYS A 1 46 ? -8.63903  12.48254  -3.92436  1.000 54.43670 ? 41  LYS A HA   1 
ATOM   621  H HB2  . LYS A 1 46 ? -8.55281  14.45485  -2.75303  1.000 60.68814 ? 41  LYS A HB2  1 
ATOM   622  H HB3  . LYS A 1 46 ? -7.77580  15.16819  -3.94165  1.000 60.68814 ? 41  LYS A HB3  1 
ATOM   623  H HG2  . LYS A 1 46 ? -10.29866 14.25254  -4.60277  1.000 66.77672 ? 41  LYS A HG2  1 
ATOM   624  H HG3  . LYS A 1 46 ? -10.27274 15.47936  -3.59298  1.000 66.77672 ? 41  LYS A HG3  1 
ATOM   625  H HD2  . LYS A 1 46 ? -9.34849  16.84729  -5.11185  1.000 74.97519 ? 41  LYS A HD2  1 
ATOM   626  H HD3  . LYS A 1 46 ? -8.85110  15.63709  -6.01375  1.000 74.97519 ? 41  LYS A HD3  1 
ATOM   627  H HE2  . LYS A 1 46 ? -11.09471 15.21509  -6.61994  1.000 80.24448 ? 41  LYS A HE2  1 
ATOM   628  H HE3  . LYS A 1 46 ? -11.53308 16.49922  -5.79274  1.000 80.24448 ? 41  LYS A HE3  1 
ATOM   629  H HZ1  . LYS A 1 46 ? -11.32644 16.98288  -8.01838  1.000 75.00651 ? 41  LYS A HZ1  1 
ATOM   630  H HZ2  . LYS A 1 46 ? -10.37438 17.77676  -7.26893  1.000 75.00651 ? 41  LYS A HZ2  1 
ATOM   631  H HZ3  . LYS A 1 46 ? -9.92558  16.61433  -8.00763  1.000 75.00651 ? 41  LYS A HZ3  1 
ATOM   632  N N    . GLY A 1 47 ? -9.05087  12.49009  -6.33395  1.000 47.35646 ? 42  GLY A N    1 
ATOM   633  C CA   . GLY A 1 47 ? -9.17640  12.40160  -7.77377  1.000 43.27585 ? 42  GLY A CA   1 
ATOM   634  C C    . GLY A 1 47 ? -8.18424  11.48464  -8.45107  1.000 43.23708 ? 42  GLY A C    1 
ATOM   635  O O    . GLY A 1 47 ? -8.16307  11.42562  -9.68610  1.000 43.08078 ? 42  GLY A O    1 
ATOM   636  H H    . GLY A 1 47 ? -9.68314  12.10159  -5.89933  1.000 56.82775 ? 42  GLY A H    1 
ATOM   637  H HA2  . GLY A 1 47 ? -10.06672 12.08128  -7.98735  1.000 51.93102 ? 42  GLY A HA2  1 
ATOM   638  H HA3  . GLY A 1 47 ? -9.06140  13.28859  -8.14920  1.000 51.93102 ? 42  GLY A HA3  1 
ATOM   639  N N    . GLY A 1 48 ? -7.36013  10.77020  -7.69218  1.000 39.90212 ? 43  GLY A N    1 
ATOM   640  C CA   . GLY A 1 48 ? -6.41595  9.84361   -8.26431  1.000 38.68500 ? 43  GLY A CA   1 
ATOM   641  C C    . GLY A 1 48 ? -7.04042  8.48508   -8.50403  1.000 38.13179 ? 43  GLY A C    1 
ATOM   642  O O    . GLY A 1 48 ? -8.18903  8.22852   -8.12730  1.000 37.80671 ? 43  GLY A O    1 
ATOM   643  H H    . GLY A 1 48 ? -7.33461  10.81068  -6.83351  1.000 47.88255 ? 43  GLY A H    1 
ATOM   644  H HA2  . GLY A 1 48 ? -6.09539  10.18983  -9.11182  1.000 46.42200 ? 43  GLY A HA2  1 
ATOM   645  H HA3  . GLY A 1 48 ? -5.66309  9.73534   -7.66233  1.000 46.42200 ? 43  GLY A HA3  1 
ATOM   646  N N    . PRO A 1 49 ? -6.28725  7.58005   -9.13314  1.000 35.89877 ? 44  PRO A N    1 
ATOM   647  C CA   . PRO A 1 49 ? -6.85496  6.25332   -9.43862  1.000 36.32603 ? 44  PRO A CA   1 
ATOM   648  C C    . PRO A 1 49 ? -7.34989  5.49899   -8.21738  1.000 35.17294 ? 44  PRO A C    1 
ATOM   649  O O    . PRO A 1 49 ? -8.40688  4.86067   -8.27923  1.000 35.64302 ? 44  PRO A O    1 
ATOM   650  C CB   . PRO A 1 49 ? -5.68504  5.52703   -10.11639 1.000 35.91015 ? 44  PRO A CB   1 
ATOM   651  C CG   . PRO A 1 49 ? -4.82909  6.61891   -10.67349 1.000 38.20438 ? 44  PRO A CG   1 
ATOM   652  C CD   . PRO A 1 49 ? -4.93579  7.75036   -9.69529  1.000 34.61920 ? 44  PRO A CD   1 
ATOM   653  H HA   . PRO A 1 49 ? -7.58828  6.35394   -10.06553 1.000 43.59124 ? 44  PRO A HA   1 
ATOM   654  H HB2  . PRO A 1 49 ? -5.19757  5.00236   -9.46217  1.000 43.09218 ? 44  PRO A HB2  1 
ATOM   655  H HB3  . PRO A 1 49 ? -6.01750  4.95103   -10.82250 1.000 43.09218 ? 44  PRO A HB3  1 
ATOM   656  H HG2  . PRO A 1 49 ? -3.91183  6.31216   -10.74723 1.000 45.84526 ? 44  PRO A HG2  1 
ATOM   657  H HG3  . PRO A 1 49 ? -5.16123  6.88437   -11.54534 1.000 45.84526 ? 44  PRO A HG3  1 
ATOM   658  H HD2  . PRO A 1 49 ? -4.26091  7.67370   -9.00277  1.000 41.54304 ? 44  PRO A HD2  1 
ATOM   659  H HD3  . PRO A 1 49 ? -4.85363  8.60568   -10.14537 1.000 41.54304 ? 44  PRO A HD3  1 
ATOM   660  N N    . CYS A 1 50 ? -6.61058  5.54258   -7.10662  1.000 30.54744 ? 45  CYS A N    1 
ATOM   661  C CA   . CYS A 1 50 ? -7.03604  4.82542   -5.90819  1.000 32.83246 ? 45  CYS A CA   1 
ATOM   662  C C    . CYS A 1 50 ? -8.32469  5.41067   -5.34731  1.000 35.42379 ? 45  CYS A C    1 
ATOM   663  O O    . CYS A 1 50 ? -9.18826  4.67341   -4.85827  1.000 35.78663 ? 45  CYS A O    1 
ATOM   664  C CB   . CYS A 1 50 ? -5.92748  4.86466   -4.85685  1.000 30.84712 ? 45  CYS A CB   1 
ATOM   665  S SG   . CYS A 1 50 ? -6.35135  4.12041   -3.27845  1.000 33.72910 ? 45  CYS A SG   1 
ATOM   666  H H    . CYS A 1 50 ? -5.87092  5.97336   -7.02336  1.000 36.65692 ? 45  CYS A H    1 
ATOM   667  H HA   . CYS A 1 50 ? -7.20110  3.89764   -6.13813  1.000 39.39896 ? 45  CYS A HA   1 
ATOM   668  H HB2  . CYS A 1 50 ? -5.15723  4.38899   -5.20523  1.000 37.01654 ? 45  CYS A HB2  1 
ATOM   669  H HB3  . CYS A 1 50 ? -5.69674  5.79169   -4.68871  1.000 37.01654 ? 45  CYS A HB3  1 
ATOM   670  H HG   . CYS A 1 50 ? -7.31825  4.67390   -2.83263  1.000 40.47493 ? 45  CYS A HG   1 
ATOM   671  N N    . ASP A 1 51 ? -8.46868  6.73491   -5.40575  1.000 37.02759 ? 46  ASP A N    1 
ATOM   672  C CA   . ASP A 1 51 ? -9.69795  7.36714   -4.94136  1.000 40.13433 ? 46  ASP A CA   1 
ATOM   673  C C    . ASP A 1 51 ? -10.86579 7.04469   -5.86682  1.000 34.44477 ? 46  ASP A C    1 
ATOM   674  O O    . ASP A 1 51 ? -11.98433 6.79984   -5.39966  1.000 40.56643 ? 46  ASP A O    1 
ATOM   675  C CB   . ASP A 1 51 ? -9.49645  8.87866   -4.84369  1.000 39.44946 ? 46  ASP A CB   1 
ATOM   676  C CG   . ASP A 1 51 ? -10.62001 9.57404   -4.09539  1.000 38.99096 ? 46  ASP A CG   1 
ATOM   677  O OD1  . ASP A 1 51 ? -11.30761 8.90989   -3.29165  1.000 40.86707 ? 46  ASP A OD1  1 
ATOM   678  O OD2  . ASP A 1 51 ? -10.81422 10.78817  -4.31595  1.000 41.72058 ? 46  ASP A OD2  1 
ATOM   679  H H    . ASP A 1 51 ? -7.87674  7.28166   -5.70617  1.000 44.43311 ? 46  ASP A H    1 
ATOM   680  H HA   . ASP A 1 51 ? -9.91194  7.03039   -4.05722  1.000 48.16120 ? 46  ASP A HA   1 
ATOM   681  H HB2  . ASP A 1 51 ? -8.66723  9.05723   -4.37316  1.000 47.33935 ? 46  ASP A HB2  1 
ATOM   682  H HB3  . ASP A 1 51 ? -9.45685  9.25074   -5.73860  1.000 47.33935 ? 46  ASP A HB3  1 
ATOM   683  N N    . ASN A 1 52 ? -10.62558 7.04035   -7.18130  1.000 42.09914 ? 47  ASN A N    1 
ATOM   684  C CA   . ASN A 1 52 ? -11.70179 6.78224   -8.13612  1.000 37.93783 ? 47  ASN A CA   1 
ATOM   685  C C    . ASN A 1 52 ? -12.25295 5.36990   -7.97933  1.000 41.86704 ? 47  ASN A C    1 
ATOM   686  O O    . ASN A 1 52 ? -13.47149 5.16864   -7.91788  1.000 44.12036 ? 47  ASN A O    1 
ATOM   687  C CB   . ASN A 1 52 ? -11.20366 7.00358   -9.56543  1.000 44.95693 ? 47  ASN A CB   1 
ATOM   688  C CG   . ASN A 1 52 ? -11.04630 8.47005   -9.90599  1.000 40.86682 ? 47  ASN A CG   1 
ATOM   689  O OD1  . ASN A 1 52 ? -11.06860 9.32890   -9.02395  1.000 43.92090 ? 47  ASN A OD1  1 
ATOM   690  N ND2  . ASN A 1 52 ? -10.88056 8.76610   -11.19062 1.000 46.72112 ? 47  ASN A ND2  1 
ATOM   691  H H    . ASN A 1 52 ? -9.85724  7.18242   -7.54056  1.000 50.51897 ? 47  ASN A H    1 
ATOM   692  H HA   . ASN A 1 52 ? -12.42143 7.40961   -7.96453  1.000 45.52539 ? 47  ASN A HA   1 
ATOM   693  H HB2  . ASN A 1 52 ? -10.33899 6.57641   -9.66920  1.000 53.94832 ? 47  ASN A HB2  1 
ATOM   694  H HB3  . ASN A 1 52 ? -11.84109 6.61750   -10.18634 1.000 53.94832 ? 47  ASN A HB3  1 
ATOM   695  H HD21 . ASN A 1 52 ? -10.78675 9.58546   -11.43443 1.000 56.06534 ? 47  ASN A HD21 1 
ATOM   696  H HD22 . ASN A 1 52 ? -10.86712 8.13837   -11.77830 1.000 56.06534 ? 47  ASN A HD22 1 
ATOM   697  N N    . GLU A 1 53 ? -11.36761 4.37430   -7.91741  1.000 39.84029 ? 48  GLU A N    1 
ATOM   698  C CA   . GLU A 1 53 ? -11.82099 3.00151   -7.72236  1.000 39.24512 ? 48  GLU A CA   1 
ATOM   699  C C    . GLU A 1 53 ? -12.55268 2.84292   -6.39258  1.000 37.40544 ? 48  GLU A C    1 
ATOM   700  O O    . GLU A 1 53 ? -13.51251 2.06916   -6.29810  1.000 37.12674 ? 48  GLU A O    1 
ATOM   701  C CB   . GLU A 1 53 ? -10.63128 2.04614   -7.82317  1.000 37.60075 ? 48  GLU A CB   1 
ATOM   702  C CG   . GLU A 1 53 ? -11.02070 0.57802   -7.91460  1.000 34.52896 ? 48  GLU A CG   1 
ATOM   703  C CD   . GLU A 1 53 ? -11.25555 -0.05695  -6.55834  1.000 34.54166 ? 48  GLU A CD   1 
ATOM   704  O OE1  . GLU A 1 53 ? -10.70138 0.44044   -5.55375  1.000 33.62484 ? 48  GLU A OE1  1 
ATOM   705  O OE2  . GLU A 1 53 ? -11.99455 -1.05935  -6.49671  1.000 31.42323 ? 48  GLU A OE2  1 
ATOM   706  H H    . GLU A 1 53 ? -10.51518 4.46639   -7.98434  1.000 47.80835 ? 48  GLU A H    1 
ATOM   707  H HA   . GLU A 1 53 ? -12.44740 2.76776   -8.42512  1.000 47.09414 ? 48  GLU A HA   1 
ATOM   708  H HB2  . GLU A 1 53 ? -10.12261 2.26640   -8.61918  1.000 45.12089 ? 48  GLU A HB2  1 
ATOM   709  H HB3  . GLU A 1 53 ? -10.07724 2.15567   -7.03454  1.000 45.12089 ? 48  GLU A HB3  1 
ATOM   710  H HG2  . GLU A 1 53 ? -11.84062 0.50059   -8.42710  1.000 41.43476 ? 48  GLU A HG2  1 
ATOM   711  H HG3  . GLU A 1 53 ? -10.30733 0.08934   -8.35415  1.000 41.43476 ? 48  GLU A HG3  1 
ATOM   712  N N    . GLY A 1 54 ? -12.11616 3.56011   -5.35416  1.000 37.78950 ? 49  GLY A N    1 
ATOM   713  C CA   . GLY A 1 54 ? -12.91738 3.75641   -4.16360  1.000 36.38848 ? 49  GLY A CA   1 
ATOM   714  C C    . GLY A 1 54 ? -12.91579 2.63316   -3.14716  1.000 31.85242 ? 49  GLY A C    1 
ATOM   715  O O    . GLY A 1 54 ? -13.61616 2.74540   -2.13328  1.000 36.49017 ? 49  GLY A O    1 
ATOM   716  H H    . GLY A 1 54 ? -11.34777 3.94505   -5.32260  1.000 45.34740 ? 49  GLY A H    1 
ATOM   717  H HA2  . GLY A 1 54 ? -12.59851 4.55339   -3.71190  1.000 43.66618 ? 49  GLY A HA2  1 
ATOM   718  H HA3  . GLY A 1 54 ? -13.83756 3.89528   -4.43725  1.000 43.66618 ? 49  GLY A HA3  1 
ATOM   719  N N    . THR A 1 55 ? -12.15260 1.56304   -3.35895  1.000 30.40815 ? 50  THR A N    1 
ATOM   720  C CA   . THR A 1 55 ? -12.17920 0.44416   -2.41930  1.000 31.00007 ? 50  THR A CA   1 
ATOM   721  C C    . THR A 1 55 ? -11.21664 0.62632   -1.24518  1.000 33.76030 ? 50  THR A C    1 
ATOM   722  O O    . THR A 1 55 ? -11.58871 0.36562   -0.09251  1.000 32.37325 ? 50  THR A O    1 
ATOM   723  C CB   . THR A 1 55 ? -11.86346 -0.86132  -3.15801  1.000 30.91203 ? 50  THR A CB   1 
ATOM   724  O OG1  . THR A 1 55 ? -12.85393 -1.08813  -4.16950  1.000 32.50675 ? 50  THR A OG1  1 
ATOM   725  C CG2  . THR A 1 55 ? -11.85163 -2.04203  -2.19748  1.000 31.42307 ? 50  THR A CG2  1 
ATOM   726  H H    . THR A 1 55 ? -11.62053 1.46241   -4.02706  1.000 36.48977 ? 50  THR A H    1 
ATOM   727  H HA   . THR A 1 55 ? -13.07295 0.37559   -2.04863  1.000 37.20008 ? 50  THR A HA   1 
ATOM   728  H HB   . THR A 1 55 ? -10.98563 -0.79377  -3.56514  1.000 37.09444 ? 50  THR A HB   1 
ATOM   729  H HG1  . THR A 1 55 ? -12.67477 -1.79001  -4.59478  1.000 39.00810 ? 50  THR A HG1  1 
ATOM   730  H HG21 . THR A 1 55 ? -11.89115 -2.87424  -2.69422  1.000 37.70768 ? 50  THR A HG21 1 
ATOM   731  H HG22 . THR A 1 55 ? -11.03949 -2.03019  -1.66721  1.000 37.70768 ? 50  THR A HG22 1 
ATOM   732  H HG23 . THR A 1 55 ? -12.61653 -1.99368  -1.60291  1.000 37.70768 ? 50  THR A HG23 1 
ATOM   733  N N    . LEU A 1 56 ? -9.99036  1.07470   -1.50108  1.000 32.00201 ? 51  LEU A N    1 
ATOM   734  C CA   . LEU A 1 56 ? -8.99299  1.15229   -0.44367  1.000 31.60007 ? 51  LEU A CA   1 
ATOM   735  C C    . LEU A 1 56 ? -9.23591  2.36196   0.45878   1.000 31.07250 ? 51  LEU A C    1 
ATOM   736  O O    . LEU A 1 56 ? -9.84550  3.36037   0.06392   1.000 30.80064 ? 51  LEU A O    1 
ATOM   737  C CB   . LEU A 1 56 ? -7.58044  1.21685   -1.03127  1.000 31.46938 ? 51  LEU A CB   1 
ATOM   738  C CG   . LEU A 1 56 ? -7.12495  -0.01040  -1.82509  1.000 27.27738 ? 51  LEU A CG   1 
ATOM   739  C CD1  . LEU A 1 56 ? -5.65029  0.09526   -2.17848  1.000 28.80867 ? 51  LEU A CD1  1 
ATOM   740  C CD2  . LEU A 1 56 ? -7.39699  -1.30141  -1.05990  1.000 28.61102 ? 51  LEU A CD2  1 
ATOM   741  H H    . LEU A 1 56 ? -9.71536  1.33724   -2.27247  1.000 38.40241 ? 51  LEU A H    1 
ATOM   742  H HA   . LEU A 1 56 ? -9.05827  0.35385   0.10325   1.000 37.92009 ? 51  LEU A HA   1 
ATOM   743  H HB2  . LEU A 1 56 ? -7.53707  1.97838   -1.63052  1.000 37.76326 ? 51  LEU A HB2  1 
ATOM   744  H HB3  . LEU A 1 56 ? -6.95411  1.33409   -0.29994  1.000 37.76326 ? 51  LEU A HB3  1 
ATOM   745  H HG   . LEU A 1 56 ? -7.63540  -0.04454  -2.64921  1.000 32.73286 ? 51  LEU A HG   1 
ATOM   746  H HD11 . LEU A 1 56 ? -5.38504  -0.69930  -2.66758  1.000 34.57040 ? 51  LEU A HD11 1 
ATOM   747  H HD12 . LEU A 1 56 ? -5.51279  0.88297   -2.72759  1.000 34.57040 ? 51  LEU A HD12 1 
ATOM   748  H HD13 . LEU A 1 56 ? -5.13395  0.16797   -1.36056  1.000 34.57040 ? 51  LEU A HD13 1 
ATOM   749  H HD21 . LEU A 1 56 ? -6.92184  -2.02953  -1.48999  1.000 34.33323 ? 51  LEU A HD21 1 
ATOM   750  H HD22 . LEU A 1 56 ? -7.08742  -1.19830  -0.14643  1.000 34.33323 ? 51  LEU A HD22 1 
ATOM   751  H HD23 . LEU A 1 56 ? -8.35068  -1.47833  -1.06799  1.000 34.33323 ? 51  LEU A HD23 1 
ATOM   752  N N    . LYS A 1 57 ? -8.73390  2.25610   1.68780   1.000 31.52131 ? 52  LYS A N    1 
ATOM   753  C CA   . LYS A 1 57 ? -8.90962  3.28297   2.70509   1.000 34.89517 ? 52  LYS A CA   1 
ATOM   754  C C    . LYS A 1 57 ? -7.61465  3.47777   3.48116   1.000 31.57021 ? 52  LYS A C    1 
ATOM   755  O O    . LYS A 1 57 ? -6.81790  2.54961   3.63546   1.000 31.87821 ? 52  LYS A O    1 
ATOM   756  C CB   . LYS A 1 57 ? -10.03261 2.91737   3.68513   1.000 31.68784 ? 52  LYS A CB   1 
ATOM   757  C CG   . LYS A 1 57 ? -11.40152 2.77935   3.05248   1.000 36.61376 ? 52  LYS A CG   1 
ATOM   758  C CD   . LYS A 1 57 ? -12.46810 2.53409   4.11436   1.000 40.02474 ? 52  LYS A CD   1 
ATOM   759  C CE   . LYS A 1 57 ? -13.82174 2.17295   3.50409   1.000 40.31027 ? 52  LYS A CE   1 
ATOM   760  N NZ   . LYS A 1 57 ? -14.17248 3.00100   2.31288   1.000 51.62862 ? 52  LYS A NZ   1 
ATOM   761  H H    . LYS A 1 57 ? -8.27663  1.58084   1.96081   1.000 37.82558 ? 52  LYS A H    1 
ATOM   762  H HA   . LYS A 1 57 ? -9.12948  4.12056   2.26804   1.000 41.87420 ? 52  LYS A HA   1 
ATOM   763  H HB2  . LYS A 1 57 ? -9.81531  2.06811   4.10039   1.000 38.02541 ? 52  LYS A HB2  1 
ATOM   764  H HB3  . LYS A 1 57 ? -10.09100 3.61145   4.36022   1.000 38.02541 ? 52  LYS A HB3  1 
ATOM   765  H HG2  . LYS A 1 57 ? -11.62245 3.59571   2.57746   1.000 43.93652 ? 52  LYS A HG2  1 
ATOM   766  H HG3  . LYS A 1 57 ? -11.40026 2.02830   2.43862   1.000 43.93652 ? 52  LYS A HG3  1 
ATOM   767  H HD2  . LYS A 1 57 ? -12.18818 1.79971   4.68291   1.000 48.02968 ? 52  LYS A HD2  1 
ATOM   768  H HD3  . LYS A 1 57 ? -12.58117 3.33901   4.64371   1.000 48.02968 ? 52  LYS A HD3  1 
ATOM   769  H HE2  . LYS A 1 57 ? -13.80294 1.24404   3.22539   1.000 48.37232 ? 52  LYS A HE2  1 
ATOM   770  H HE3  . LYS A 1 57 ? -14.51272 2.30503   4.17192   1.000 48.37232 ? 52  LYS A HE3  1 
ATOM   771  H HZ1  . LYS A 1 57 ? -13.60354 2.83538   1.64883   1.000 61.95434 ? 52  LYS A HZ1  1 
ATOM   772  H HZ2  . LYS A 1 57 ? -14.99779 2.80873   2.04084   1.000 61.95434 ? 52  LYS A HZ2  1 
ATOM   773  H HZ3  . LYS A 1 57 ? -14.13073 3.86552   2.52015   1.000 61.95434 ? 52  LYS A HZ3  1 
ATOM   774  N N    . ILE A 1 58 ? -7.42529  4.70291   3.98179   1.000 31.76377 ? 53  ILE A N    1 
ATOM   775  C CA   . ILE A 1 58 ? -6.31485  4.99184   4.87950   1.000 29.85658 ? 53  ILE A CA   1 
ATOM   776  C C    . ILE A 1 58 ? -6.30329  4.00342   6.03389   1.000 27.49754 ? 53  ILE A C    1 
ATOM   777  O O    . ILE A 1 58 ? -7.33982  3.71469   6.64313   1.000 25.45929 ? 53  ILE A O    1 
ATOM   778  C CB   . ILE A 1 58 ? -6.41470  6.43127   5.41564   1.000 31.12876 ? 53  ILE A CB   1 
ATOM   779  C CG1  . ILE A 1 58 ? -6.46744  7.44478   4.27217   1.000 36.96042 ? 53  ILE A CG1  1 
ATOM   780  C CG2  . ILE A 1 58 ? -5.24711  6.72887   6.34485   1.000 33.30984 ? 53  ILE A CG2  1 
ATOM   781  C CD1  . ILE A 1 58 ? -5.23371  7.48502   3.43389   1.000 34.34548 ? 53  ILE A CD1  1 
ATOM   782  H H    . ILE A 1 58 ? -7.92725  5.38103   3.81504   1.000 38.11653 ? 53  ILE A H    1 
ATOM   783  H HA   . ILE A 1 58 ? -5.49085  4.89630   4.37671   1.000 35.82789 ? 53  ILE A HA   1 
ATOM   784  H HB   . ILE A 1 58 ? -7.24163  6.50807   5.91683   1.000 37.35451 ? 53  ILE A HB   1 
ATOM   785  H HG12 . ILE A 1 58 ? -7.21066  7.21874   3.69126   1.000 44.35250 ? 53  ILE A HG12 1 
ATOM   786  H HG13 . ILE A 1 58 ? -6.59707  8.32970   4.64766   1.000 44.35250 ? 53  ILE A HG13 1 
ATOM   787  H HG21 . ILE A 1 58 ? -5.18168  7.68820   6.47253   1.000 39.97181 ? 53  ILE A HG21 1 
ATOM   788  H HG22 . ILE A 1 58 ? -5.40205  6.29160   7.19672   1.000 39.97181 ? 53  ILE A HG22 1 
ATOM   789  H HG23 . ILE A 1 58 ? -4.43060  6.39210   5.94386   1.000 39.97181 ? 53  ILE A HG23 1 
ATOM   790  H HD11 . ILE A 1 58 ? -5.36844  8.10887   2.70344   1.000 41.21457 ? 53  ILE A HD11 1 
ATOM   791  H HD12 . ILE A 1 58 ? -4.48822  7.77449   3.98285   1.000 41.21457 ? 53  ILE A HD12 1 
ATOM   792  H HD13 . ILE A 1 58 ? -5.06113  6.59728   3.08315   1.000 41.21457 ? 53  ILE A HD13 1 
ATOM   793  N N    . GLY A 1 59 ? -5.11285  3.50950   6.36353   1.000 28.62547 ? 54  GLY A N    1 
ATOM   794  C CA   . GLY A 1 59 ? -4.94476  2.53784   7.41942   1.000 28.02598 ? 54  GLY A CA   1 
ATOM   795  C C    . GLY A 1 59 ? -4.91814  1.09763   6.95928   1.000 28.57088 ? 54  GLY A C    1 
ATOM   796  O O    . GLY A 1 59 ? -4.55622  0.21944   7.75483   1.000 27.55749 ? 54  GLY A O    1 
ATOM   797  H H    . GLY A 1 59 ? -4.37705  3.73125   5.97749   1.000 34.35056 ? 54  GLY A H    1 
ATOM   798  H HA2  . GLY A 1 59 ? -4.10856  2.71769   7.87693   1.000 33.63117 ? 54  GLY A HA2  1 
ATOM   799  H HA3  . GLY A 1 59 ? -5.67628  2.63367   8.04919   1.000 33.63117 ? 54  GLY A HA3  1 
ATOM   800  N N    . ASP A 1 60 ? -5.28478  0.83015   5.70629   1.000 27.11494 ? 55  ASP A N    1 
ATOM   801  C CA   . ASP A 1 60 ? -5.22494  -0.52341  5.17384   1.000 26.58693 ? 55  ASP A CA   1 
ATOM   802  C C    . ASP A 1 60 ? -3.78439  -1.02034  5.14134   1.000 27.65595 ? 55  ASP A C    1 
ATOM   803  O O    . ASP A 1 60 ? -2.86874  -0.29386  4.73907   1.000 29.17487 ? 55  ASP A O    1 
ATOM   804  C CB   . ASP A 1 60 ? -5.82453  -0.56306  3.76705   1.000 27.90286 ? 55  ASP A CB   1 
ATOM   805  C CG   . ASP A 1 60 ? -7.33872  -0.42735  3.76108   1.000 32.94242 ? 55  ASP A CG   1 
ATOM   806  O OD1  . ASP A 1 60 ? -7.97431  -0.50044  4.83875   1.000 30.11347 ? 55  ASP A OD1  1 
ATOM   807  O OD2  . ASP A 1 60 ? -7.89439  -0.24567  2.65790   1.000 36.00452 ? 55  ASP A OD2  1 
ATOM   808  H H    . ASP A 1 60 ? -5.57144  1.41641   5.14618   1.000 32.53793 ? 55  ASP A H    1 
ATOM   809  H HA   . ASP A 1 60 ? -5.74172  -1.11358  5.74440   1.000 31.90432 ? 55  ASP A HA   1 
ATOM   810  H HB2  . ASP A 1 60 ? -5.45704  0.16887   3.24734   1.000 33.48343 ? 55  ASP A HB2  1 
ATOM   811  H HB3  . ASP A 1 60 ? -5.59900  -1.41044  3.35235   1.000 33.48343 ? 55  ASP A HB3  1 
ATOM   812  N N    . LYS A 1 61 ? -3.58605  -2.25475  5.59346   1.000 23.80008 ? 56  LYS A N    1 
ATOM   813  C CA   . LYS A 1 61 ? -2.29632  -2.92697  5.50667   1.000 26.52779 ? 56  LYS A CA   1 
ATOM   814  C C    . LYS A 1 61 ? -2.21921  -3.68361  4.18754   1.000 25.08149 ? 56  LYS A C    1 
ATOM   815  O O    . LYS A 1 61 ? -3.06823  -4.53531  3.91069   1.000 26.64643 ? 56  LYS A O    1 
ATOM   816  C CB   . LYS A 1 61 ? -2.12083  -3.89289  6.67392   1.000 27.19806 ? 56  LYS A CB   1 
ATOM   817  C CG   . LYS A 1 61 ? -0.82713  -4.67706  6.66372   1.000 31.31630 ? 56  LYS A CG   1 
ATOM   818  C CD   . LYS A 1 61 ? -0.75573  -5.56090  7.89492   1.000 30.31019 ? 56  LYS A CD   1 
ATOM   819  C CE   . LYS A 1 61 ? 0.52184   -6.37155  7.94566   1.000 29.66257 ? 56  LYS A CE   1 
ATOM   820  N NZ   . LYS A 1 61 ? 0.63296   -7.06794  9.25661   1.000 41.75779 ? 56  LYS A NZ   1 
ATOM   821  H H    . LYS A 1 61 ? -4.19752  -2.73356  5.96284   1.000 28.56010 ? 56  LYS A H    1 
ATOM   822  H HA   . LYS A 1 61 ? -1.58433  -2.26884  5.53532   1.000 31.83335 ? 56  LYS A HA   1 
ATOM   823  H HB2  . LYS A 1 61 ? -2.14675  -3.38474  7.49977   1.000 32.63767 ? 56  LYS A HB2  1 
ATOM   824  H HB3  . LYS A 1 61 ? -2.84942  -4.53298  6.65525   1.000 32.63767 ? 56  LYS A HB3  1 
ATOM   825  H HG2  . LYS A 1 61 ? -0.78979  -5.23836  5.87351   1.000 37.57956 ? 56  LYS A HG2  1 
ATOM   826  H HG3  . LYS A 1 61 ? -0.07328  -4.06671  6.67304   1.000 37.57956 ? 56  LYS A HG3  1 
ATOM   827  H HD2  . LYS A 1 61 ? -0.79171  -5.00460  8.68873   1.000 36.37223 ? 56  LYS A HD2  1 
ATOM   828  H HD3  . LYS A 1 61 ? -1.50429  -6.17775  7.88788   1.000 36.37223 ? 56  LYS A HD3  1 
ATOM   829  H HE2  . LYS A 1 61 ? 0.51482   -7.03672  7.23969   1.000 35.59508 ? 56  LYS A HE2  1 
ATOM   830  H HE3  . LYS A 1 61 ? 1.28610   -5.78364  7.83996   1.000 35.59508 ? 56  LYS A HE3  1 
ATOM   831  H HZ1  . LYS A 1 61 ? -0.02839  -7.65684  9.34549   1.000 50.10934 ? 56  LYS A HZ1  1 
ATOM   832  H HZ2  . LYS A 1 61 ? 1.41086   -7.49724  9.30826   1.000 50.10934 ? 56  LYS A HZ2  1 
ATOM   833  H HZ3  . LYS A 1 61 ? 0.58458   -6.47694  9.92031   1.000 50.10934 ? 56  LYS A HZ3  1 
ATOM   834  N N    . ILE A 1 62 ? -1.20420  -3.39432  3.37978   1.000 26.30663 ? 57  ILE A N    1 
ATOM   835  C CA   . ILE A 1 62 ? -1.05890  -4.09133  2.10498   1.000 19.66970 ? 57  ILE A CA   1 
ATOM   836  C C    . ILE A 1 62 ? -0.47828  -5.47499  2.36671   1.000 24.23271 ? 57  ILE A C    1 
ATOM   837  O O    . ILE A 1 62 ? 0.61295   -5.60796  2.92943   1.000 25.65232 ? 57  ILE A O    1 
ATOM   838  C CB   . ILE A 1 62 ? -0.17719  -3.30693  1.12366   1.000 21.96103 ? 57  ILE A CB   1 
ATOM   839  C CG1  . ILE A 1 62 ? -0.77375  -1.92137  0.85898   1.000 23.16747 ? 57  ILE A CG1  1 
ATOM   840  C CG2  . ILE A 1 62 ? -0.03867  -4.09783  -0.17706  1.000 25.11876 ? 57  ILE A CG2  1 
ATOM   841  C CD1  . ILE A 1 62 ? 0.00168   -1.08670  -0.14178  1.000 25.32337 ? 57  ILE A CD1  1 
ATOM   842  H H    . ILE A 1 62 ? -0.59640  -2.80844  3.54386   1.000 31.56796 ? 57  ILE A H    1 
ATOM   843  H HA   . ILE A 1 62 ? -1.93749  -4.19200  1.70643   1.000 23.60364 ? 57  ILE A HA   1 
ATOM   844  H HB   . ILE A 1 62 ? 0.70211   -3.18268  1.51393   1.000 26.35324 ? 57  ILE A HB   1 
ATOM   845  H HG12 . ILE A 1 62 ? -1.67337  -2.03259  0.51370   1.000 27.80097 ? 57  ILE A HG12 1 
ATOM   846  H HG13 . ILE A 1 62 ? -0.79764  -1.42990  1.69492   1.000 27.80097 ? 57  ILE A HG13 1 
ATOM   847  H HG21 . ILE A 1 62 ? 0.43120   -3.55422  -0.82868  1.000 30.14251 ? 57  ILE A HG21 1 
ATOM   848  H HG22 . ILE A 1 62 ? 0.46193   -4.90984  -0.00112  1.000 30.14251 ? 57  ILE A HG22 1 
ATOM   849  H HG23 . ILE A 1 62 ? -0.92325  -4.31962  -0.50753  1.000 30.14251 ? 57  ILE A HG23 1 
ATOM   850  H HD11 . ILE A 1 62 ? -0.29522  -0.16520  -0.08179  1.000 30.38804 ? 57  ILE A HD11 1 
ATOM   851  H HD12 . ILE A 1 62 ? 0.94763   -1.14359  0.06522   1.000 30.38804 ? 57  ILE A HD12 1 
ATOM   852  H HD13 . ILE A 1 62 ? -0.16291  -1.42983  -1.03401  1.000 30.38804 ? 57  ILE A HD13 1 
ATOM   853  N N    . LEU A 1 63 ? -1.20071  -6.51031  1.93966   1.000 25.70459 ? 58  LEU A N    1 
ATOM   854  C CA   . LEU A 1 63 ? -0.71722  -7.87925  2.06325   1.000 21.97697 ? 58  LEU A CA   1 
ATOM   855  C C    . LEU A 1 63 ? -0.00699  -8.35925  0.80591   1.000 24.39833 ? 58  LEU A C    1 
ATOM   856  O O    . LEU A 1 63 ? 0.98720   -9.08388  0.90158   1.000 23.55424 ? 58  LEU A O    1 
ATOM   857  C CB   . LEU A 1 63 ? -1.87613  -8.82308  2.39221   1.000 26.14985 ? 58  LEU A CB   1 
ATOM   858  C CG   . LEU A 1 63 ? -2.60943  -8.56380  3.71346   1.000 28.83838 ? 58  LEU A CG   1 
ATOM   859  C CD1  . LEU A 1 63 ? -3.79328  -9.50035  3.82399   1.000 27.28878 ? 58  LEU A CD1  1 
ATOM   860  C CD2  . LEU A 1 63 ? -1.69304  -8.72309  4.91569   1.000 25.48622 ? 58  LEU A CD2  1 
ATOM   861  H H    . LEU A 1 63 ? -1.97618  -6.44343  1.57395   1.000 30.84550 ? 58  LEU A H    1 
ATOM   862  H HA   . LEU A 1 63 ? -0.08427  -7.91591  2.79736   1.000 26.37236 ? 58  LEU A HA   1 
ATOM   863  H HB2  . LEU A 1 63 ? -2.53303  -8.75241  1.68202   1.000 31.37982 ? 58  LEU A HB2  1 
ATOM   864  H HB3  . LEU A 1 63 ? -1.52644  -9.72698  2.43195   1.000 31.37982 ? 58  LEU A HB3  1 
ATOM   865  H HG   . LEU A 1 63 ? -2.92146  -7.64538  3.72022   1.000 34.60605 ? 58  LEU A HG   1 
ATOM   866  H HD11 . LEU A 1 63 ? -4.07797  -9.54152  4.75035   1.000 32.74653 ? 58  LEU A HD11 1 
ATOM   867  H HD12 . LEU A 1 63 ? -4.51526  -9.16340  3.27072   1.000 32.74653 ? 58  LEU A HD12 1 
ATOM   868  H HD13 . LEU A 1 63 ? -3.52762  -10.38238 3.52008   1.000 32.74653 ? 58  LEU A HD13 1 
ATOM   869  H HD21 . LEU A 1 63 ? -2.21024  -8.59476  5.72620   1.000 30.58346 ? 58  LEU A HD21 1 
ATOM   870  H HD22 . LEU A 1 63 ? -1.31033  -9.61435  4.90515   1.000 30.58346 ? 58  LEU A HD22 1 
ATOM   871  H HD23 . LEU A 1 63 ? -0.98739  -8.05948  4.86503   1.000 30.58346 ? 58  LEU A HD23 1 
ATOM   872  N N    . SER A 1 64 ? -0.48767  -7.97389  -0.37197  1.000 25.17843 ? 59  SER A N    1 
ATOM   873  C CA   . SER A 1 64 ? 0.19703   -8.33766  -1.60077  1.000 24.06861 ? 59  SER A CA   1 
ATOM   874  C C    . SER A 1 64 ? -0.16825  -7.34431  -2.68968  1.000 24.02937 ? 59  SER A C    1 
ATOM   875  O O    . SER A 1 64 ? -1.19090  -6.65813  -2.61984  1.000 23.87823 ? 59  SER A O    1 
ATOM   876  C CB   . SER A 1 64 ? -0.14504  -9.76580  -2.03945  1.000 25.04128 ? 59  SER A CB   1 
ATOM   877  O OG   . SER A 1 64 ? -1.53056  -9.91312  -2.30349  1.000 24.93464 ? 59  SER A OG   1 
ATOM   878  H H    . SER A 1 64 ? -1.20104  -7.50633  -0.48198  1.000 30.21412 ? 59  SER A H    1 
ATOM   879  H HA   . SER A 1 64 ? 1.15419   -8.28411  -1.45285  1.000 28.88234 ? 59  SER A HA   1 
ATOM   880  H HB2  . SER A 1 64 ? 0.35089   -9.97209  -2.84716  1.000 30.04953 ? 59  SER A HB2  1 
ATOM   881  H HB3  . SER A 1 64 ? 0.10519   -10.37903 -1.33076  1.000 30.04953 ? 59  SER A HB3  1 
ATOM   882  H HG   . SER A 1 64 ? -1.68804  -10.68761 -2.58805  1.000 29.92157 ? 59  SER A HG   1 
ATOM   883  N N    . VAL A 1 65 ? 0.70194   -7.26837  -3.69116  1.000 21.50911 ? 60  VAL A N    1 
ATOM   884  C CA   . VAL A 1 65 ? 0.46711   -6.48545  -4.89496  1.000 20.08457 ? 60  VAL A CA   1 
ATOM   885  C C    . VAL A 1 65 ? 0.84803   -7.36307  -6.07541  1.000 21.91681 ? 60  VAL A C    1 
ATOM   886  O O    . VAL A 1 65 ? 2.00768   -7.77180  -6.19688  1.000 24.05816 ? 60  VAL A O    1 
ATOM   887  C CB   . VAL A 1 65 ? 1.27532   -5.17764  -4.90127  1.000 19.95001 ? 60  VAL A CB   1 
ATOM   888  C CG1  . VAL A 1 65 ? 1.01844   -4.40289  -6.18394  1.000 25.41888 ? 60  VAL A CG1  1 
ATOM   889  C CG2  . VAL A 1 65 ? 0.92922   -4.33379  -3.69638  1.000 21.50388 ? 60  VAL A CG2  1 
ATOM   890  H H    . VAL A 1 65 ? 1.45942   -7.67560  -3.69449  1.000 25.81093 ? 60  VAL A H    1 
ATOM   891  H HA   . VAL A 1 65 ? -0.47245  -6.25450  -4.96426  1.000 24.10149 ? 60  VAL A HA   1 
ATOM   892  H HB   . VAL A 1 65 ? 2.22010   -5.39315  -4.85826  1.000 23.94001 ? 60  VAL A HB   1 
ATOM   893  H HG11 . VAL A 1 65 ? 1.41972   -3.52312  -6.10723  1.000 30.50266 ? 60  VAL A HG11 1 
ATOM   894  H HG12 . VAL A 1 65 ? 1.41440   -4.88335  -6.92776  1.000 30.50266 ? 60  VAL A HG12 1 
ATOM   895  H HG13 . VAL A 1 65 ? 0.06112   -4.31942  -6.31611  1.000 30.50266 ? 60  VAL A HG13 1 
ATOM   896  H HG21 . VAL A 1 65 ? 1.44965   -3.51569  -3.72378  1.000 25.80465 ? 60  VAL A HG21 1 
ATOM   897  H HG22 . VAL A 1 65 ? -0.01764  -4.12441  -3.71893  1.000 25.80465 ? 60  VAL A HG22 1 
ATOM   898  H HG23 . VAL A 1 65 ? 1.13868   -4.83227  -2.89105  1.000 25.80465 ? 60  VAL A HG23 1 
ATOM   899  N N    . ASN A 1 66 ? -0.12561  -7.65984  -6.93589  1.000 26.50836 ? 61  ASN A N    1 
ATOM   900  C CA   . ASN A 1 66 ? 0.06745   -8.57971  -8.05232  1.000 22.12958 ? 61  ASN A CA   1 
ATOM   901  C C    . ASN A 1 66 ? 0.68536   -9.89450  -7.58510  1.000 20.31174 ? 61  ASN A C    1 
ATOM   902  O O    . ASN A 1 66 ? 1.56216   -10.46242 -8.23820  1.000 23.58565 ? 61  ASN A O    1 
ATOM   903  C CB   . ASN A 1 66 ? 0.90226   -7.93114  -9.15330  1.000 20.93817 ? 61  ASN A CB   1 
ATOM   904  C CG   . ASN A 1 66 ? 0.13105   -6.86450  -9.90047  1.000 24.19766 ? 61  ASN A CG   1 
ATOM   905  O OD1  . ASN A 1 66 ? -1.09729  -6.84453  -9.87385  1.000 25.51216 ? 61  ASN A OD1  1 
ATOM   906  N ND2  . ASN A 1 66 ? 0.84256   -5.98342  -10.58027 1.000 27.44913 ? 61  ASN A ND2  1 
ATOM   907  H H    . ASN A 1 66 ? -0.92059  -7.33469  -6.89221  1.000 31.81004 ? 61  ASN A H    1 
ATOM   908  H HA   . ASN A 1 66 ? -0.80101  -8.79300  -8.42805  1.000 26.55549 ? 61  ASN A HA   1 
ATOM   909  H HB2  . ASN A 1 66 ? 1.68505   -7.51714  -8.75739  1.000 25.12580 ? 61  ASN A HB2  1 
ATOM   910  H HB3  . ASN A 1 66 ? 1.17280   -8.61095  -9.79014  1.000 25.12580 ? 61  ASN A HB3  1 
ATOM   911  H HD21 . ASN A 1 66 ? 0.44731   -5.35908  -11.02023 1.000 32.93896 ? 61  ASN A HD21 1 
ATOM   912  H HD22 . ASN A 1 66 ? 1.70106   -6.03411  -10.58292 1.000 32.93896 ? 61  ASN A HD22 1 
ATOM   913  N N    . GLU A 1 67 ? 0.20098   -10.38844 -6.44638  1.000 21.77870 ? 62  GLU A N    1 
ATOM   914  C CA   . GLU A 1 67 ? 0.60087   -11.63621 -5.79924  1.000 21.62138 ? 62  GLU A CA   1 
ATOM   915  C C    . GLU A 1 67 ? 1.99092   -11.56658 -5.18040  1.000 23.19354 ? 62  GLU A C    1 
ATOM   916  O O    . GLU A 1 67 ? 2.46805   -12.57457 -4.64570  1.000 23.95030 ? 62  GLU A O    1 
ATOM   917  C CB   . GLU A 1 67 ? 0.51522   -12.83068 -6.76126  1.000 25.97813 ? 62  GLU A CB   1 
ATOM   918  C CG   . GLU A 1 67 ? -0.92343  -13.21576 -7.02718  1.000 26.37238 ? 62  GLU A CG   1 
ATOM   919  C CD   . GLU A 1 67 ? -1.08163  -14.45132 -7.89806  1.000 32.68453 ? 62  GLU A CD   1 
ATOM   920  O OE1  . GLU A 1 67 ? -0.41533  -14.54293 -8.94639  1.000 36.22683 ? 62  GLU A OE1  1 
ATOM   921  O OE2  . GLU A 1 67 ? -1.88123  -15.32954 -7.52114  1.000 40.92220 ? 62  GLU A OE2  1 
ATOM   922  H H    . GLU A 1 67 ? -0.40965  -9.98317  -5.99639  1.000 26.13444 ? 62  GLU A H    1 
ATOM   923  H HA   . GLU A 1 67 ? -0.01284  -11.80708 -5.06776  1.000 25.94566 ? 62  GLU A HA   1 
ATOM   924  H HB2  . GLU A 1 67 ? 0.93095   -12.59455 -7.60525  1.000 31.17376 ? 62  GLU A HB2  1 
ATOM   925  H HB3  . GLU A 1 67 ? 0.96968   -13.59274 -6.36932  1.000 31.17376 ? 62  GLU A HB3  1 
ATOM   926  H HG2  . GLU A 1 67 ? -1.35956  -13.39493 -6.17948  1.000 31.64685 ? 62  GLU A HG2  1 
ATOM   927  H HG3  . GLU A 1 67 ? -1.36470  -12.47897 -7.47809  1.000 31.64685 ? 62  GLU A HG3  1 
ATOM   928  N N    . ILE A 1 68 ? 2.65047   -10.41348 -5.21811  1.000 21.92853 ? 63  ILE A N    1 
ATOM   929  C CA   . ILE A 1 68 ? 3.91183   -10.21471 -4.50939  1.000 25.58388 ? 63  ILE A CA   1 
ATOM   930  C C    . ILE A 1 68 ? 3.59678   -9.98015  -3.03888  1.000 24.06232 ? 63  ILE A C    1 
ATOM   931  O O    . ILE A 1 68 ? 2.86244   -9.04800  -2.69834  1.000 22.13536 ? 63  ILE A O    1 
ATOM   932  C CB   . ILE A 1 68 ? 4.68763   -9.02379  -5.08708  1.000 19.29281 ? 63  ILE A CB   1 
ATOM   933  C CG1  . ILE A 1 68 ? 4.84121   -9.13251  -6.59796  1.000 22.57696 ? 63  ILE A CG1  1 
ATOM   934  C CG2  . ILE A 1 68 ? 6.04962   -8.90705  -4.40539  1.000 22.40540 ? 63  ILE A CG2  1 
ATOM   935  C CD1  . ILE A 1 68 ? 5.13034   -7.79242  -7.26232  1.000 25.20209 ? 63  ILE A CD1  1 
ATOM   936  H H    . ILE A 1 68 ? 2.38535   -9.72054  -5.65300  1.000 26.31423 ? 63  ILE A H    1 
ATOM   937  H HA   . ILE A 1 68 ? 4.45797   -11.01170 -4.59565  1.000 30.70066 ? 63  ILE A HA   1 
ATOM   938  H HB   . ILE A 1 68 ? 4.17595   -8.21912  -4.90936  1.000 23.15137 ? 63  ILE A HB   1 
ATOM   939  H HG12 . ILE A 1 68 ? 5.57788   -9.73113  -6.79764  1.000 27.09235 ? 63  ILE A HG12 1 
ATOM   940  H HG13 . ILE A 1 68 ? 4.01831   -9.48214  -6.97409  1.000 27.09235 ? 63  ILE A HG13 1 
ATOM   941  H HG21 . ILE A 1 68 ? 6.62499   -8.34169  -4.94412  1.000 26.88648 ? 63  ILE A HG21 1 
ATOM   942  H HG22 . ILE A 1 68 ? 5.93015   -8.51517  -3.52616  1.000 26.88648 ? 63  ILE A HG22 1 
ATOM   943  H HG23 . ILE A 1 68 ? 6.43846   -9.79189  -4.32310  1.000 26.88648 ? 63  ILE A HG23 1 
ATOM   944  H HD11 . ILE A 1 68 ? 5.20439   -7.92438  -8.22044  1.000 30.24251 ? 63  ILE A HD11 1 
ATOM   945  H HD12 . ILE A 1 68 ? 4.40346   -7.18023  -7.06794  1.000 30.24251 ? 63  ILE A HD12 1 
ATOM   946  H HD13 . ILE A 1 68 ? 5.96296   -7.43924  -6.91173  1.000 30.24251 ? 63  ILE A HD13 1 
ATOM   947  N N    . SER A 1 69 ? 4.15231   -10.81008 -2.16178  1.000 24.01505 ? 64  SER A N    1 
ATOM   948  C CA   . SER A 1 69 ? 3.90046   -10.61735 -0.74027  1.000 25.94137 ? 64  SER A CA   1 
ATOM   949  C C    . SER A 1 69 ? 4.56893   -9.33715  -0.25227  1.000 23.89581 ? 64  SER A C    1 
ATOM   950  O O    . SER A 1 69 ? 5.71341   -9.02974  -0.60647  1.000 25.04442 ? 64  SER A O    1 
ATOM   951  C CB   . SER A 1 69 ? 4.39928   -11.80341 0.08277   1.000 28.00383 ? 64  SER A CB   1 
ATOM   952  O OG   . SER A 1 69 ? 4.15697   -11.57186 1.46603   1.000 30.70552 ? 64  SER A OG   1 
ATOM   953  H H    . SER A 1 69 ? 4.66374   -11.47281 -2.35883  1.000 28.81806 ? 64  SER A H    1 
ATOM   954  H HA   . SER A 1 69 ? 2.94270   -10.54788 -0.60327  1.000 31.12965 ? 64  SER A HA   1 
ATOM   955  H HB2  . SER A 1 69 ? 3.92799   -12.60475 -0.19407  1.000 33.60460 ? 64  SER A HB2  1 
ATOM   956  H HB3  . SER A 1 69 ? 5.35239   -11.91292 -0.06036  1.000 33.60460 ? 64  SER A HB3  1 
ATOM   957  H HG   . SER A 1 69 ? 4.47630   -12.20036 1.92277   1.000 36.84662 ? 64  SER A HG   1 
ATOM   958  N N    . PHE A 1 70 ? 3.83058   -8.57576  0.54557   1.000 21.08408 ? 65  PHE A N    1 
ATOM   959  C CA   . PHE A 1 70 ? 4.34350   -7.38397  1.19616   1.000 23.35873 ? 65  PHE A CA   1 
ATOM   960  C C    . PHE A 1 70 ? 4.61416   -7.62781  2.67127   1.000 24.64558 ? 65  PHE A C    1 
ATOM   961  O O    . PHE A 1 70 ? 4.92929   -6.68590  3.40290   1.000 26.69967 ? 65  PHE A O    1 
ATOM   962  C CB   . PHE A 1 70 ? 3.36498   -6.22780  0.99663   1.000 23.04925 ? 65  PHE A CB   1 
ATOM   963  C CG   . PHE A 1 70 ? 3.60568   -5.45719  -0.26692  1.000 22.64657 ? 65  PHE A CG   1 
ATOM   964  C CD1  . PHE A 1 70 ? 3.90062   -6.11702  -1.44403  1.000 23.76861 ? 65  PHE A CD1  1 
ATOM   965  C CD2  . PHE A 1 70 ? 3.53080   -4.07649  -0.28097  1.000 27.00166 ? 65  PHE A CD2  1 
ATOM   966  C CE1  . PHE A 1 70 ? 4.13473   -5.41277  -2.60998  1.000 25.18424 ? 65  PHE A CE1  1 
ATOM   967  C CE2  . PHE A 1 70 ? 3.75961   -3.36887  -1.44267  1.000 20.06965 ? 65  PHE A CE2  1 
ATOM   968  C CZ   . PHE A 1 70 ? 4.06034   -4.04051  -2.61130  1.000 22.62615 ? 65  PHE A CZ   1 
ATOM   969  H H    . PHE A 1 70 ? 3.00580   -8.73597  0.72909   1.000 25.30089 ? 65  PHE A H    1 
ATOM   970  H HA   . PHE A 1 70 ? 5.18153   -7.11779  0.78660   1.000 28.03048 ? 65  PHE A HA   1 
ATOM   971  H HB2  . PHE A 1 70 ? 2.46302   -6.58296  0.96164   1.000 27.65909 ? 65  PHE A HB2  1 
ATOM   972  H HB3  . PHE A 1 70 ? 3.45060   -5.61252  1.74161   1.000 27.65909 ? 65  PHE A HB3  1 
ATOM   973  H HD1  . PHE A 1 70 ? 3.94214   -7.04606  -1.45210  1.000 28.52233 ? 65  PHE A HD1  1 
ATOM   974  H HD2  . PHE A 1 70 ? 3.32370   -3.61958  0.50212   1.000 32.40200 ? 65  PHE A HD2  1 
ATOM   975  H HE1  . PHE A 1 70 ? 4.34270   -5.86772  -3.39399  1.000 30.22109 ? 65  PHE A HE1  1 
ATOM   976  H HE2  . PHE A 1 70 ? 3.71141   -2.44013  -1.43895  1.000 24.08357 ? 65  PHE A HE2  1 
ATOM   977  H HZ   . PHE A 1 70 ? 4.21200   -3.56578  -3.39649  1.000 27.15138 ? 65  PHE A HZ   1 
ATOM   978  N N    . THR A 1 71 ? 4.48826   -8.87526  3.11573   1.000 25.46158 ? 66  THR A N    1 
ATOM   979  C CA   . THR A 1 71 ? 4.86718   -9.27010  4.46282   1.000 27.74909 ? 66  THR A CA   1 
ATOM   980  C C    . THR A 1 71 ? 6.38041   -9.39704  4.53663   1.000 32.45181 ? 66  THR A C    1 
ATOM   981  O O    . THR A 1 71 ? 6.98236   -10.16038 3.77403   1.000 28.90690 ? 66  THR A O    1 
ATOM   982  C CB   . THR A 1 71 ? 4.20991   -10.59725 4.82938   1.000 32.33447 ? 66  THR A CB   1 
ATOM   983  O OG1  . THR A 1 71 ? 2.79940   -10.40642 4.97327   1.000 33.97536 ? 66  THR A OG1  1 
ATOM   984  C CG2  . THR A 1 71 ? 4.79631   -11.14674 6.12280   1.000 35.23885 ? 66  THR A CG2  1 
ATOM   985  H H    . THR A 1 71 ? 4.17869   -9.52402  2.64364   1.000 30.55390 ? 66  THR A H    1 
ATOM   986  H HA   . THR A 1 71 ? 4.57333   -8.59501  5.09432   1.000 33.29891 ? 66  THR A HA   1 
ATOM   987  H HB   . THR A 1 71 ? 4.37298   -11.24843 4.12919   1.000 38.80137 ? 66  THR A HB   1 
ATOM   988  H HG1  . THR A 1 71 ? 2.42980   -11.13415 5.17180   1.000 40.77043 ? 66  THR A HG1  1 
ATOM   989  H HG21 . THR A 1 71 ? 4.19164   -11.79859 6.51059   1.000 42.28662 ? 66  THR A HG21 1 
ATOM   990  H HG22 . THR A 1 71 ? 5.64859   -11.57451 5.94525   1.000 42.28662 ? 66  THR A HG22 1 
ATOM   991  H HG23 . THR A 1 71 ? 4.93195   -10.42628 6.75796   1.000 42.28662 ? 66  THR A HG23 1 
ATOM   992  N N    . GLY A 1 72 ? 6.99253   -8.65237  5.44848   1.000 31.27192 ? 67  GLY A N    1 
ATOM   993  C CA   . GLY A 1 72 ? 8.41184   -8.79242  5.67948   1.000 25.53659 ? 67  GLY A CA   1 
ATOM   994  C C    . GLY A 1 72 ? 9.30258   -8.08113  4.69362   1.000 26.24902 ? 67  GLY A C    1 
ATOM   995  O O    . GLY A 1 72 ? 10.50328  -8.36466  4.66015   1.000 28.57610 ? 67  GLY A O    1 
ATOM   996  H H    . GLY A 1 72 ? 6.60581   -8.06326  5.94142   1.000 37.52631 ? 67  GLY A H    1 
ATOM   997  H HA2  . GLY A 1 72 ? 8.61605   -8.44577  6.56211   1.000 30.64391 ? 67  GLY A HA2  1 
ATOM   998  H HA3  . GLY A 1 72 ? 8.63714   -9.73545  5.65066   1.000 30.64391 ? 67  GLY A HA3  1 
ATOM   999  N N    . ILE A 1 73 ? 8.76854   -7.15480  3.89967   1.000 24.25769 ? 68  ILE A N    1 
ATOM   1000 C CA   . ILE A 1 73 ? 9.57756   -6.41213  2.94704   1.000 24.90445 ? 68  ILE A CA   1 
ATOM   1001 C C    . ILE A 1 73 ? 9.82204   -5.00583  3.48104   1.000 26.85633 ? 68  ILE A C    1 
ATOM   1002 O O    . ILE A 1 73 ? 9.11132   -4.49384  4.35643   1.000 20.29954 ? 68  ILE A O    1 
ATOM   1003 C CB   . ILE A 1 73 ? 8.95346   -6.36022  1.52585   1.000 22.73238 ? 68  ILE A CB   1 
ATOM   1004 C CG1  . ILE A 1 73 ? 7.65036   -5.55160  1.51167   1.000 21.41577 ? 68  ILE A CG1  1 
ATOM   1005 C CG2  . ILE A 1 73 ? 8.73366   -7.76889  0.98807   1.000 30.18091 ? 68  ILE A CG2  1 
ATOM   1006 C CD1  . ILE A 1 73 ? 7.15834   -5.23195  0.11078   1.000 27.92258 ? 68  ILE A CD1  1 
ATOM   1007 H H    . ILE A 1 73 ? 7.93571   -6.94035  3.89707   1.000 29.10922 ? 68  ILE A H    1 
ATOM   1008 H HA   . ILE A 1 73 ? 10.43298  -6.86359  2.87395   1.000 29.88533 ? 68  ILE A HA   1 
ATOM   1009 H HB   . ILE A 1 73 ? 9.58088   -5.90362  0.94383   1.000 27.27886 ? 68  ILE A HB   1 
ATOM   1010 H HG12 . ILE A 1 73 ? 6.95910   -6.06246  1.96119   1.000 25.69893 ? 68  ILE A HG12 1 
ATOM   1011 H HG13 . ILE A 1 73 ? 7.79686   -4.71214  1.97507   1.000 25.69893 ? 68  ILE A HG13 1 
ATOM   1012 H HG21 . ILE A 1 73 ? 8.44525   -7.71258  0.06365   1.000 36.21709 ? 68  ILE A HG21 1 
ATOM   1013 H HG22 . ILE A 1 73 ? 9.56684   -8.26229  1.04516   1.000 36.21709 ? 68  ILE A HG22 1 
ATOM   1014 H HG23 . ILE A 1 73 ? 8.05222   -8.20764  1.52102   1.000 36.21709 ? 68  ILE A HG23 1 
ATOM   1015 H HD11 . ILE A 1 73 ? 6.37626   -4.66156  0.17324   1.000 33.50710 ? 68  ILE A HD11 1 
ATOM   1016 H HD12 . ILE A 1 73 ? 7.86293   -4.77520  -0.37484  1.000 33.50710 ? 68  ILE A HD12 1 
ATOM   1017 H HD13 . ILE A 1 73 ? 6.92892   -6.05969  -0.33989  1.000 33.50710 ? 68  ILE A HD13 1 
ATOM   1018 N N    . THR A 1 74 ? 10.85561  -4.37262  2.94248   1.000 22.85880 ? 69  THR A N    1 
ATOM   1019 C CA   . THR A 1 74 ? 11.21308  -3.02324  3.33417   1.000 22.54344 ? 69  THR A CA   1 
ATOM   1020 C C    . THR A 1 74 ? 10.29257  -2.01371  2.65592   1.000 24.44920 ? 69  THR A C    1 
ATOM   1021 O O    . THR A 1 74 ? 9.57382   -2.32173  1.69970   1.000 25.47266 ? 69  THR A O    1 
ATOM   1022 C CB   . THR A 1 74 ? 12.66432  -2.72480  2.96610   1.000 28.20817 ? 69  THR A CB   1 
ATOM   1023 O OG1  . THR A 1 74 ? 12.83456  -2.89375  1.55488   1.000 26.54170 ? 69  THR A OG1  1 
ATOM   1024 C CG2  . THR A 1 74 ? 13.61907  -3.65543  3.70792   1.000 22.43035 ? 69  THR A CG2  1 
ATOM   1025 H H    . THR A 1 74 ? 11.37018  -4.70906  2.34113   1.000 27.43056 ? 69  THR A H    1 
ATOM   1026 H HA   . THR A 1 74 ? 11.11616  -2.93864  4.29559   1.000 27.05213 ? 69  THR A HA   1 
ATOM   1027 H HB   . THR A 1 74 ? 12.88167  -1.81359  3.21780   1.000 33.84980 ? 69  THR A HB   1 
ATOM   1028 H HG1  . THR A 1 74 ? 13.62240  -2.70192  1.33554   1.000 31.85004 ? 69  THR A HG1  1 
ATOM   1029 H HG21 . THR A 1 74 ? 14.52896  -3.50588  3.40683   1.000 26.91642 ? 69  THR A HG21 1 
ATOM   1030 H HG22 . THR A 1 74 ? 13.57161  -3.48745  4.66209   1.000 26.91642 ? 69  THR A HG22 1 
ATOM   1031 H HG23 . THR A 1 74 ? 13.37947  -4.58003  3.53875   1.000 26.91642 ? 69  THR A HG23 1 
ATOM   1032 N N    . HIS A 1 75 ? 10.32372  -0.78751  3.17337   1.000 23.18208 ? 70  HIS A N    1 
ATOM   1033 C CA   . HIS A 1 75 ? 9.68088   0.32233   2.48497   1.000 21.78075 ? 70  HIS A CA   1 
ATOM   1034 C C    . HIS A 1 75 ? 10.26904  0.48618   1.09399   1.000 25.06144 ? 70  HIS A C    1 
ATOM   1035 O O    . HIS A 1 75 ? 9.53499   0.64571   0.11213   1.000 24.56567 ? 70  HIS A O    1 
ATOM   1036 C CB   . HIS A 1 75 ? 9.85560   1.59691   3.31181   1.000 23.61520 ? 70  HIS A CB   1 
ATOM   1037 C CG   . HIS A 1 75 ? 9.04035   2.75514   2.83122   1.000 20.78490 ? 70  HIS A CG   1 
ATOM   1038 N ND1  . HIS A 1 75 ? 7.80871   3.06549   3.36233   1.000 25.14552 ? 70  HIS A ND1  1 
ATOM   1039 C CD2  . HIS A 1 75 ? 9.28109   3.68108   1.87329   1.000 25.83280 ? 70  HIS A CD2  1 
ATOM   1040 C CE1  . HIS A 1 75 ? 7.32618   4.13463   2.75436   1.000 27.85372 ? 70  HIS A CE1  1 
ATOM   1041 N NE2  . HIS A 1 75 ? 8.19877   4.52577   1.84406   1.000 24.64493 ? 70  HIS A NE2  1 
ATOM   1042 H H    . HIS A 1 75 ? 10.70658  -0.57531  3.91363   1.000 27.81849 ? 70  HIS A H    1 
ATOM   1043 H HA   . HIS A 1 75 ? 8.72978   0.15570   2.39254   1.000 26.13690 ? 70  HIS A HA   1 
ATOM   1044 H HB2  . HIS A 1 75 ? 9.59276   1.41157   4.22693   1.000 28.33824 ? 70  HIS A HB2  1 
ATOM   1045 H HB3  . HIS A 1 75 ? 10.78848  1.86094   3.28156   1.000 28.33824 ? 70  HIS A HB3  1 
ATOM   1046 H HD1  . HIS A 1 75 ? 7.41492   2.63123   3.99157   1.000 30.17463 ? 70  HIS A HD1  1 
ATOM   1047 H HD2  . HIS A 1 75 ? 10.03796  3.73499   1.33557   1.000 30.99936 ? 70  HIS A HD2  1 
ATOM   1048 H HE1  . HIS A 1 75 ? 6.51047   4.54240   2.93666   1.000 33.42446 ? 70  HIS A HE1  1 
ATOM   1049 N N    . GLU A 1 76 ? 11.59828  0.40429   0.99374   1.000 25.46082 ? 71  GLU A N    1 
ATOM   1050 C CA   . GLU A 1 76 ? 12.28199  0.59238   -0.27952  1.000 28.38732 ? 71  GLU A CA   1 
ATOM   1051 C C    . GLU A 1 76 ? 11.82907  -0.43486  -1.31120  1.000 26.59142 ? 71  GLU A C    1 
ATOM   1052 O O    . GLU A 1 76 ? 11.58265  -0.09303  -2.47306  1.000 25.57712 ? 71  GLU A O    1 
ATOM   1053 C CB   . GLU A 1 76 ? 13.79505  0.50882   -0.06616  1.000 26.80039 ? 71  GLU A CB   1 
ATOM   1054 C CG   . GLU A 1 76 ? 14.40155  1.68392   0.70752   1.000 30.96763 ? 71  GLU A CG   1 
ATOM   1055 C CD   . GLU A 1 76 ? 14.46572  1.47191   2.22745   1.000 32.57676 ? 71  GLU A CD   1 
ATOM   1056 O OE1  . GLU A 1 76 ? 13.53188  0.88642   2.81293   1.000 24.52619 ? 71  GLU A OE1  1 
ATOM   1057 O OE2  . GLU A 1 76 ? 15.46753  1.90158   2.84172   1.000 40.37040 ? 71  GLU A OE2  1 
ATOM   1058 H H    . GLU A 1 76 ? 12.12689  0.24018   1.65193   1.000 30.55299 ? 71  GLU A H    1 
ATOM   1059 H HA   . GLU A 1 76 ? 12.06883  1.47307   -0.62567  1.000 34.06478 ? 71  GLU A HA   1 
ATOM   1060 H HB2  . GLU A 1 76 ? 13.99132  -0.30029  0.43156   1.000 32.16047 ? 71  GLU A HB2  1 
ATOM   1061 H HB3  . GLU A 1 76 ? 14.22685  0.47734   -0.93418  1.000 32.16047 ? 71  GLU A HB3  1 
ATOM   1062 H HG2  . GLU A 1 76 ? 15.30759  1.82833   0.39265   1.000 37.16115 ? 71  GLU A HG2  1 
ATOM   1063 H HG3  . GLU A 1 76 ? 13.86349  2.47421   0.54371   1.000 37.16115 ? 71  GLU A HG3  1 
ATOM   1064 N N    . LYS A 1 77 ? 11.71282  -1.70032  -0.90623  1.000 27.77767 ? 72  LYS A N    1 
ATOM   1065 C CA   . LYS A 1 77 ? 11.27184  -2.73378  -1.83777  1.000 28.20791 ? 72  LYS A CA   1 
ATOM   1066 C C    . LYS A 1 77 ? 9.81653   -2.52664  -2.23842  1.000 27.77326 ? 72  LYS A C    1 
ATOM   1067 O O    . LYS A 1 77 ? 9.45828   -2.70683  -3.40917  1.000 25.50593 ? 72  LYS A O    1 
ATOM   1068 C CB   . LYS A 1 77 ? 11.46496  -4.11423  -1.21427  1.000 27.60379 ? 72  LYS A CB   1 
ATOM   1069 C CG   . LYS A 1 77 ? 11.17846  -5.27292  -2.15461  1.000 27.90056 ? 72  LYS A CG   1 
ATOM   1070 C CD   . LYS A 1 77 ? 12.30883  -5.47649  -3.14865  1.000 32.18456 ? 72  LYS A CD   1 
ATOM   1071 C CE   . LYS A 1 77 ? 13.51716  -6.13130  -2.49239  1.000 35.32884 ? 72  LYS A CE   1 
ATOM   1072 N NZ   . LYS A 1 77 ? 14.59460  -6.43009  -3.47951  1.000 41.22244 ? 72  LYS A NZ   1 
ATOM   1073 H H    . LYS A 1 77 ? 11.88045  -1.98116  -0.11084  1.000 33.33321 ? 72  LYS A H    1 
ATOM   1074 H HA   . LYS A 1 77 ? 11.81511  -2.68719  -2.64000  1.000 33.84950 ? 72  LYS A HA   1 
ATOM   1075 H HB2  . LYS A 1 77 ? 12.38602  -4.19512  -0.92100  1.000 33.12455 ? 72  LYS A HB2  1 
ATOM   1076 H HB3  . LYS A 1 77 ? 10.86662  -4.19734  -0.45533  1.000 33.12455 ? 72  LYS A HB3  1 
ATOM   1077 H HG2  . LYS A 1 77 ? 11.07612  -6.08777  -1.63842  1.000 33.48068 ? 72  LYS A HG2  1 
ATOM   1078 H HG3  . LYS A 1 77 ? 10.36533  -5.09030  -2.65096  1.000 33.48068 ? 72  LYS A HG3  1 
ATOM   1079 H HD2  . LYS A 1 77 ? 12.00421  -6.05078  -3.86857  1.000 38.62147 ? 72  LYS A HD2  1 
ATOM   1080 H HD3  . LYS A 1 77 ? 12.58331  -4.61657  -3.50376  1.000 38.62147 ? 72  LYS A HD3  1 
ATOM   1081 H HE2  . LYS A 1 77 ? 13.87919  -5.53261  -1.82053  1.000 42.39461 ? 72  LYS A HE2  1 
ATOM   1082 H HE3  . LYS A 1 77 ? 13.24367  -6.96579  -2.08039  1.000 42.39461 ? 72  LYS A HE3  1 
ATOM   1083 H HZ1  . LYS A 1 77 ? 15.27602  -6.83372  -3.07350  1.000 49.46693 ? 72  LYS A HZ1  1 
ATOM   1084 H HZ2  . LYS A 1 77 ? 14.28194  -6.96431  -4.11900  1.000 49.46693 ? 72  LYS A HZ2  1 
ATOM   1085 H HZ3  . LYS A 1 77 ? 14.88551  -5.67517  -3.85041  1.000 49.46693 ? 72  LYS A HZ3  1 
ATOM   1086 N N    . ALA A 1 78 ? 8.96398   -2.16104  -1.27724  1.000 26.79912 ? 73  ALA A N    1 
ATOM   1087 C CA   . ALA A 1 78 ? 7.57735   -1.83982  -1.58644  1.000 24.40778 ? 73  ALA A CA   1 
ATOM   1088 C C    . ALA A 1 78 ? 7.49529   -0.77637  -2.67414  1.000 26.60631 ? 73  ALA A C    1 
ATOM   1089 O O    . ALA A 1 78 ? 6.73019   -0.90738  -3.63607  1.000 26.36436 ? 73  ALA A O    1 
ATOM   1090 C CB   . ALA A 1 78 ? 6.85710   -1.37347  -0.31836  1.000 26.63182 ? 73  ALA A CB   1 
ATOM   1091 H H    . ALA A 1 78 ? 9.16570   -2.09268  -0.44403  1.000 32.15894 ? 73  ALA A H    1 
ATOM   1092 H HA   . ALA A 1 78 ? 7.13107   -2.63809  -1.90967  1.000 29.28934 ? 73  ALA A HA   1 
ATOM   1093 H HB1  . ALA A 1 78 ? 5.93270   -1.17501  -0.53509  1.000 31.95818 ? 73  ALA A HB1  1 
ATOM   1094 H HB2  . ALA A 1 78 ? 6.89697   -2.07976  0.34532   1.000 31.95818 ? 73  ALA A HB2  1 
ATOM   1095 H HB3  . ALA A 1 78 ? 7.29600   -0.57709  0.01935   1.000 31.95818 ? 73  ALA A HB3  1 
ATOM   1096 N N    . VAL A 1 79 ? 8.29506   0.28239   -2.54237  1.000 26.20197 ? 74  VAL A N    1 
ATOM   1097 C CA   . VAL A 1 79 ? 8.22184   1.39443   -3.48429  1.000 27.16064 ? 74  VAL A CA   1 
ATOM   1098 C C    . VAL A 1 79 ? 8.67505   0.95902   -4.87371  1.000 25.45797 ? 74  VAL A C    1 
ATOM   1099 O O    . VAL A 1 79 ? 8.03950   1.30153   -5.87806  1.000 31.91972 ? 74  VAL A O    1 
ATOM   1100 C CB   . VAL A 1 79 ? 9.04829   2.58528   -2.96289  1.000 27.62419 ? 74  VAL A CB   1 
ATOM   1101 C CG1  . VAL A 1 79 ? 9.13401   3.67731   -4.01678  1.000 29.83680 ? 74  VAL A CG1  1 
ATOM   1102 C CG2  . VAL A 1 79 ? 8.44450   3.13543   -1.67225  1.000 27.93150 ? 74  VAL A CG2  1 
ATOM   1103 H H    . VAL A 1 79 ? 8.88266   0.37961   -1.92200  1.000 31.44237 ? 74  VAL A H    1 
ATOM   1104 H HA   . VAL A 1 79 ? 7.29625   1.67615   -3.55369  1.000 32.59277 ? 74  VAL A HA   1 
ATOM   1105 H HB   . VAL A 1 79 ? 9.94776   2.27803   -2.76939  1.000 33.14903 ? 74  VAL A HB   1 
ATOM   1106 H HG11 . VAL A 1 79 ? 9.41811   4.50273   -3.59386  1.000 35.80416 ? 74  VAL A HG11 1 
ATOM   1107 H HG12 . VAL A 1 79 ? 9.77743   3.41368   -4.69311  1.000 35.80416 ? 74  VAL A HG12 1 
ATOM   1108 H HG13 . VAL A 1 79 ? 8.25995   3.79615   -4.42022  1.000 35.80416 ? 74  VAL A HG13 1 
ATOM   1109 H HG21 . VAL A 1 79 ? 9.04023   3.80789   -1.30646  1.000 33.51780 ? 74  VAL A HG21 1 
ATOM   1110 H HG22 . VAL A 1 79 ? 7.58139   3.53098   -1.87090  1.000 33.51780 ? 74  VAL A HG22 1 
ATOM   1111 H HG23 . VAL A 1 79 ? 8.33738   2.40864   -1.03883  1.000 33.51780 ? 74  VAL A HG23 1 
ATOM   1112 N N    . GLU A 1 80 ? 9.77640   0.20487   -4.95913  1.000 26.74394 ? 75  GLU A N    1 
ATOM   1113 C CA   . GLU A 1 80 ? 10.23646  -0.29257  -6.25240  1.000 27.17753 ? 75  GLU A CA   1 
ATOM   1114 C C    . GLU A 1 80 ? 9.11240   -1.01892  -6.97586  1.000 29.43337 ? 75  GLU A C    1 
ATOM   1115 O O    . GLU A 1 80 ? 8.83493   -0.76005  -8.15238  1.000 30.00515 ? 75  GLU A O    1 
ATOM   1116 C CB   . GLU A 1 80 ? 11.42464  -1.24287  -6.07531  1.000 28.33957 ? 75  GLU A CB   1 
ATOM   1117 C CG   . GLU A 1 80 ? 12.65931  -0.66042  -5.43879  1.000 36.39580 ? 75  GLU A CG   1 
ATOM   1118 C CD   . GLU A 1 80 ? 13.72324  -1.72386  -5.19906  1.000 41.19985 ? 75  GLU A CD   1 
ATOM   1119 O OE1  . GLU A 1 80 ? 13.73346  -2.73034  -5.94814  1.000 40.87700 ? 75  GLU A OE1  1 
ATOM   1120 O OE2  . GLU A 1 80 ? 14.53464  -1.55545  -4.25982  1.000 41.19235 ? 75  GLU A OE2  1 
ATOM   1121 H H    . GLU A 1 80 ? 10.26597  -0.02803  -4.29155  1.000 32.09273 ? 75  GLU A H    1 
ATOM   1122 H HA   . GLU A 1 80 ? 10.52926  0.46462   -6.78328  1.000 32.61303 ? 75  GLU A HA   1 
ATOM   1123 H HB2  . GLU A 1 80 ? 11.13841  -1.98261  -5.51697  1.000 34.00748 ? 75  GLU A HB2  1 
ATOM   1124 H HB3  . GLU A 1 80 ? 11.68292  -1.56912  -6.95152  1.000 34.00748 ? 75  GLU A HB3  1 
ATOM   1125 H HG2  . GLU A 1 80 ? 13.03231  0.01706   -6.02427  1.000 43.67496 ? 75  GLU A HG2  1 
ATOM   1126 H HG3  . GLU A 1 80 ? 12.42381  -0.26705  -4.58398  1.000 43.67496 ? 75  GLU A HG3  1 
ATOM   1127 N N    . ILE A 1 81 ? 8.45885   -1.94370  -6.27357  1.000 28.72532 ? 76  ILE A N    1 
ATOM   1128 C CA   . ILE A 1 81 ? 7.40580   -2.75192  -6.87700  1.000 24.67564 ? 76  ILE A CA   1 
ATOM   1129 C C    . ILE A 1 81 ? 6.27548   -1.86503  -7.38292  1.000 24.58756 ? 76  ILE A C    1 
ATOM   1130 O O    . ILE A 1 81 ? 5.80552   -2.01164  -8.51676  1.000 27.36095 ? 76  ILE A O    1 
ATOM   1131 C CB   . ILE A 1 81 ? 6.89623   -3.78778  -5.85979  1.000 24.72374 ? 76  ILE A CB   1 
ATOM   1132 C CG1  . ILE A 1 81 ? 7.99541   -4.80566  -5.56642  1.000 27.98113 ? 76  ILE A CG1  1 
ATOM   1133 C CG2  . ILE A 1 81 ? 5.63235   -4.45547  -6.36221  1.000 24.54567 ? 76  ILE A CG2  1 
ATOM   1134 C CD1  . ILE A 1 81 ? 7.73266   -5.64948  -4.34957  1.000 27.93646 ? 76  ILE A CD1  1 
ATOM   1135 H H    . ILE A 1 81 ? 8.60696   -2.12213  -5.44542  1.000 34.47038 ? 76  ILE A H    1 
ATOM   1136 H HA   . ILE A 1 81 ? 7.77302   -3.22433  -7.64047  1.000 29.61077 ? 76  ILE A HA   1 
ATOM   1137 H HB   . ILE A 1 81 ? 6.67310   -3.33543  -5.03124  1.000 29.66849 ? 76  ILE A HB   1 
ATOM   1138 H HG12 . ILE A 1 81 ? 8.07936   -5.40163  -6.32713  1.000 33.57736 ? 76  ILE A HG12 1 
ATOM   1139 H HG13 . ILE A 1 81 ? 8.82924   -4.33128  -5.42301  1.000 33.57736 ? 76  ILE A HG13 1 
ATOM   1140 H HG21 . ILE A 1 81 ? 5.46380   -5.25096  -5.83337  1.000 29.45480 ? 76  ILE A HG21 1 
ATOM   1141 H HG22 . ILE A 1 81 ? 4.89121   -3.83603  -6.27335  1.000 29.45480 ? 76  ILE A HG22 1 
ATOM   1142 H HG23 . ILE A 1 81 ? 5.75176   -4.69692  -7.29406  1.000 29.45480 ? 76  ILE A HG23 1 
ATOM   1143 H HD11 . ILE A 1 81 ? 8.50674   -6.20893  -4.18008  1.000 33.52375 ? 76  ILE A HD11 1 
ATOM   1144 H HD12 . ILE A 1 81 ? 7.57255   -5.06748  -3.59026  1.000 33.52375 ? 76  ILE A HD12 1 
ATOM   1145 H HD13 . ILE A 1 81 ? 6.95321   -6.20358  -4.51179  1.000 33.52375 ? 76  ILE A HD13 1 
ATOM   1146 N N    . LEU A 1 82 ? 5.82122   -0.93299  -6.54723  1.000 24.88109 ? 77  LEU A N    1 
ATOM   1147 C CA   . LEU A 1 82 ? 4.69949   -0.07553  -6.90746  1.000 28.63524 ? 77  LEU A CA   1 
ATOM   1148 C C    . LEU A 1 82 ? 5.06489   0.94043   -7.97942  1.000 32.42937 ? 77  LEU A C    1 
ATOM   1149 O O    . LEU A 1 82 ? 4.16504   1.51671   -8.59945  1.000 33.24805 ? 77  LEU A O    1 
ATOM   1150 C CB   . LEU A 1 82 ? 4.17790   0.63814   -5.65884  1.000 32.69368 ? 77  LEU A CB   1 
ATOM   1151 C CG   . LEU A 1 82 ? 3.49886   -0.29576  -4.64975  1.000 26.58578 ? 77  LEU A CG   1 
ATOM   1152 C CD1  . LEU A 1 82 ? 3.35644   0.36810   -3.29194  1.000 28.96067 ? 77  LEU A CD1  1 
ATOM   1153 C CD2  . LEU A 1 82 ? 2.14127   -0.75217  -5.16615  1.000 29.22980 ? 77  LEU A CD2  1 
ATOM   1154 H H    . LEU A 1 82 ? 6.14592   -0.77793  -5.76612  1.000 29.85731 ? 77  LEU A H    1 
ATOM   1155 H HA   . LEU A 1 82 ? 3.98349   -0.62540  -7.26226  1.000 34.36229 ? 77  LEU A HA   1 
ATOM   1156 H HB2  . LEU A 1 82 ? 4.92417   1.06634   -5.21092  1.000 39.23242 ? 77  LEU A HB2  1 
ATOM   1157 H HB3  . LEU A 1 82 ? 3.52740   1.30444   -5.93048  1.000 39.23242 ? 77  LEU A HB3  1 
ATOM   1158 H HG   . LEU A 1 82 ? 4.05909   -1.07937  -4.53575  1.000 31.90293 ? 77  LEU A HG   1 
ATOM   1159 H HD11 . LEU A 1 82 ? 3.06357   -0.29366  -2.64604  1.000 34.75280 ? 77  LEU A HD11 1 
ATOM   1160 H HD12 . LEU A 1 82 ? 4.21565   0.73174   -3.02653  1.000 34.75280 ? 77  LEU A HD12 1 
ATOM   1161 H HD13 . LEU A 1 82 ? 2.70125   1.08051   -3.35588  1.000 34.75280 ? 77  LEU A HD13 1 
ATOM   1162 H HD21 . LEU A 1 82 ? 1.70107   -1.27502  -4.47786  1.000 35.07576 ? 77  LEU A HD21 1 
ATOM   1163 H HD22 . LEU A 1 82 ? 1.60671   0.02807   -5.38149  1.000 35.07576 ? 77  LEU A HD22 1 
ATOM   1164 H HD23 . LEU A 1 82 ? 2.27126   -1.29355  -5.96044  1.000 35.07576 ? 77  LEU A HD23 1 
ATOM   1165 N N    . LYS A 1 83 ? 6.35569   1.17270   -8.21355  1.000 31.14407 ? 78  LYS A N    1 
ATOM   1166 C CA   . LYS A 1 83 ? 6.81147   2.04739   -9.28334  1.000 32.01635 ? 78  LYS A CA   1 
ATOM   1167 C C    . LYS A 1 83 ? 7.23660   1.27194   -10.52548 1.000 35.74496 ? 78  LYS A C    1 
ATOM   1168 O O    . LYS A 1 83 ? 7.89737   1.83668   -11.40356 1.000 37.62345 ? 78  LYS A O    1 
ATOM   1169 C CB   . LYS A 1 83 ? 7.97064   2.91610   -8.79540  1.000 33.92275 ? 78  LYS A CB   1 
ATOM   1170 C CG   . LYS A 1 83 ? 7.65484   3.77650   -7.58752  1.000 37.50254 ? 78  LYS A CG   1 
ATOM   1171 C CD   . LYS A 1 83 ? 7.78856   5.26078   -7.90230  1.000 39.16833 ? 78  LYS A CD   1 
ATOM   1172 C CE   . LYS A 1 83 ? 8.08872   6.06625   -6.65533  1.000 39.72720 ? 78  LYS A CE   1 
ATOM   1173 N NZ   . LYS A 1 83 ? 7.81992   7.51721   -6.85552  1.000 47.93391 ? 78  LYS A NZ   1 
ATOM   1174 H H    . LYS A 1 83 ? 6.99579   0.82658   -7.75522  1.000 37.37288 ? 78  LYS A H    1 
ATOM   1175 H HA   . LYS A 1 83 ? 6.07734   2.63111   -9.53075  1.000 38.41962 ? 78  LYS A HA   1 
ATOM   1176 H HB2  . LYS A 1 83 ? 8.71019   2.33618   -8.55530  1.000 40.70729 ? 78  LYS A HB2  1 
ATOM   1177 H HB3  . LYS A 1 83 ? 8.23485   3.50978   -9.51556  1.000 40.70729 ? 78  LYS A HB3  1 
ATOM   1178 H HG2  . LYS A 1 83 ? 6.74312   3.60710   -7.30294  1.000 45.00304 ? 78  LYS A HG2  1 
ATOM   1179 H HG3  . LYS A 1 83 ? 8.27162   3.56110   -6.87053  1.000 45.00304 ? 78  LYS A HG3  1 
ATOM   1180 H HD2  . LYS A 1 83 ? 8.51446   5.39176   -8.53222  1.000 47.00200 ? 78  LYS A HD2  1 
ATOM   1181 H HD3  . LYS A 1 83 ? 6.95705   5.58509   -8.28221  1.000 47.00200 ? 78  LYS A HD3  1 
ATOM   1182 H HE2  . LYS A 1 83 ? 7.52893   5.75115   -5.92852  1.000 47.67264 ? 78  LYS A HE2  1 
ATOM   1183 H HE3  . LYS A 1 83 ? 9.02456   5.95994   -6.42340  1.000 47.67264 ? 78  LYS A HE3  1 
ATOM   1184 H HZ1  . LYS A 1 83 ? 8.07214   7.97568   -6.13560  1.000 57.52069 ? 78  LYS A HZ1  1 
ATOM   1185 H HZ2  . LYS A 1 83 ? 8.27226   7.81604   -7.56135  1.000 57.52069 ? 78  LYS A HZ2  1 
ATOM   1186 H HZ3  . LYS A 1 83 ? 6.95055   7.64969   -6.99239  1.000 57.52069 ? 78  LYS A HZ3  1 
ATOM   1187 N N    . ASN A 1 84 ? 6.86435   -0.00311  -10.62709 1.000 34.23599 ? 79  ASN A N    1 
ATOM   1188 C CA   . ASN A 1 84 ? 7.36653   -0.83300  -11.71036 1.000 37.91705 ? 79  ASN A CA   1 
ATOM   1189 C C    . ASN A 1 84 ? 6.57868   -0.58149  -12.99653 1.000 38.34752 ? 79  ASN A C    1 
ATOM   1190 O O    . ASN A 1 84 ? 5.66878   0.25153   -13.05594 1.000 37.92945 ? 79  ASN A O    1 
ATOM   1191 C CB   . ASN A 1 84 ? 7.33517   -2.30976  -11.31481 1.000 34.43462 ? 79  ASN A CB   1 
ATOM   1192 C CG   . ASN A 1 84 ? 5.92983   -2.87635  -11.23260 1.000 32.52085 ? 79  ASN A CG   1 
ATOM   1193 O OD1  . ASN A 1 84 ? 4.94836   -2.20367  -11.54625 1.000 36.66143 ? 79  ASN A OD1  1 
ATOM   1194 N ND2  . ASN A 1 84 ? 5.83150   -4.13716  -10.81917 1.000 32.78473 ? 79  ASN A ND2  1 
ATOM   1195 H H    . ASN A 1 84 ? 6.32840   -0.40262  -10.08603 1.000 41.08318 ? 79  ASN A H    1 
ATOM   1196 H HA   . ASN A 1 84 ? 8.28998   -0.58725  -11.87692 1.000 45.50045 ? 79  ASN A HA   1 
ATOM   1197 H HB2  . ASN A 1 84 ? 7.82531   -2.82292  -11.97611 1.000 41.32154 ? 79  ASN A HB2  1 
ATOM   1198 H HB3  . ASN A 1 84 ? 7.74880   -2.41072  -10.44326 1.000 41.32154 ? 79  ASN A HB3  1 
ATOM   1199 H HD21 . ASN A 1 84 ? 5.05892   -4.50922  -10.75376 1.000 39.34167 ? 79  ASN A HD21 1 
ATOM   1200 H HD22 . ASN A 1 84 ? 6.54054   -4.58005  -10.61737 1.000 39.34167 ? 79  ASN A HD22 1 
ATOM   1201 N N    . GLN A 1 85 ? 6.93096   -1.33285  -14.04157 1.000 41.00251 ? 80  GLN A N    1 
ATOM   1202 C CA   . GLN A 1 85 ? 6.44322   -1.06789  -15.38866 1.000 40.00639 ? 80  GLN A CA   1 
ATOM   1203 C C    . GLN A 1 85 ? 4.99847   -1.49546  -15.61080 1.000 42.55343 ? 80  GLN A C    1 
ATOM   1204 O O    . GLN A 1 85 ? 4.44487   -1.19492  -16.67444 1.000 38.88254 ? 80  GLN A O    1 
ATOM   1205 C CB   . GLN A 1 85 ? 7.34163   -1.76973  -16.41256 1.000 42.13566 ? 80  GLN A CB   1 
ATOM   1206 H H    . GLN A 1 85 ? 7.45858   -2.01021  -13.99245 1.000 49.20301 ? 80  GLN A H    1 
ATOM   1207 H HA   . GLN A 1 85 ? 6.48792   -0.11140  -15.54372 1.000 48.00767 ? 80  GLN A HA   1 
ATOM   1208 N N    . ASP A 1 86 ? 4.37210   -2.18407  -14.65952 1.000 37.27606 ? 81  ASP A N    1 
ATOM   1209 C CA   . ASP A 1 86 ? 2.98819   -2.57737  -14.86080 1.000 36.31948 ? 81  ASP A CA   1 
ATOM   1210 C C    . ASP A 1 86 ? 2.07599   -1.35828  -14.80649 1.000 34.77930 ? 81  ASP A C    1 
ATOM   1211 O O    . ASP A 1 86 ? 2.42083   -0.30792  -14.25724 1.000 39.80017 ? 81  ASP A O    1 
ATOM   1212 C CB   . ASP A 1 86 ? 2.55171   -3.60430  -13.81604 1.000 35.26655 ? 81  ASP A CB   1 
ATOM   1213 C CG   . ASP A 1 86 ? 2.85992   -5.02699  -14.23672 1.000 38.41351 ? 81  ASP A CG   1 
ATOM   1214 O OD1  . ASP A 1 86 ? 2.31975   -5.47957  -15.27341 1.000 36.14153 ? 81  ASP A OD1  1 
ATOM   1215 O OD2  . ASP A 1 86 ? 3.65379   -5.69122  -13.53822 1.000 39.83583 ? 81  ASP A OD2  1 
ATOM   1216 H H    . ASP A 1 86 ? 4.71919   -2.42725  -13.91119 1.000 44.73127 ? 81  ASP A H    1 
ATOM   1217 H HA   . ASP A 1 86 ? 2.89901   -2.99001  -15.73412 1.000 43.58337 ? 81  ASP A HA   1 
ATOM   1218 H HB2  . ASP A 1 86 ? 3.01880   -3.42851  -12.98427 1.000 42.31987 ? 81  ASP A HB2  1 
ATOM   1219 H HB3  . ASP A 1 86 ? 1.59399   -3.53128  -13.68055 1.000 42.31987 ? 81  ASP A HB3  1 
ATOM   1220 N N    . SER A 1 87 ? 0.90126   -1.51036  -15.41226 1.000 38.77433 ? 82  SER A N    1 
ATOM   1221 C CA   . SER A 1 87 ? -0.16312  -0.52257  -15.34055 1.000 39.46092 ? 82  SER A CA   1 
ATOM   1222 C C    . SER A 1 87 ? -1.35035  -1.00591  -14.52622 1.000 39.14668 ? 82  SER A C    1 
ATOM   1223 O O    . SER A 1 87 ? -2.20975  -0.19244  -14.16810 1.000 41.06738 ? 82  SER A O    1 
ATOM   1224 C CB   . SER A 1 87 ? -0.65012  -0.16483  -16.75044 1.000 43.09417 ? 82  SER A CB   1 
ATOM   1225 O OG   . SER A 1 87 ? -1.32140  -1.26966  -17.33410 1.000 43.16047 ? 82  SER A OG   1 
ATOM   1226 H H    . SER A 1 87 ? 0.69347   -2.19868  -15.88409 1.000 46.52920 ? 82  SER A H    1 
ATOM   1227 H HA   . SER A 1 87 ? 0.18446   0.28565   -14.93205 1.000 47.35310 ? 82  SER A HA   1 
ATOM   1228 H HB2  . SER A 1 87 ? -1.26209  0.58569   -16.69455 1.000 51.71301 ? 82  SER A HB2  1 
ATOM   1229 H HB3  . SER A 1 87 ? 0.11351   0.07003   -17.30054 1.000 51.71301 ? 82  SER A HB3  1 
ATOM   1230 H HG   . SER A 1 87 ? -1.62417  -1.05626  -18.08803 1.000 51.79257 ? 82  SER A HG   1 
ATOM   1231 N N    . LYS A 1 88 ? -1.40780  -2.29921  -14.22016 1.000 37.04183 ? 83  LYS A N    1 
ATOM   1232 C CA   . LYS A 1 88 ? -2.55062  -2.94364  -13.58713 1.000 38.29977 ? 83  LYS A CA   1 
ATOM   1233 C C    . LYS A 1 88 ? -2.07648  -3.56758  -12.28300 1.000 29.82466 ? 83  LYS A C    1 
ATOM   1234 O O    . LYS A 1 88 ? -1.13785  -4.36901  -12.28632 1.000 28.30175 ? 83  LYS A O    1 
ATOM   1235 C CB   . LYS A 1 88 ? -3.13124  -3.99610  -14.53259 1.000 40.48970 ? 83  LYS A CB   1 
ATOM   1236 C CG   . LYS A 1 88 ? -4.33225  -4.75809  -14.03203 1.000 38.99956 ? 83  LYS A CG   1 
ATOM   1237 C CD   . LYS A 1 88 ? -4.74482  -5.80161  -15.06094 1.000 38.17266 ? 83  LYS A CD   1 
ATOM   1238 C CE   . LYS A 1 88 ? -5.95405  -6.59797  -14.61250 1.000 43.42485 ? 83  LYS A CE   1 
ATOM   1239 N NZ   . LYS A 1 88 ? -6.26209  -7.71870  -15.54513 1.000 37.24278 ? 83  LYS A NZ   1 
ATOM   1240 H H    . LYS A 1 88 ? -0.76516  -2.84853  -14.37785 1.000 44.45019 ? 83  LYS A H    1 
ATOM   1241 H HA   . LYS A 1 88 ? -3.24515  -2.30087  -13.37407 1.000 45.95973 ? 83  LYS A HA   1 
ATOM   1242 H HB2  . LYS A 1 88 ? -3.39787  -3.55082  -15.35205 1.000 48.58764 ? 83  LYS A HB2  1 
ATOM   1243 H HB3  . LYS A 1 88 ? -2.43806  -4.64829  -14.71981 1.000 48.58764 ? 83  LYS A HB3  1 
ATOM   1244 H HG2  . LYS A 1 88 ? -4.11214  -5.20846  -13.20159 1.000 46.79947 ? 83  LYS A HG2  1 
ATOM   1245 H HG3  . LYS A 1 88 ? -5.07300  -4.14765  -13.89216 1.000 46.79947 ? 83  LYS A HG3  1 
ATOM   1246 H HD2  . LYS A 1 88 ? -4.96737  -5.35750  -15.89410 1.000 45.80719 ? 83  LYS A HD2  1 
ATOM   1247 H HD3  . LYS A 1 88 ? -4.01048  -6.41983  -15.20038 1.000 45.80719 ? 83  LYS A HD3  1 
ATOM   1248 H HE2  . LYS A 1 88 ? -5.78155  -6.97310  -13.73476 1.000 52.10982 ? 83  LYS A HE2  1 
ATOM   1249 H HE3  . LYS A 1 88 ? -6.72657  -6.01243  -14.57705 1.000 52.10982 ? 83  LYS A HE3  1 
ATOM   1250 H HZ1  . LYS A 1 88 ? -6.96214  -8.17983  -15.24617 1.000 44.69133 ? 83  LYS A HZ1  1 
ATOM   1251 H HZ2  . LYS A 1 88 ? -6.45111  -7.39858  -16.35377 1.000 44.69133 ? 83  LYS A HZ2  1 
ATOM   1252 H HZ3  . LYS A 1 88 ? -5.56179  -8.26446  -15.60698 1.000 44.69133 ? 83  LYS A HZ3  1 
ATOM   1253 N N    . TYR A 1 89 ? -2.70894  -3.19523  -11.16888 1.000 32.79827 ? 84  TYR A N    1 
ATOM   1254 C CA   . TYR A 1 89 ? -2.25712  -3.62428  -9.84964  1.000 30.89109 ? 84  TYR A CA   1 
ATOM   1255 C C    . TYR A 1 89 ? -3.41392  -4.21292  -9.06016  1.000 27.04695 ? 84  TYR A C    1 
ATOM   1256 O O    . TYR A 1 89 ? -4.38335  -3.51131  -8.74943  1.000 27.28215 ? 84  TYR A O    1 
ATOM   1257 C CB   . TYR A 1 89 ? -1.62107  -2.46002  -9.08657  1.000 28.56134 ? 84  TYR A CB   1 
ATOM   1258 C CG   . TYR A 1 89 ? -0.34596  -2.00287  -9.73282  1.000 30.92294 ? 84  TYR A CG   1 
ATOM   1259 C CD1  . TYR A 1 89 ? -0.37315  -1.13742  -10.81970 1.000 34.63353 ? 84  TYR A CD1  1 
ATOM   1260 C CD2  . TYR A 1 89 ? 0.88165   -2.46903  -9.29459  1.000 27.42724 ? 84  TYR A CD2  1 
ATOM   1261 C CE1  . TYR A 1 89 ? 0.78443   -0.72750  -11.42972 1.000 33.12185 ? 84  TYR A CE1  1 
ATOM   1262 C CE2  . TYR A 1 89 ? 2.05417   -2.06269  -9.90508  1.000 30.28376 ? 84  TYR A CE2  1 
ATOM   1263 C CZ   . TYR A 1 89 ? 1.99462   -1.19434  -10.97444 1.000 31.48783 ? 84  TYR A CZ   1 
ATOM   1264 O OH   . TYR A 1 89 ? 3.14449   -0.77909  -11.59633 1.000 33.29224 ? 84  TYR A OH   1 
ATOM   1265 H H    . TYR A 1 89 ? -3.40579  -2.69145  -11.15445 1.000 39.35792 ? 84  TYR A H    1 
ATOM   1266 H HA   . TYR A 1 89 ? -1.60008  -4.32904  -9.96155  1.000 37.06931 ? 84  TYR A HA   1 
ATOM   1267 H HB2  . TYR A 1 89 ? -2.23931  -1.71275  -9.07019  1.000 34.27361 ? 84  TYR A HB2  1 
ATOM   1268 H HB3  . TYR A 1 89 ? -1.41919  -2.74349  -8.18114  1.000 34.27361 ? 84  TYR A HB3  1 
ATOM   1269 H HD1  . TYR A 1 89 ? -1.19102  -0.83078  -11.13902 1.000 41.56023 ? 84  TYR A HD1  1 
ATOM   1270 H HD2  . TYR A 1 89 ? 0.91838   -3.06332  -8.58020  1.000 32.91269 ? 84  TYR A HD2  1 
ATOM   1271 H HE1  . TYR A 1 89 ? 0.75103   -0.13701  -12.14741 1.000 39.74622 ? 84  TYR A HE1  1 
ATOM   1272 H HE2  . TYR A 1 89 ? 2.87528   -2.37230  -9.59716  1.000 36.34051 ? 84  TYR A HE2  1 
ATOM   1273 H HH   . TYR A 1 89 ? 3.81567   -1.05896  -11.17585 1.000 39.95069 ? 84  TYR A HH   1 
ATOM   1274 N N    . MET A 1 90 ? -3.30244  -5.49616  -8.72633  1.000 25.15666 ? 85  MET A N    1 
ATOM   1275 C CA   . MET A 1 90 ? -4.25869  -6.15842  -7.84492  1.000 25.53272 ? 85  MET A CA   1 
ATOM   1276 C C    . MET A 1 90 ? -3.72332  -6.05458  -6.42167  1.000 26.80630 ? 85  MET A C    1 
ATOM   1277 O O    . MET A 1 90 ? -2.73326  -6.70463  -6.06885  1.000 25.09097 ? 85  MET A O    1 
ATOM   1278 C CB   . MET A 1 90 ? -4.47281  -7.61157  -8.26165  1.000 28.30253 ? 85  MET A CB   1 
ATOM   1279 C CG   . MET A 1 90 ? -5.53272  -8.34392  -7.44080  1.000 30.16652 ? 85  MET A CG   1 
ATOM   1280 S SD   . MET A 1 90 ? -7.16099  -7.55456  -7.48514  1.000 40.37129 ? 85  MET A SD   1 
ATOM   1281 C CE   . MET A 1 90 ? -7.78052  -8.19054  -9.04403  1.000 36.87664 ? 85  MET A CE   1 
ATOM   1282 H H    . MET A 1 90 ? -2.67170  -6.01165  -9.00210  1.000 30.18799 ? 85  MET A H    1 
ATOM   1283 H HA   . MET A 1 90 ? -5.11947  -5.71513  -7.90369  1.000 30.63926 ? 85  MET A HA   1 
ATOM   1284 H HB2  . MET A 1 90 ? -4.75340  -7.63056  -9.19000  1.000 33.96304 ? 85  MET A HB2  1 
ATOM   1285 H HB3  . MET A 1 90 ? -3.63603  -8.09113  -8.15811  1.000 33.96304 ? 85  MET A HB3  1 
ATOM   1286 H HG2  . MET A 1 90 ? -5.63061  -9.24404  -7.78880  1.000 36.19983 ? 85  MET A HG2  1 
ATOM   1287 H HG3  . MET A 1 90 ? -5.24429  -8.37562  -6.51522  1.000 36.19983 ? 85  MET A HG3  1 
ATOM   1288 H HE1  . MET A 1 90 ? -8.62835  -7.76405  -9.24452  1.000 44.25197 ? 85  MET A HE1  1 
ATOM   1289 H HE2  . MET A 1 90 ? -7.13769  -7.99367  -9.74325  1.000 44.25197 ? 85  MET A HE2  1 
ATOM   1290 H HE3  . MET A 1 90 ? -7.90269  -9.14977  -8.96757  1.000 44.25197 ? 85  MET A HE3  1 
ATOM   1291 N N    . VAL A 1 91 ? -4.37079  -5.23137  -5.60723  1.000 24.11921 ? 86  VAL A N    1 
ATOM   1292 C CA   . VAL A 1 91 ? -3.88929  -4.90221  -4.27220  1.000 21.60734 ? 86  VAL A CA   1 
ATOM   1293 C C    . VAL A 1 91 ? -4.77783  -5.60737  -3.25933  1.000 25.78885 ? 86  VAL A C    1 
ATOM   1294 O O    . VAL A 1 91 ? -5.99032  -5.36282  -3.20841  1.000 26.65454 ? 86  VAL A O    1 
ATOM   1295 C CB   . VAL A 1 91 ? -3.87788  -3.38400  -4.04095  1.000 21.78117 ? 86  VAL A CB   1 
ATOM   1296 C CG1  . VAL A 1 91 ? -3.21153  -3.05157  -2.70783  1.000 23.66095 ? 86  VAL A CG1  1 
ATOM   1297 C CG2  . VAL A 1 91 ? -3.17321  -2.67940  -5.19685  1.000 25.07814 ? 86  VAL A CG2  1 
ATOM   1298 H H    . VAL A 1 91 ? -5.10978  -4.84152  -5.81098  1.000 28.94306 ? 86  VAL A H    1 
ATOM   1299 H HA   . VAL A 1 91 ? -2.98579  -5.23796  -4.16330  1.000 25.92881 ? 86  VAL A HA   1 
ATOM   1300 H HB   . VAL A 1 91 ? -4.79140  -3.05995  -4.00405  1.000 26.13740 ? 86  VAL A HB   1 
ATOM   1301 H HG11 . VAL A 1 91 ? -3.14661  -2.08784  -2.61887  1.000 28.39315 ? 86  VAL A HG11 1 
ATOM   1302 H HG12 . VAL A 1 91 ? -3.74914  -3.41484  -1.98678  1.000 28.39315 ? 86  VAL A HG12 1 
ATOM   1303 H HG13 . VAL A 1 91 ? -2.32541  -3.44577  -2.69072  1.000 28.39315 ? 86  VAL A HG13 1 
ATOM   1304 H HG21 . VAL A 1 91 ? -3.04703  -1.74538  -4.96753  1.000 30.09377 ? 86  VAL A HG21 1 
ATOM   1305 H HG22 . VAL A 1 91 ? -2.31325  -3.10217  -5.34726  1.000 30.09377 ? 86  VAL A HG22 1 
ATOM   1306 H HG23 . VAL A 1 91 ? -3.72191  -2.75324  -5.99333  1.000 30.09377 ? 86  VAL A HG23 1 
ATOM   1307 N N    . VAL A 1 92 ? -4.18263  -6.49667  -2.47063  1.000 20.65991 ? 87  VAL A N    1 
ATOM   1308 C CA   . VAL A 1 92 ? -4.87586  -7.18028  -1.38375  1.000 22.58461 ? 87  VAL A CA   1 
ATOM   1309 C C    . VAL A 1 92 ? -4.45726  -6.52763  -0.07531  1.000 22.79856 ? 87  VAL A C    1 
ATOM   1310 O O    . VAL A 1 92 ? -3.26013  -6.35256  0.18230   1.000 27.37255 ? 87  VAL A O    1 
ATOM   1311 C CB   . VAL A 1 92 ? -4.55746  -8.68350  -1.36775  1.000 26.12017 ? 87  VAL A CB   1 
ATOM   1312 C CG1  . VAL A 1 92 ? -5.26243  -9.35998  -0.20378  1.000 26.60868 ? 87  VAL A CG1  1 
ATOM   1313 C CG2  . VAL A 1 92 ? -4.95823  -9.33208  -2.68324  1.000 26.33229 ? 87  VAL A CG2  1 
ATOM   1314 H H    . VAL A 1 92 ? -3.35740  -6.72614  -2.54763  1.000 24.79189 ? 87  VAL A H    1 
ATOM   1315 H HA   . VAL A 1 92 ? -5.83346  -7.07600  -1.49795  1.000 27.10153 ? 87  VAL A HA   1 
ATOM   1316 H HB   . VAL A 1 92 ? -3.60093  -8.79918  -1.25562  1.000 31.34420 ? 87  VAL A HB   1 
ATOM   1317 H HG11 . VAL A 1 92 ? -5.24929  -10.32007 -0.34150  1.000 31.93042 ? 87  VAL A HG11 1 
ATOM   1318 H HG12 . VAL A 1 92 ? -4.79881  -9.13742  0.61866   1.000 31.93042 ? 87  VAL A HG12 1 
ATOM   1319 H HG13 . VAL A 1 92 ? -6.17867  -9.04419  -0.16287  1.000 31.93042 ? 87  VAL A HG13 1 
ATOM   1320 H HG21 . VAL A 1 92 ? -4.75358  -10.27942 -2.64352  1.000 31.59875 ? 87  VAL A HG21 1 
ATOM   1321 H HG22 . VAL A 1 92 ? -5.90990  -9.20474  -2.82109  1.000 31.59875 ? 87  VAL A HG22 1 
ATOM   1322 H HG23 . VAL A 1 92 ? -4.46091  -8.91621  -3.40479  1.000 31.59875 ? 87  VAL A HG23 1 
ATOM   1323 N N    . VAL A 1 93 ? -5.43772  -6.17577  0.75803   1.000 24.70888 ? 88  VAL A N    1 
ATOM   1324 C CA   . VAL A 1 93 ? -5.16955  -5.48559  2.01023   1.000 19.50907 ? 88  VAL A CA   1 
ATOM   1325 C C    . VAL A 1 93 ? -5.91894  -6.16422  3.14685   1.000 24.92424 ? 88  VAL A C    1 
ATOM   1326 O O    . VAL A 1 93 ? -6.87235  -6.91773  2.94068   1.000 25.45421 ? 88  VAL A O    1 
ATOM   1327 C CB   . VAL A 1 93 ? -5.54526  -3.98901  1.95119   1.000 24.21261 ? 88  VAL A CB   1 
ATOM   1328 C CG1  . VAL A 1 93 ? -4.81891  -3.28831  0.81989   1.000 23.53268 ? 88  VAL A CG1  1 
ATOM   1329 C CG2  . VAL A 1 93 ? -7.04836  -3.81535  1.82833   1.000 30.32350 ? 88  VAL A CG2  1 
ATOM   1330 H H    . VAL A 1 93 ? -6.27162  -6.32935  0.61449   1.000 29.65066 ? 88  VAL A H    1 
ATOM   1331 H HA   . VAL A 1 93 ? -4.22058  -5.56062  2.19657   1.000 23.41088 ? 88  VAL A HA   1 
ATOM   1332 H HB   . VAL A 1 93 ? -5.26567  -3.56951  2.77989   1.000 29.05513 ? 88  VAL A HB   1 
ATOM   1333 H HG11 . VAL A 1 93 ? -5.05346  -2.34714  0.82905   1.000 28.23922 ? 88  VAL A HG11 1 
ATOM   1334 H HG12 . VAL A 1 93 ? -3.86280  -3.39218  0.94623   1.000 28.23922 ? 88  VAL A HG12 1 
ATOM   1335 H HG13 . VAL A 1 93 ? -5.08658  -3.68774  -0.02255  1.000 28.23922 ? 88  VAL A HG13 1 
ATOM   1336 H HG21 . VAL A 1 93 ? -7.24014  -2.90215  1.56338   1.000 36.38819 ? 88  VAL A HG21 1 
ATOM   1337 H HG22 . VAL A 1 93 ? -7.38375  -4.43150  1.15843   1.000 36.38819 ? 88  VAL A HG22 1 
ATOM   1338 H HG23 . VAL A 1 93 ? -7.45925  -4.00400  2.68651   1.000 36.38819 ? 88  VAL A HG23 1 
ATOM   1339 N N    . GLU A 1 94 ? -5.44897  -5.89004  4.35762   1.000 25.77295 ? 89  GLU A N    1 
ATOM   1340 C CA   . GLU A 1 94 ? -6.08437  -6.30802  5.59946   1.000 25.39069 ? 89  GLU A CA   1 
ATOM   1341 C C    . GLU A 1 94 ? -6.58755  -5.05652  6.30529   1.000 29.65116 ? 89  GLU A C    1 
ATOM   1342 O O    . GLU A 1 94 ? -5.80451  -4.14411  6.59471   1.000 27.10579 ? 89  GLU A O    1 
ATOM   1343 C CB   . GLU A 1 94 ? -5.09237  -7.07833  6.47032   1.000 31.83575 ? 89  GLU A CB   1 
ATOM   1344 C CG   . GLU A 1 94 ? -5.56389  -7.40491  7.87743   1.000 38.54150 ? 89  GLU A CG   1 
ATOM   1345 C CD   . GLU A 1 94 ? -4.42153  -7.87935  8.76044   1.000 40.49435 ? 89  GLU A CD   1 
ATOM   1346 O OE1  . GLU A 1 94 ? -3.99630  -9.04453  8.61576   1.000 41.93595 ? 89  GLU A OE1  1 
ATOM   1347 O OE2  . GLU A 1 94 ? -3.93699  -7.07965  9.58862   1.000 41.60744 ? 89  GLU A OE2  1 
ATOM   1348 H H    . GLU A 1 94 ? -4.72779  -5.44097  4.49118   1.000 30.92754 ? 89  GLU A H    1 
ATOM   1349 H HA   . GLU A 1 94 ? -6.84133  -6.88861  5.42391   1.000 30.46883 ? 89  GLU A HA   1 
ATOM   1350 H HB2  . GLU A 1 94 ? -4.89229  -7.91994  6.03150   1.000 38.20290 ? 89  GLU A HB2  1 
ATOM   1351 H HB3  . GLU A 1 94 ? -4.28485  -6.54741  6.55361   1.000 38.20290 ? 89  GLU A HB3  1 
ATOM   1352 H HG2  . GLU A 1 94 ? -5.94787  -6.60956  8.27853   1.000 46.24980 ? 89  GLU A HG2  1 
ATOM   1353 H HG3  . GLU A 1 94 ? -6.22898  -8.10979  7.83614   1.000 46.24980 ? 89  GLU A HG3  1 
ATOM   1354 N N    . ARG A 1 95 ? -7.88871  -5.00695  6.57301   1.000 33.67906 ? 90  ARG A N    1 
ATOM   1355 C CA   . ARG A 1 95 ? -8.51536  -3.85132  7.19778   1.000 31.53773 ? 90  ARG A CA   1 
ATOM   1356 C C    . ARG A 1 95 ? -8.91777  -4.21597  8.61704   1.000 35.68680 ? 90  ARG A C    1 
ATOM   1357 O O    . ARG A 1 95 ? -9.53167  -5.26473  8.84251   1.000 32.98737 ? 90  ARG A O    1 
ATOM   1358 C CB   . ARG A 1 95 ? -9.72954  -3.38350  6.39641   1.000 30.92875 ? 90  ARG A CB   1 
ATOM   1359 C CG   . ARG A 1 95 ? -10.32189 -2.07445  6.88014   1.000 34.36207 ? 90  ARG A CG   1 
ATOM   1360 C CD   . ARG A 1 95 ? -11.33362 -1.54436  5.88358   1.000 35.57478 ? 90  ARG A CD   1 
ATOM   1361 N NE   . ARG A 1 95 ? -10.70576 -1.17713  4.62035   1.000 31.41462 ? 90  ARG A NE   1 
ATOM   1362 C CZ   . ARG A 1 95 ? -11.36853 -0.91725  3.50162   1.000 34.55821 ? 90  ARG A CZ   1 
ATOM   1363 N NH1  . ARG A 1 95 ? -12.68883 -0.98503  3.44771   1.000 36.67687 ? 90  ARG A NH1  1 
ATOM   1364 N NH2  . ARG A 1 95 ? -10.68975 -0.58464  2.40852   1.000 31.45464 ? 90  ARG A NH2  1 
ATOM   1365 H H    . ARG A 1 95 ? -8.43842  -5.64462  6.39755   1.000 40.41487 ? 90  ARG A H    1 
ATOM   1366 H HA   . ARG A 1 95 ? -7.88496  -3.11515  7.23700   1.000 37.84528 ? 90  ARG A HA   1 
ATOM   1367 H HB2  . ARG A 1 95 ? -9.46356  -3.26290  5.47142   1.000 37.11450 ? 90  ARG A HB2  1 
ATOM   1368 H HB3  . ARG A 1 95 ? -10.42147 -4.06058  6.45709   1.000 37.11450 ? 90  ARG A HB3  1 
ATOM   1369 H HG2  . ARG A 1 95 ? -10.76970 -2.21499  7.72903   1.000 41.23448 ? 90  ARG A HG2  1 
ATOM   1370 H HG3  . ARG A 1 95 ? -9.61604  -1.41700  6.98226   1.000 41.23448 ? 90  ARG A HG3  1 
ATOM   1371 H HD2  . ARG A 1 95 ? -11.99694 -2.22936  5.70562   1.000 42.68973 ? 90  ARG A HD2  1 
ATOM   1372 H HD3  . ARG A 1 95 ? -11.76184 -0.75535  6.25099   1.000 42.68973 ? 90  ARG A HD3  1 
ATOM   1373 H HE   . ARG A 1 95 ? -9.84758  -1.12554  4.59919   1.000 37.69754 ? 90  ARG A HE   1 
ATOM   1374 H HH11 . ARG A 1 95 ? -13.13725 -1.20174  4.14881   1.000 44.01224 ? 90  ARG A HH11 1 
ATOM   1375 H HH12 . ARG A 1 95 ? -13.09854 -0.81238  2.71156   1.000 44.01224 ? 90  ARG A HH12 1 
ATOM   1376 H HH21 . ARG A 1 95 ? -9.83124  -0.54011  2.43239   1.000 37.74556 ? 90  ARG A HH21 1 
ATOM   1377 H HH22 . ARG A 1 95 ? -11.10903 -0.41396  1.67731   1.000 37.74556 ? 90  ARG A HH22 1 
ATOM   1378 N N    . SER A 1 96 ? -8.57188  -3.34698  9.56159   1.000 39.36026 ? 91  SER A N    1 
ATOM   1379 C CA   . SER A 1 96 ? -8.74746  -3.61700  10.98167  1.000 40.39468 ? 91  SER A CA   1 
ATOM   1380 C C    . SER A 1 96 ? -9.59942  -2.53173  11.62557  1.000 45.03990 ? 91  SER A C    1 
ATOM   1381 O O    . SER A 1 96 ? -9.87984  -1.50673  11.00323  1.000 43.63260 ? 91  SER A O    1 
ATOM   1382 C CB   . SER A 1 96 ? -7.38349  -3.70629  11.67087  1.000 41.00756 ? 91  SER A CB   1 
ATOM   1383 O OG   . SER A 1 96 ? -7.51707  -3.97869  13.05356  1.000 56.29623 ? 91  SER A OG   1 
ATOM   1384 H H    . SER A 1 96 ? -8.22549  -2.57640  9.40089   1.000 47.23231 ? 91  SER A H    1 
ATOM   1385 H HA   . SER A 1 96 ? -9.19937  -4.46671  11.10285  1.000 48.47362 ? 91  SER A HA   1 
ATOM   1386 H HB2  . SER A 1 96 ? -6.87095  -4.41963  11.25937  1.000 49.20907 ? 91  SER A HB2  1 
ATOM   1387 H HB3  . SER A 1 96 ? -6.92163  -2.86032  11.56167  1.000 49.20907 ? 91  SER A HB3  1 
ATOM   1388 H HG   . SER A 1 96 ? -6.76621  -3.93893  13.42806  1.000 67.55548 ? 91  SER A HG   1 
ATOM   1389 N N    . ASN B 2 1  ? 14.72419  5.73586   13.82056  1.000 25.60975 ? 63  ASN B N    1 
ATOM   1390 C CA   . ASN B 2 1  ? 14.49699  4.94043   12.61668  1.000 23.50140 ? 63  ASN B CA   1 
ATOM   1391 C C    . ASN B 2 1  ? 13.85594  5.80857   11.55380  1.000 26.54367 ? 63  ASN B C    1 
ATOM   1392 O O    . ASN B 2 1  ? 13.06599  6.69246   11.87243  1.000 29.05504 ? 63  ASN B O    1 
ATOM   1393 C CB   . ASN B 2 1  ? 13.60244  3.74148   12.91985  1.000 22.73261 ? 63  ASN B CB   1 
ATOM   1394 C CG   . ASN B 2 1  ? 14.19375  2.82603   13.96319  1.000 26.35599 ? 63  ASN B CG   1 
ATOM   1395 O OD1  . ASN B 2 1  ? 15.14613  2.10081   13.69369  1.000 24.73630 ? 63  ASN B OD1  1 
ATOM   1396 N ND2  . ASN B 2 1  ? 13.63163  2.85426   15.16802  1.000 32.57379 ? 63  ASN B ND2  1 
ATOM   1397 H HA   . ASN B 2 1  ? 15.34114  4.59627   12.28522  1.000 28.20168 ? 63  ASN B HA   1 
ATOM   1398 H HB2  . ASN B 2 1  ? 12.74724  4.05961   13.24897  1.000 27.27913 ? 63  ASN B HB2  1 
ATOM   1399 H HB3  . ASN B 2 1  ? 13.47485  3.22794   12.10690  1.000 27.27913 ? 63  ASN B HB3  1 
ATOM   1400 H HD21 . ASN B 2 1  ? 13.93412  2.34999   15.79556  1.000 39.08855 ? 63  ASN B HD21 1 
ATOM   1401 H HD22 . ASN B 2 1  ? 12.96560  3.37678   15.31965  1.000 39.08855 ? 63  ASN B HD22 1 
ATOM   1402 N N    . PRO B 2 2  ? 14.18553  5.57242   10.28746  1.000 26.54030 ? 64  PRO B N    1 
ATOM   1403 C CA   . PRO B 2 2  ? 13.55197  6.35494   9.22303   1.000 24.97243 ? 64  PRO B CA   1 
ATOM   1404 C C    . PRO B 2 2  ? 12.05046  6.12678   9.22372   1.000 27.05213 ? 64  PRO B C    1 
ATOM   1405 O O    . PRO B 2 2  ? 11.56846  5.03394   9.53009   1.000 26.30668 ? 64  PRO B O    1 
ATOM   1406 C CB   . PRO B 2 2  ? 14.21604  5.82825   7.94475   1.000 27.95669 ? 64  PRO B CB   1 
ATOM   1407 C CG   . PRO B 2 2  ? 14.73866  4.48176   8.31204   1.000 34.19577 ? 64  PRO B CG   1 
ATOM   1408 C CD   . PRO B 2 2  ? 15.11256  4.55944   9.75639   1.000 26.23454 ? 64  PRO B CD   1 
ATOM   1409 H HA   . PRO B 2 2  ? 13.74540  7.30125   9.31233   1.000 29.96692 ? 64  PRO B HA   1 
ATOM   1410 H HB2  . PRO B 2 2  ? 13.55967  5.76418   7.23342   1.000 33.54803 ? 64  PRO B HB2  1 
ATOM   1411 H HB3  . PRO B 2 2  ? 14.93694  6.42019   7.67863   1.000 33.54803 ? 64  PRO B HB3  1 
ATOM   1412 H HG2  . PRO B 2 2  ? 14.04793  3.81514   8.17270   1.000 41.03492 ? 64  PRO B HG2  1 
ATOM   1413 H HG3  . PRO B 2 2  ? 15.51464  4.27411   7.76832   1.000 41.03492 ? 64  PRO B HG3  1 
ATOM   1414 H HD2  . PRO B 2 2  ? 14.97889  3.70453   10.19477  1.000 31.48145 ? 64  PRO B HD2  1 
ATOM   1415 H HD3  . PRO B 2 2  ? 16.03368  4.84515   9.86036   1.000 31.48145 ? 64  PRO B HD3  1 
ATOM   1416 N N    . ASN B 2 3  ? 11.30603  7.17943   8.90567   1.000 28.83465 ? 65  ASN B N    1 
ATOM   1417 C CA   . ASN B 2 3  ? 9.84651   7.12532   8.86005   1.000 28.86670 ? 65  ASN B CA   1 
ATOM   1418 C C    . ASN B 2 3  ? 9.38362   7.72701   7.54332   1.000 28.85045 ? 65  ASN B C    1 
ATOM   1419 O O    . ASN B 2 3  ? 8.77786   8.80532   7.50992   1.000 31.84801 ? 65  ASN B O    1 
ATOM   1420 C CB   . ASN B 2 3  ? 9.22085   7.84911   10.05214  1.000 29.10708 ? 65  ASN B CB   1 
ATOM   1421 C CG   . ASN B 2 3  ? 7.76897   7.45703   10.26737  1.000 33.27283 ? 65  ASN B CG   1 
ATOM   1422 O OD1  . ASN B 2 3  ? 7.16557   6.79876   9.42133   1.000 31.86347 ? 65  ASN B OD1  1 
ATOM   1423 N ND2  . ASN B 2 3  ? 7.20463   7.85194   11.40333  1.000 31.84758 ? 65  ASN B ND2  1 
ATOM   1424 H H    . ASN B 2 3  ? 11.62880  7.95173   8.70826   1.000 34.60158 ? 65  ASN B H    1 
ATOM   1425 H HA   . ASN B 2 3  ? 9.55983   6.19934   8.89580   1.000 34.64004 ? 65  ASN B HA   1 
ATOM   1426 H HB2  . ASN B 2 3  ? 9.71624   7.62539   10.85554  1.000 34.92849 ? 65  ASN B HB2  1 
ATOM   1427 H HB3  . ASN B 2 3  ? 9.25529   8.80598   9.89681   1.000 34.92849 ? 65  ASN B HB3  1 
ATOM   1428 H HD21 . ASN B 2 3  ? 6.38436   7.65279   11.56793  1.000 38.21709 ? 65  ASN B HD21 1 
ATOM   1429 H HD22 . ASN B 2 3  ? 7.65956   8.30674   11.97411  1.000 38.21709 ? 65  ASN B HD22 1 
ATOM   1430 N N    . PRO B 2 4  ? 9.64215   7.04233   6.43390   1.000 30.02846 ? 66  PRO B N    1 
ATOM   1431 C CA   . PRO B 2 4  ? 9.27409   7.58827   5.12572   1.000 28.27092 ? 66  PRO B CA   1 
ATOM   1432 C C    . PRO B 2 4  ? 7.77698   7.50954   4.87860   1.000 29.70787 ? 66  PRO B C    1 
ATOM   1433 O O    . PRO B 2 4  ? 7.06319   6.68989   5.45933   1.000 27.11782 ? 66  PRO B O    1 
ATOM   1434 C CB   . PRO B 2 4  ? 10.04131  6.69586   4.14164   1.000 29.12122 ? 66  PRO B CB   1 
ATOM   1435 C CG   . PRO B 2 4  ? 10.20560  5.39865   4.87151   1.000 30.24946 ? 66  PRO B CG   1 
ATOM   1436 C CD   . PRO B 2 4  ? 10.41927  5.79560   6.31357   1.000 27.64926 ? 66  PRO B CD   1 
ATOM   1437 H HA   . PRO B 2 4  ? 9.56963   8.50839   5.04241   1.000 33.92510 ? 66  PRO B HA   1 
ATOM   1438 H HB2  . PRO B 2 4  ? 9.52610   6.57692   3.32842   1.000 34.94547 ? 66  PRO B HB2  1 
ATOM   1439 H HB3  . PRO B 2 4  ? 10.90207  7.09198   3.93411   1.000 34.94547 ? 66  PRO B HB3  1 
ATOM   1440 H HG2  . PRO B 2 4  ? 9.40534   4.85923   4.77407   1.000 36.29936 ? 66  PRO B HG2  1 
ATOM   1441 H HG3  . PRO B 2 4  ? 10.97383  4.91802   4.52550   1.000 36.29936 ? 66  PRO B HG3  1 
ATOM   1442 H HD2  . PRO B 2 4  ? 10.07725  5.11510   6.91429   1.000 33.17911 ? 66  PRO B HD2  1 
ATOM   1443 H HD3  . PRO B 2 4  ? 11.35910  5.95475   6.49324   1.000 33.17911 ? 66  PRO B HD3  1 
ATOM   1444 N N    . GLU B 2 5  ? 7.30660   8.40085   4.00758   1.000 31.01597 ? 67  GLU B N    1 
ATOM   1445 C CA   . GLU B 2 5  ? 5.99575   8.27864   3.37648   1.000 28.05171 ? 67  GLU B CA   1 
ATOM   1446 C C    . GLU B 2 5  ? 6.17894   8.57115   1.89570   1.000 31.55828 ? 67  GLU B C    1 
ATOM   1447 O O    . GLU B 2 5  ? 6.60752   9.66970   1.52729   1.000 35.60030 ? 67  GLU B O    1 
ATOM   1448 C CB   . GLU B 2 5  ? 4.97248   9.22984   3.99972   1.000 35.57130 ? 67  GLU B CB   1 
ATOM   1449 C CG   . GLU B 2 5  ? 3.58846   9.13522   3.37121   1.000 30.29136 ? 67  GLU B CG   1 
ATOM   1450 C CD   . GLU B 2 5  ? 2.55410   9.94616   4.12528   1.000 36.09118 ? 67  GLU B CD   1 
ATOM   1451 O OE1  . GLU B 2 5  ? 2.92552   10.97157  4.73193   1.000 39.85071 ? 67  GLU B OE1  1 
ATOM   1452 O OE2  . GLU B 2 5  ? 1.37117   9.55545   4.11902   1.000 37.25241 ? 67  GLU B OE2  1 
ATOM   1453 H H    . GLU B 2 5  ? 7.73984   9.10164   3.76100   1.000 37.21916 ? 67  GLU B H    1 
ATOM   1454 H HA   . GLU B 2 5  ? 5.65468   7.37738   3.48737   1.000 33.66205 ? 67  GLU B HA   1 
ATOM   1455 H HB2  . GLU B 2 5  ? 4.88499   9.02000   4.94270   1.000 42.68556 ? 67  GLU B HB2  1 
ATOM   1456 H HB3  . GLU B 2 5  ? 5.28624   10.14116  3.89036   1.000 42.68556 ? 67  GLU B HB3  1 
ATOM   1457 H HG2  . GLU B 2 5  ? 3.62937   9.47012   2.46177   1.000 36.34963 ? 67  GLU B HG2  1 
ATOM   1458 H HG3  . GLU B 2 5  ? 3.30281   8.20823   3.37085   1.000 36.34963 ? 67  GLU B HG3  1 
ATOM   1459 N N    . THR B 2 6  ? 5.86681   7.59217   1.05418   1.000 27.87157 ? 68  THR B N    1 
ATOM   1460 C CA   . THR B 2 6  ? 6.14043   7.69732   -0.37435  1.000 31.82635 ? 68  THR B CA   1 
ATOM   1461 C C    . THR B 2 6  ? 4.86413   7.58589   -1.19016  1.000 31.02685 ? 68  THR B C    1 
ATOM   1462 O O    . THR B 2 6  ? 4.10878   6.62544   -1.04822  1.000 28.50282 ? 68  THR B O    1 
ATOM   1463 C CB   . THR B 2 6  ? 7.11875   6.60089   -0.84260  1.000 29.54180 ? 68  THR B CB   1 
ATOM   1464 O OG1  . THR B 2 6  ? 8.27752   6.60092   -0.00474  1.000 31.21825 ? 68  THR B OG1  1 
ATOM   1465 C CG2  . THR B 2 6  ? 7.53845   6.82393   -2.30005  1.000 29.44436 ? 68  THR B CG2  1 
ATOM   1466 H H    . THR B 2 6  ? 5.49391   6.85289   1.28660   1.000 33.44589 ? 68  THR B H    1 
ATOM   1467 H HA   . THR B 2 6  ? 6.53876   8.56390   -0.55119  1.000 38.19162 ? 68  THR B HA   1 
ATOM   1468 H HB   . THR B 2 6  ? 6.68031   5.73741   -0.78737  1.000 35.45016 ? 68  THR B HB   1 
ATOM   1469 H HG1  . THR B 2 6  ? 8.04805   6.62559   0.80293   1.000 37.46191 ? 68  THR B HG1  1 
ATOM   1470 H HG21 . THR B 2 6  ? 8.22280   6.18352   -2.54993  1.000 35.33323 ? 68  THR B HG21 1 
ATOM   1471 H HG22 . THR B 2 6  ? 6.77376   6.71233   -2.88629  1.000 35.33323 ? 68  THR B HG22 1 
ATOM   1472 H HG23 . THR B 2 6  ? 7.89130   7.72074   -2.41015  1.000 35.33323 ? 68  THR B HG23 1 
HETATM 1473 N N    . SEP B 2 7  ? 4.63454   8.57799   -2.04141  1.000 31.12170 ? 69  SEP B N    1 
HETATM 1474 C CA   . SEP B 2 7  ? 3.53766   8.54060   -2.99720  1.000 35.86047 ? 69  SEP B CA   1 
HETATM 1475 C CB   . SEP B 2 7  ? 3.19755   9.95503   -3.45221  1.000 39.84111 ? 69  SEP B CB   1 
HETATM 1476 O OG   . SEP B 2 7  ? 4.39074   10.65375  -3.74331  1.000 43.19220 ? 69  SEP B OG   1 
HETATM 1477 C C    . SEP B 2 7  ? 3.89455   7.67071   -4.19867  1.000 33.69262 ? 69  SEP B C    1 
HETATM 1478 O O    . SEP B 2 7  ? 5.00963   7.75082   -4.73039  1.000 31.45481 ? 69  SEP B O    1 
HETATM 1479 P P    . SEP B 2 7  ? 4.32031   12.22347  -3.38783  1.000 50.87516 ? 69  SEP B P    1 
HETATM 1480 O O1P  . SEP B 2 7  ? 5.76852   12.66292  -2.84666  1.000 51.72528 ? 69  SEP B O1P  1 
HETATM 1481 O O2P  . SEP B 2 7  ? 3.19489   12.52303  -2.27333  1.000 46.81530 ? 69  SEP B O2P  1 
HETATM 1482 O O3P  . SEP B 2 7  ? 3.98996   13.04102  -4.73678  1.000 60.38234 ? 69  SEP B O3P  1 
HETATM 1483 H H    . SEP B 2 7  ? 5.10757   9.29486   -2.08558  1.000 37.34604 ? 69  SEP B H    1 
HETATM 1484 H HA   . SEP B 2 7  ? 2.74269   8.15662   -2.57175  1.000 43.03256 ? 69  SEP B HA   1 
HETATM 1485 H HB2  . SEP B 2 7  ? 2.72040   10.41473  -2.74375  1.000 47.80933 ? 69  SEP B HB2  1 
HETATM 1486 H HB3  . SEP B 2 7  ? 2.64702   9.91263   -4.24972  1.000 47.80933 ? 69  SEP B HB3  1 
ATOM   1487 N N    . VAL B 2 8  ? 2.92345   6.87064   -4.62394  1.000 30.35674 ? 70  VAL B N    1 
ATOM   1488 C CA   . VAL B 2 8  ? 3.10040   5.95732   -5.74321  1.000 32.81024 ? 70  VAL B CA   1 
ATOM   1489 C C    . VAL B 2 8  ? 1.88708   6.05060   -6.66026  1.000 31.84905 ? 70  VAL B C    1 
ATOM   1490 O O    . VAL B 2 8  ? 0.95737   6.81001   -6.38992  1.000 33.38023 ? 70  VAL B O    1 
ATOM   1491 C CB   . VAL B 2 8  ? 3.31151   4.51430   -5.26103  1.000 31.39111 ? 70  VAL B CB   1 
ATOM   1492 C CG1  . VAL B 2 8  ? 4.66329   4.37207   -4.57640  1.000 35.60425 ? 70  VAL B CG1  1 
ATOM   1493 C CG2  . VAL B 2 8  ? 2.19345   4.10439   -4.32079  1.000 34.55108 ? 70  VAL B CG2  1 
ATOM   1494 O OXT  . VAL B 2 8  ? 1.80469   5.37549   -7.69098  1.000 36.44738 ? 70  VAL B OXT  1 
ATOM   1495 H H    . VAL B 2 8  ? 2.13862   6.83807   -4.27382  1.000 36.42809 ? 70  VAL B H    1 
ATOM   1496 H HA   . VAL B 2 8  ? 3.89286   6.21028   -6.24212  1.000 39.37229 ? 70  VAL B HA   1 
ATOM   1497 H HB   . VAL B 2 8  ? 3.29833   3.92124   -6.02850  1.000 37.66933 ? 70  VAL B HB   1 
ATOM   1498 H HG11 . VAL B 2 8  ? 4.75133   3.46802   -4.23602  1.000 42.72510 ? 70  VAL B HG11 1 
ATOM   1499 H HG12 . VAL B 2 8  ? 5.36466   4.55229   -5.22177  1.000 42.72510 ? 70  VAL B HG12 1 
ATOM   1500 H HG13 . VAL B 2 8  ? 4.71537   5.00734   -3.84523  1.000 42.72510 ? 70  VAL B HG13 1 
ATOM   1501 H HG21 . VAL B 2 8  ? 2.16336   4.72539   -3.57623  1.000 41.46130 ? 70  VAL B HG21 1 
ATOM   1502 H HG22 . VAL B 2 8  ? 1.35197   4.12493   -4.80286  1.000 41.46130 ? 70  VAL B HG22 1 
ATOM   1503 H HG23 . VAL B 2 8  ? 2.36689   3.20694   -3.99619  1.000 41.46130 ? 70  VAL B HG23 1 
HETATM 1504 O O    . HOH C 3 .  ? 8.66127   -1.09348  10.93678  1.000 33.62093 ? 101 HOH A O    1 
HETATM 1505 O O    . HOH C 3 .  ? 6.45007   4.89712   14.40590  1.000 36.03557 ? 102 HOH A O    1 
HETATM 1506 O O    . HOH C 3 .  ? 12.23959  -0.08957  5.40897   1.000 24.42656 ? 103 HOH A O    1 
HETATM 1507 O O    . HOH C 3 .  ? -7.43042  -11.11261 8.75474   1.000 47.99200 ? 104 HOH A O    1 
HETATM 1508 O O    . HOH C 3 .  ? 15.28969  -2.93381  -2.29719  1.000 33.98273 ? 105 HOH A O    1 
HETATM 1509 O O    . HOH C 3 .  ? -13.93325 -0.37815  0.62815   1.000 34.42931 ? 106 HOH A O    1 
HETATM 1510 O O    . HOH C 3 .  ? 4.63825   -0.33375  9.86518   1.000 26.25751 ? 107 HOH A O    1 
HETATM 1511 O O    . HOH C 3 .  ? 0.43422   -3.91275  -16.18780 1.000 37.23299 ? 108 HOH A O    1 
HETATM 1512 O O    . HOH C 3 .  ? -8.23903  1.22194   6.72840   1.000 31.20252 ? 109 HOH A O    1 
HETATM 1513 O O    . HOH C 3 .  ? 15.13969  -3.26369  0.40644   1.000 30.02135 ? 110 HOH A O    1 
HETATM 1514 O O    . HOH C 3 .  ? 6.17329   -12.33105 -2.83538  1.000 31.56847 ? 111 HOH A O    1 
HETATM 1515 O O    . HOH C 3 .  ? -4.23120  -14.98422 -6.41540  1.000 38.14376 ? 112 HOH A O    1 
HETATM 1516 O O    . HOH C 3 .  ? -6.15579  8.34012   -5.52149  1.000 35.79399 ? 113 HOH A O    1 
HETATM 1517 O O    . HOH C 3 .  ? 15.84348  2.72392   5.32426   1.000 34.75411 ? 114 HOH A O    1 
HETATM 1518 O O    . HOH C 3 .  ? -2.04924  -9.07197  -5.10421  1.000 29.39835 ? 115 HOH A O    1 
HETATM 1519 O O    . HOH C 3 .  ? 6.05734   -6.85244  7.35231   1.000 31.51155 ? 116 HOH A O    1 
HETATM 1520 O O    . HOH C 3 .  ? -11.38329 -3.36516  -7.77475  1.000 35.23346 ? 117 HOH A O    1 
HETATM 1521 O O    . HOH C 3 .  ? 3.72319   -6.21404  -10.87081 1.000 32.24047 ? 118 HOH A O    1 
HETATM 1522 O O    . HOH C 3 .  ? 2.70544   -1.60518  -18.72888 1.000 41.45971 ? 119 HOH A O    1 
HETATM 1523 O O    . HOH C 3 .  ? -8.97279  1.90977   -4.03230  1.000 36.54299 ? 120 HOH A O    1 
HETATM 1524 O O    . HOH C 3 .  ? -10.44371 4.78210   -2.19533  1.000 35.60558 ? 121 HOH A O    1 
HETATM 1525 O O    . HOH C 3 .  ? 15.91604  0.73615   7.07522   1.000 29.59413 ? 122 HOH A O    1 
HETATM 1526 O O    . HOH C 3 .  ? 7.36690   9.34494   -4.82492  1.000 37.77247 ? 123 HOH A O    1 
HETATM 1527 O O    . HOH C 3 .  ? 8.42358   -8.95566  9.31125   1.000 42.24175 ? 124 HOH A O    1 
HETATM 1528 O O    . HOH C 3 .  ? 12.46726  -9.14854  6.45507   1.000 31.24881 ? 125 HOH A O    1 
HETATM 1529 O O    . HOH C 3 .  ? 2.69805   -5.44970  4.76832   1.000 24.40899 ? 126 HOH A O    1 
HETATM 1530 O O    . HOH C 3 .  ? -2.31636  8.32076   7.61804   1.000 38.69051 ? 127 HOH A O    1 
HETATM 1531 O O    . HOH C 3 .  ? 6.52574   -4.95605  5.40553   1.000 29.24636 ? 128 HOH A O    1 
HETATM 1532 O O    . HOH C 3 .  ? 10.96342  -2.93943  11.09467  1.000 26.03659 ? 129 HOH A O    1 
HETATM 1533 O O    . HOH C 3 .  ? 6.11337   -7.13497  -13.53745 1.000 38.17533 ? 130 HOH A O    1 
HETATM 1534 O O    . HOH C 3 .  ? -8.90630  7.24208   -12.63973 1.000 39.41359 ? 131 HOH A O    1 
HETATM 1535 O O    . HOH C 3 .  ? -4.49354  0.81075   10.59089  1.000 35.53696 ? 132 HOH A O    1 
HETATM 1536 O O    . HOH C 3 .  ? -5.48232  11.14818  1.98683   1.000 38.15298 ? 133 HOH A O    1 
HETATM 1537 O O    . HOH C 3 .  ? 12.83869  2.24121   -3.77509  1.000 31.86719 ? 134 HOH A O    1 
HETATM 1538 O O    . HOH C 3 .  ? 10.91962  -5.50637  11.80698  1.000 39.74349 ? 135 HOH A O    1 
HETATM 1539 O O    . HOH C 3 .  ? -2.68497  -12.35165 -1.03229  1.000 43.71897 ? 136 HOH A O    1 
HETATM 1540 O O    . HOH C 3 .  ? 13.28821  3.56357   5.17139   1.000 28.78322 ? 137 HOH A O    1 
HETATM 1541 O O    . HOH C 3 .  ? -9.59658  6.71809   3.57977   1.000 35.73514 ? 138 HOH A O    1 
HETATM 1542 O O    . HOH C 3 .  ? -16.91167 4.02781   1.54510   1.000 49.19578 ? 139 HOH A O    1 
HETATM 1543 O O    . HOH C 3 .  ? -8.59538  1.74622   -11.53614 1.000 45.00520 ? 140 HOH A O    1 
HETATM 1544 O O    . HOH C 3 .  ? -0.26635  2.85085   16.91242  1.000 42.10234 ? 141 HOH A O    1 
HETATM 1545 O O    . HOH C 3 .  ? -11.54926 -11.80769 5.48451   1.000 38.71104 ? 142 HOH A O    1 
HETATM 1546 O O    . HOH C 3 .  ? 1.79950   6.60198   11.41655  1.000 38.91328 ? 143 HOH A O    1 
HETATM 1547 O O    . HOH C 3 .  ? 8.45569   -6.29720  -10.65943 1.000 37.37722 ? 144 HOH A O    1 
HETATM 1548 O O    . HOH C 3 .  ? 9.92864   -4.18815  -8.67719  1.000 36.22983 ? 145 HOH A O    1 
HETATM 1549 O O    . HOH C 3 .  ? 12.27412  3.09895   -6.23342  1.000 43.20286 ? 146 HOH A O    1 
HETATM 1550 O O    . HOH C 3 .  ? -3.80889  -11.20289 -5.97363  1.000 30.47666 ? 147 HOH A O    1 
HETATM 1551 O O    . HOH C 3 .  ? -14.10958 -6.51335  16.34895  1.000 50.64506 ? 148 HOH A O    1 
HETATM 1552 O O    . HOH C 3 .  ? 11.61483  5.59166   -7.34987  1.000 44.18606 ? 149 HOH A O    1 
HETATM 1553 O O    . HOH C 3 .  ? -11.76195 -6.98541  -10.10777 1.000 45.66747 ? 150 HOH A O    1 
HETATM 1554 O O    . HOH C 3 .  ? 4.42986   1.63000   23.19965  1.000 48.58615 ? 151 HOH A O    1 
HETATM 1555 O O    . HOH C 3 .  ? -0.63354  7.63258   11.40274  1.000 43.75012 ? 152 HOH A O    1 
HETATM 1556 O O    . HOH D 3 .  ? 3.88362   4.65460   -8.89037  1.000 40.47181 ? 101 HOH B O    1 
HETATM 1557 O O    . HOH D 3 .  ? 2.67896   11.55482  0.11266   1.000 37.69144 ? 102 HOH B O    1 
HETATM 1558 O O    . HOH D 3 .  ? 9.57699   8.93291   0.56468   1.000 38.78317 ? 103 HOH B O    1 
HETATM 1559 O O    . HOH D 3 .  ? 7.31678   4.77963   7.40601   1.000 29.57721 ? 104 HOH B O    1 
HETATM 1560 O O    . HOH D 3 .  ? 0.57813   9.39156   -5.54223  1.000 36.83262 ? 105 HOH B O    1 
HETATM 1561 O O    . HOH D 3 .  ? 5.22910   4.74456   9.71071   1.000 30.42117 ? 106 HOH B O    1 
HETATM 1562 O O    . HOH D 3 .  ? 4.74043   6.48113   12.02840  1.000 33.77094 ? 107 HOH B O    1 
# 
